data_7ZK3
#
_entry.id   7ZK3
#
_cell.length_a   1.00
_cell.length_b   1.00
_cell.length_c   1.00
_cell.angle_alpha   90.00
_cell.angle_beta   90.00
_cell.angle_gamma   90.00
#
_symmetry.space_group_name_H-M   'P 1'
#
loop_
_entity.id
_entity.type
_entity.pdbx_description
1 polymer Anoctamin-1
2 non-polymer 'CALCIUM ION'
3 non-polymer 1-Hydroxy-3-(trifluoromethyl)pyrido[1,2-a]benzimidazole-4-carbonitrile
#
_entity_poly.entity_id   1
_entity_poly.type   'polypeptide(L)'
_entity_poly.pdbx_seq_one_letter_code
;MRVPEKYSTLPAEDRSVHIVNICAIEDLGYLPSEGTLLNSLSVDPDAECKYGLYFRDGKRKVDYILVYHHKRASGSRTLA
RRGLQNDMVLGTRSVRQDQPLPGKGSPVDAGSPEVPMDYHEDDKRFRREEYEGNLLEAGLELENDEDTKIHGVGFVKIHA
PWHVLCREAEFLKLKMPTKKVYHISETRGLLKTINSVLQKITDPIQPKVAEHRPQTTKRLSYPFSREKQHLFDLTDRDSF
FDSKTRSTIVYEILKRTTCTKAKYSMGITSLLANGVYSAAYPLHDGDYEGDNVEFNDRKLLYEEWASYGVFYKYQPIDLV
RKYFGEKVGLYFAWLGAYTQMLIPASIVGVIVFLYGCATVDENIPSMEMCDQRYNITMCPLCDKTCSYWKMSSACATARA
SHLFDNPATVFFSVFMALWAATFMEHWKRKQMRLNYRWDLTGFEEEEEAVKDHPRAEYEARVLEKSLRKESRNKETDKVK
LTWRDRFPAYFTNLVSIIFMIAVTFAIVLGVIIYRISTAAALAMNSSPSVRSNIRVTVTATAVIINLVVIILLDEVYGCI
ARWLTKIEVPKTEKSFEERLTFKAFLLKFVNSYTPIFYVAFFKGRFVGRPGDYVYIFRSFRMEECAPGGCLMELCIQLSI
IMLGKQLIQNNLFEIGIPKMKKFIRYLKLRRQSPSDREEYVKRKQRYEVDFNLEPFAGLTPEYMEMIIQFGFVTLFVASF
PLAPLFALLNNIIEIRLDAKKFVTELRRPVAIRAKDIGIWYNILRGVGKLAVIINAFVISFTSDFIPRLVYLYMYSQNGT
MHGFVNHTLSSFNVSDFQNGTAPNDPLDLGYEVQICRYKDYREPPWSEHKYDISKDFWAVLAARLAFVIVFQNLVMFMSD
FVDWVIPDIPKDISQQIHKEKVLMVELFMREEQGKQQLLDTWMEKEKPRDVPCNNHSPTTHPEAGDGSPVPSYEYHGDAL
;
_entity_poly.pdbx_strand_id   A,B
#
# COMPACT_ATOMS: atom_id res chain seq x y z
N MET A 117 -6.03 -24.51 -49.12
CA MET A 117 -5.21 -25.66 -49.48
C MET A 117 -3.72 -25.34 -49.37
N ASP A 118 -3.11 -24.90 -50.46
CA ASP A 118 -1.69 -24.57 -50.50
C ASP A 118 -1.55 -23.14 -51.02
N TYR A 119 -1.14 -22.22 -50.15
CA TYR A 119 -0.88 -20.83 -50.50
C TYR A 119 -0.14 -20.19 -49.33
N HIS A 120 0.01 -18.87 -49.38
CA HIS A 120 0.60 -18.07 -48.31
C HIS A 120 -0.28 -16.87 -48.01
N GLU A 121 -1.60 -17.07 -48.04
CA GLU A 121 -2.54 -15.99 -47.82
C GLU A 121 -2.55 -15.60 -46.33
N ASP A 122 -2.52 -14.30 -46.07
CA ASP A 122 -2.26 -13.81 -44.72
C ASP A 122 -3.43 -13.16 -44.02
N ASP A 123 -4.55 -12.89 -44.71
CA ASP A 123 -5.73 -12.35 -44.04
C ASP A 123 -6.94 -12.62 -44.91
N LYS A 124 -8.12 -12.51 -44.29
CA LYS A 124 -9.37 -12.90 -44.93
C LYS A 124 -10.42 -11.81 -44.70
N ARG A 125 -10.74 -11.07 -45.77
CA ARG A 125 -11.86 -10.13 -45.73
C ARG A 125 -13.13 -10.85 -46.17
N PHE A 126 -14.19 -10.68 -45.40
CA PHE A 126 -15.47 -11.33 -45.66
C PHE A 126 -16.59 -10.32 -45.61
N ARG A 127 -17.47 -10.38 -46.60
CA ARG A 127 -18.59 -9.44 -46.69
C ARG A 127 -19.83 -10.19 -47.14
N ARG A 128 -20.99 -9.62 -46.83
CA ARG A 128 -22.27 -10.21 -47.18
C ARG A 128 -22.50 -10.05 -48.69
N GLU A 129 -22.64 -11.18 -49.39
CA GLU A 129 -22.86 -11.14 -50.82
C GLU A 129 -24.23 -10.55 -51.13
N GLU A 130 -24.28 -9.76 -52.20
CA GLU A 130 -25.53 -9.14 -52.64
C GLU A 130 -26.14 -9.92 -53.79
N LEU A 165 -28.26 1.58 -48.54
CA LEU A 165 -28.57 0.83 -49.75
C LEU A 165 -27.58 -0.31 -49.96
N CYS A 166 -28.05 -1.40 -50.57
CA CYS A 166 -27.17 -2.54 -50.83
C CYS A 166 -26.05 -2.16 -51.80
N ARG A 167 -26.39 -1.45 -52.88
CA ARG A 167 -25.38 -1.05 -53.85
C ARG A 167 -24.41 -0.05 -53.25
N GLU A 168 -24.90 0.87 -52.41
CA GLU A 168 -24.02 1.84 -51.77
C GLU A 168 -23.02 1.15 -50.85
N ALA A 169 -23.48 0.16 -50.08
CA ALA A 169 -22.57 -0.58 -49.20
C ALA A 169 -21.54 -1.36 -49.99
N GLU A 170 -21.93 -1.91 -51.14
CA GLU A 170 -20.98 -2.65 -51.98
C GLU A 170 -19.87 -1.75 -52.50
N PHE A 171 -20.18 -0.46 -52.73
CA PHE A 171 -19.16 0.46 -53.22
C PHE A 171 -18.08 0.71 -52.17
N LEU A 172 -18.46 0.71 -50.89
CA LEU A 172 -17.50 0.99 -49.83
C LEU A 172 -16.40 -0.05 -49.79
N LYS A 173 -16.75 -1.32 -49.98
CA LYS A 173 -15.75 -2.38 -50.00
C LYS A 173 -15.03 -2.47 -51.34
N LEU A 174 -15.43 -1.68 -52.34
CA LEU A 174 -14.71 -1.62 -53.59
C LEU A 174 -13.60 -0.59 -53.60
N LYS A 175 -13.62 0.36 -52.66
CA LYS A 175 -12.62 1.42 -52.62
C LYS A 175 -11.52 1.16 -51.61
N MET A 176 -11.81 0.47 -50.50
CA MET A 176 -10.79 0.13 -49.53
C MET A 176 -9.68 -0.73 -50.12
N PRO A 177 -9.98 -1.84 -50.80
CA PRO A 177 -8.90 -2.60 -51.45
C PRO A 177 -8.14 -1.80 -52.49
N THR A 178 -8.84 -0.92 -53.21
CA THR A 178 -8.16 -0.05 -54.17
C THR A 178 -7.18 0.88 -53.47
N LYS A 179 -7.57 1.42 -52.31
CA LYS A 179 -6.68 2.28 -51.54
C LYS A 179 -5.52 1.53 -50.92
N LYS A 180 -5.55 0.20 -50.92
CA LYS A 180 -4.45 -0.62 -50.40
C LYS A 180 -3.89 -1.56 -51.47
N VAL A 181 -4.13 -1.25 -52.75
CA VAL A 181 -3.58 -2.09 -53.82
C VAL A 181 -2.06 -2.05 -53.80
N TYR A 182 -1.48 -0.86 -53.61
CA TYR A 182 -0.03 -0.74 -53.54
C TYR A 182 0.55 -1.26 -52.23
N HIS A 183 -0.29 -1.47 -51.22
CA HIS A 183 0.15 -1.99 -49.93
C HIS A 183 0.03 -3.51 -49.85
N ILE A 184 -1.13 -4.05 -50.19
CA ILE A 184 -1.41 -5.47 -50.05
C ILE A 184 -2.05 -5.96 -51.35
N SER A 185 -1.60 -7.12 -51.82
CA SER A 185 -2.14 -7.74 -53.03
C SER A 185 -3.13 -8.82 -52.60
N GLU A 186 -4.40 -8.64 -52.98
CA GLU A 186 -5.46 -9.55 -52.59
C GLU A 186 -5.81 -10.46 -53.75
N THR A 187 -6.62 -11.47 -53.45
CA THR A 187 -7.26 -12.31 -54.46
C THR A 187 -8.73 -12.45 -54.09
N ARG A 188 -9.58 -12.54 -55.11
CA ARG A 188 -11.01 -12.62 -54.91
C ARG A 188 -11.47 -14.08 -55.04
N GLY A 189 -12.23 -14.55 -54.07
CA GLY A 189 -12.78 -15.88 -54.11
C GLY A 189 -14.28 -15.88 -54.29
N LEU A 190 -14.74 -16.29 -55.48
CA LEU A 190 -16.17 -16.30 -55.80
C LEU A 190 -16.79 -17.54 -55.16
N LEU A 191 -17.10 -17.41 -53.87
CA LEU A 191 -17.68 -18.51 -53.12
C LEU A 191 -19.13 -18.74 -53.55
N LYS A 192 -19.75 -19.77 -52.99
CA LYS A 192 -21.11 -20.14 -53.34
C LYS A 192 -22.15 -19.66 -52.33
N THR A 193 -21.76 -19.47 -51.06
CA THR A 193 -22.72 -19.10 -50.02
C THR A 193 -22.80 -17.59 -49.82
N ILE A 194 -21.70 -16.96 -49.39
CA ILE A 194 -21.69 -15.54 -49.10
C ILE A 194 -20.50 -14.81 -49.73
N ASN A 195 -19.63 -15.52 -50.45
CA ASN A 195 -18.46 -14.94 -51.09
C ASN A 195 -17.43 -14.48 -50.07
N SER A 196 -16.14 -14.59 -50.42
CA SER A 196 -15.08 -14.23 -49.49
C SER A 196 -13.88 -13.71 -50.28
N VAL A 197 -13.03 -12.96 -49.60
CA VAL A 197 -11.89 -12.29 -50.21
C VAL A 197 -10.61 -12.71 -49.48
N LEU A 198 -9.58 -13.02 -50.25
CA LEU A 198 -8.28 -13.38 -49.73
C LEU A 198 -7.37 -12.16 -49.65
N GLN A 199 -6.33 -12.26 -48.83
CA GLN A 199 -5.34 -11.20 -48.70
C GLN A 199 -3.95 -11.80 -48.66
N LYS A 200 -2.99 -11.07 -49.23
CA LYS A 200 -1.60 -11.51 -49.27
C LYS A 200 -0.70 -10.30 -49.11
N ILE A 201 0.41 -10.49 -48.41
CA ILE A 201 1.40 -9.44 -48.21
C ILE A 201 2.70 -9.90 -48.86
N THR A 202 3.30 -9.01 -49.65
CA THR A 202 4.51 -9.36 -50.38
C THR A 202 5.74 -9.25 -49.46
N ASP A 203 6.82 -9.89 -49.88
CA ASP A 203 8.06 -9.86 -49.11
C ASP A 203 8.61 -8.45 -48.91
N PRO A 204 8.72 -7.61 -49.96
CA PRO A 204 9.24 -6.25 -49.74
C PRO A 204 8.42 -5.42 -48.77
N ILE A 205 7.10 -5.61 -48.72
CA ILE A 205 6.27 -4.83 -47.81
C ILE A 205 6.58 -5.16 -46.35
N GLN A 206 7.07 -6.37 -46.09
CA GLN A 206 7.34 -6.77 -44.71
C GLN A 206 8.38 -5.89 -44.03
N PRO A 207 9.57 -5.66 -44.58
CA PRO A 207 10.51 -4.73 -43.92
C PRO A 207 9.98 -3.32 -43.83
N LYS A 208 9.19 -2.87 -44.81
CA LYS A 208 8.65 -1.51 -44.76
C LYS A 208 7.71 -1.34 -43.57
N VAL A 209 6.87 -2.33 -43.29
CA VAL A 209 5.95 -2.24 -42.18
C VAL A 209 6.56 -2.76 -40.88
N ALA A 210 7.45 -3.77 -40.96
CA ALA A 210 8.12 -4.26 -39.77
C ALA A 210 9.10 -3.24 -39.22
N GLU A 211 9.59 -2.32 -40.05
CA GLU A 211 10.48 -1.26 -39.60
C GLU A 211 9.75 0.02 -39.23
N HIS A 212 8.43 0.07 -39.42
CA HIS A 212 7.66 1.23 -38.99
C HIS A 212 7.71 1.39 -37.48
N ARG A 213 7.66 0.28 -36.76
CA ARG A 213 7.85 0.22 -35.32
C ARG A 213 8.91 -0.83 -35.02
N PRO A 214 9.55 -0.75 -33.85
CA PRO A 214 10.59 -1.73 -33.51
C PRO A 214 10.07 -3.17 -33.50
N GLN A 215 10.59 -3.98 -34.42
CA GLN A 215 10.18 -5.38 -34.58
C GLN A 215 11.40 -6.24 -34.32
N THR A 216 11.61 -6.61 -33.05
CA THR A 216 12.78 -7.39 -32.69
C THR A 216 12.75 -8.78 -33.32
N THR A 217 13.89 -9.20 -33.85
CA THR A 217 14.03 -10.52 -34.45
C THR A 217 15.32 -11.15 -33.94
N LYS A 218 15.29 -12.48 -33.77
CA LYS A 218 16.45 -13.18 -33.25
C LYS A 218 17.61 -13.11 -34.23
N ARG A 219 18.76 -12.67 -33.75
CA ARG A 219 19.92 -12.45 -34.59
C ARG A 219 20.82 -13.70 -34.57
N LEU A 220 22.03 -13.57 -35.13
CA LEU A 220 22.90 -14.72 -35.28
C LEU A 220 23.67 -15.04 -34.00
N SER A 221 24.18 -14.03 -33.32
CA SER A 221 24.97 -14.25 -32.11
C SER A 221 24.10 -14.87 -31.01
N TYR A 222 24.68 -15.80 -30.26
CA TYR A 222 23.95 -16.55 -29.24
C TYR A 222 24.88 -16.86 -28.07
N PRO A 223 25.23 -15.86 -27.27
CA PRO A 223 25.99 -16.13 -26.04
C PRO A 223 25.11 -16.85 -25.03
N PHE A 224 25.63 -17.94 -24.47
CA PHE A 224 24.88 -18.80 -23.57
C PHE A 224 23.65 -19.40 -24.26
N SER A 225 23.76 -19.64 -25.57
CA SER A 225 22.68 -20.20 -26.37
C SER A 225 21.44 -19.32 -26.31
N ARG A 226 21.62 -18.03 -26.62
CA ARG A 226 20.54 -17.04 -26.60
C ARG A 226 20.70 -16.15 -27.82
N GLU A 227 19.85 -16.36 -28.82
CA GLU A 227 19.88 -15.52 -30.01
C GLU A 227 19.49 -14.08 -29.65
N LYS A 228 20.24 -13.13 -30.18
CA LYS A 228 20.03 -11.73 -29.83
C LYS A 228 18.83 -11.17 -30.59
N GLN A 229 17.99 -10.44 -29.88
CA GLN A 229 16.80 -9.81 -30.47
C GLN A 229 17.14 -8.37 -30.81
N HIS A 230 17.18 -8.05 -32.10
CA HIS A 230 17.49 -6.71 -32.57
C HIS A 230 16.43 -6.26 -33.56
N LEU A 231 16.27 -4.94 -33.67
CA LEU A 231 15.25 -4.37 -34.55
C LEU A 231 15.52 -4.74 -36.01
N PHE A 232 16.64 -4.26 -36.56
CA PHE A 232 16.98 -4.55 -37.95
C PHE A 232 18.49 -4.50 -38.08
N ASP A 233 19.13 -5.67 -38.05
CA ASP A 233 20.58 -5.78 -38.22
C ASP A 233 20.94 -6.56 -39.47
N LEU A 234 20.48 -7.80 -39.59
CA LEU A 234 20.75 -8.61 -40.78
C LEU A 234 19.91 -9.88 -40.72
N THR A 235 19.40 -10.31 -41.87
CA THR A 235 18.58 -11.51 -41.96
C THR A 235 18.57 -11.96 -43.41
N ASP A 236 17.99 -13.14 -43.64
CA ASP A 236 17.96 -13.73 -44.98
C ASP A 236 16.84 -14.76 -45.05
N ARG A 237 16.79 -15.48 -46.17
CA ARG A 237 15.86 -16.55 -46.50
C ARG A 237 14.47 -16.05 -46.88
N ASP A 238 14.16 -14.77 -46.67
CA ASP A 238 12.91 -14.14 -47.10
C ASP A 238 11.65 -14.85 -46.56
N SER A 239 11.81 -15.72 -45.55
CA SER A 239 10.66 -16.43 -44.99
C SER A 239 10.76 -16.59 -43.48
N PHE A 240 11.66 -15.86 -42.81
CA PHE A 240 11.86 -16.02 -41.38
C PHE A 240 10.74 -15.43 -40.53
N PHE A 241 9.82 -14.68 -41.13
CA PHE A 241 8.69 -14.15 -40.38
C PHE A 241 7.71 -15.26 -40.06
N ASP A 242 7.31 -15.36 -38.80
CA ASP A 242 6.25 -16.27 -38.41
C ASP A 242 4.93 -15.80 -38.97
N SER A 243 4.04 -16.75 -39.26
CA SER A 243 2.74 -16.41 -39.84
C SER A 243 1.92 -15.53 -38.90
N LYS A 244 2.11 -15.68 -37.59
CA LYS A 244 1.47 -14.78 -36.63
C LYS A 244 2.00 -13.37 -36.80
N THR A 245 3.31 -13.22 -36.98
CA THR A 245 3.89 -11.90 -37.21
C THR A 245 3.40 -11.32 -38.53
N ARG A 246 3.28 -12.15 -39.56
CA ARG A 246 2.73 -11.69 -40.83
C ARG A 246 1.31 -11.19 -40.66
N SER A 247 0.50 -11.92 -39.90
CA SER A 247 -0.88 -11.50 -39.65
C SER A 247 -0.91 -10.20 -38.87
N THR A 248 -0.03 -10.03 -37.89
CA THR A 248 0.02 -8.79 -37.13
C THR A 248 0.41 -7.60 -38.01
N ILE A 249 1.40 -7.80 -38.88
CA ILE A 249 1.81 -6.73 -39.78
C ILE A 249 0.67 -6.37 -40.74
N VAL A 250 0.00 -7.38 -41.27
CA VAL A 250 -1.13 -7.13 -42.17
C VAL A 250 -2.25 -6.41 -41.43
N TYR A 251 -2.52 -6.80 -40.19
CA TYR A 251 -3.54 -6.13 -39.41
C TYR A 251 -3.19 -4.67 -39.16
N GLU A 252 -1.91 -4.39 -38.88
CA GLU A 252 -1.48 -3.01 -38.75
C GLU A 252 -1.71 -2.25 -40.03
N ILE A 253 -1.41 -2.86 -41.18
CA ILE A 253 -1.62 -2.20 -42.46
C ILE A 253 -3.09 -1.89 -42.69
N LEU A 254 -3.97 -2.88 -42.42
CA LEU A 254 -5.40 -2.67 -42.60
C LEU A 254 -5.95 -1.59 -41.67
N LYS A 255 -5.58 -1.64 -40.38
CA LYS A 255 -6.20 -0.73 -39.42
C LYS A 255 -5.57 0.65 -39.42
N ARG A 256 -4.39 0.82 -40.01
CA ARG A 256 -3.79 2.14 -40.11
C ARG A 256 -4.27 2.92 -41.33
N THR A 257 -5.00 2.28 -42.23
CA THR A 257 -5.53 2.98 -43.39
C THR A 257 -6.56 4.02 -42.97
N THR A 258 -6.59 5.14 -43.69
CA THR A 258 -7.51 6.23 -43.35
C THR A 258 -8.94 5.92 -43.79
N CYS A 259 -9.14 5.75 -45.09
CA CYS A 259 -10.46 5.47 -45.65
C CYS A 259 -11.45 6.59 -45.32
N GLY A 267 -10.12 2.77 -42.19
CA GLY A 267 -9.91 1.83 -41.10
C GLY A 267 -10.80 0.60 -41.18
N ILE A 268 -10.21 -0.57 -40.91
CA ILE A 268 -10.98 -1.80 -40.93
C ILE A 268 -12.02 -1.82 -39.83
N THR A 269 -11.69 -1.24 -38.67
CA THR A 269 -12.65 -1.19 -37.57
C THR A 269 -13.89 -0.38 -37.95
N SER A 270 -13.71 0.74 -38.66
CA SER A 270 -14.85 1.58 -39.00
C SER A 270 -15.78 0.87 -39.97
N LEU A 271 -15.22 0.23 -41.02
CA LEU A 271 -16.06 -0.43 -41.99
C LEU A 271 -16.65 -1.72 -41.45
N LEU A 272 -15.94 -2.39 -40.54
CA LEU A 272 -16.52 -3.54 -39.85
C LEU A 272 -17.71 -3.13 -39.00
N ALA A 273 -17.59 -2.00 -38.30
CA ALA A 273 -18.72 -1.50 -37.53
C ALA A 273 -19.88 -1.10 -38.44
N ASN A 274 -19.57 -0.46 -39.57
CA ASN A 274 -20.62 -0.04 -40.49
C ASN A 274 -21.35 -1.22 -41.10
N GLY A 275 -20.68 -2.37 -41.22
CA GLY A 275 -21.30 -3.57 -41.73
C GLY A 275 -20.97 -3.92 -43.16
N VAL A 276 -20.11 -3.16 -43.84
CA VAL A 276 -19.71 -3.52 -45.19
C VAL A 276 -18.92 -4.82 -45.19
N TYR A 277 -18.08 -5.01 -44.18
CA TYR A 277 -17.35 -6.26 -43.97
C TYR A 277 -17.91 -6.92 -42.72
N SER A 278 -18.39 -8.15 -42.86
CA SER A 278 -19.00 -8.86 -41.75
C SER A 278 -18.02 -9.77 -41.01
N ALA A 279 -16.81 -9.96 -41.54
CA ALA A 279 -15.82 -10.80 -40.88
C ALA A 279 -14.43 -10.48 -41.41
N ALA A 280 -13.43 -10.75 -40.58
CA ALA A 280 -12.03 -10.59 -40.94
C ALA A 280 -11.15 -11.31 -39.93
N TYR A 281 -10.30 -12.22 -40.40
CA TYR A 281 -9.53 -13.06 -39.50
C TYR A 281 -8.32 -13.59 -40.25
N PRO A 282 -7.27 -13.99 -39.54
CA PRO A 282 -6.20 -14.77 -40.15
C PRO A 282 -6.57 -16.26 -40.16
N LEU A 283 -5.73 -17.06 -40.79
CA LEU A 283 -5.97 -18.50 -40.90
C LEU A 283 -5.09 -19.27 -39.93
N HIS A 284 -5.60 -20.43 -39.51
CA HIS A 284 -4.81 -21.38 -38.75
C HIS A 284 -3.75 -22.01 -39.65
N ASP A 285 -2.71 -22.58 -39.03
CA ASP A 285 -1.67 -23.23 -39.81
C ASP A 285 -2.19 -24.48 -40.51
N GLY A 286 -3.31 -25.03 -40.03
CA GLY A 286 -3.92 -26.19 -40.63
C GLY A 286 -4.87 -26.91 -39.69
N ASP A 287 -5.13 -28.19 -39.95
CA ASP A 287 -5.99 -28.98 -39.09
C ASP A 287 -5.21 -29.53 -37.91
N TYR A 288 -5.83 -29.45 -36.73
CA TYR A 288 -5.18 -29.96 -35.51
C TYR A 288 -5.18 -31.48 -35.45
N GLU A 289 -6.12 -32.14 -36.13
CA GLU A 289 -6.19 -33.58 -36.16
C GLU A 289 -6.38 -34.05 -37.60
N GLY A 290 -5.87 -35.23 -37.89
CA GLY A 290 -5.97 -35.78 -39.22
C GLY A 290 -5.07 -36.99 -39.37
N ASP A 291 -4.97 -37.46 -40.61
CA ASP A 291 -4.17 -38.63 -40.96
C ASP A 291 -2.97 -38.18 -41.78
N ASN A 292 -1.77 -38.28 -41.19
CA ASN A 292 -0.53 -37.93 -41.87
C ASN A 292 -0.55 -36.48 -42.37
N VAL A 293 -1.04 -35.59 -41.52
CA VAL A 293 -1.11 -34.17 -41.85
C VAL A 293 0.30 -33.59 -41.88
N GLU A 294 0.44 -32.36 -42.37
CA GLU A 294 1.72 -31.70 -42.61
C GLU A 294 2.51 -31.37 -41.33
N PHE A 295 2.08 -31.78 -40.14
CA PHE A 295 2.84 -31.55 -38.91
C PHE A 295 3.00 -30.06 -38.61
N ASN A 296 1.86 -29.37 -38.57
CA ASN A 296 1.84 -27.95 -38.26
C ASN A 296 1.97 -27.72 -36.76
N ASP A 297 2.05 -26.45 -36.38
CA ASP A 297 2.14 -26.11 -34.96
C ASP A 297 0.79 -26.28 -34.26
N ARG A 298 -0.31 -26.15 -35.00
CA ARG A 298 -1.62 -26.35 -34.39
C ARG A 298 -1.79 -27.78 -33.90
N LYS A 299 -1.39 -28.76 -34.72
CA LYS A 299 -1.46 -30.15 -34.27
C LYS A 299 -0.49 -30.42 -33.12
N LEU A 300 0.67 -29.77 -33.15
CA LEU A 300 1.62 -29.92 -32.04
C LEU A 300 1.02 -29.42 -30.73
N LEU A 301 0.34 -28.27 -30.78
CA LEU A 301 -0.30 -27.74 -29.58
C LEU A 301 -1.47 -28.63 -29.16
N TYR A 302 -2.21 -29.17 -30.12
CA TYR A 302 -3.32 -30.07 -29.79
C TYR A 302 -2.82 -31.33 -29.08
N GLU A 303 -1.75 -31.94 -29.60
CA GLU A 303 -1.24 -33.17 -29.02
C GLU A 303 -0.50 -32.93 -27.71
N GLU A 304 0.25 -31.83 -27.63
CA GLU A 304 1.19 -31.61 -26.55
C GLU A 304 0.63 -30.75 -25.43
N TRP A 305 -0.32 -29.89 -25.74
CA TRP A 305 -0.82 -28.89 -24.82
C TRP A 305 -2.33 -28.90 -24.65
N ALA A 306 -3.08 -29.17 -25.71
CA ALA A 306 -4.53 -29.05 -25.68
C ALA A 306 -5.24 -30.34 -25.32
N SER A 307 -4.51 -31.43 -25.06
CA SER A 307 -5.12 -32.69 -24.71
C SER A 307 -5.44 -32.75 -23.23
N TYR A 308 -6.55 -33.42 -22.89
CA TYR A 308 -6.89 -33.63 -21.49
C TYR A 308 -6.01 -34.67 -20.82
N GLY A 309 -5.31 -35.49 -21.60
CA GLY A 309 -4.40 -36.48 -21.06
C GLY A 309 -3.03 -35.99 -20.70
N VAL A 310 -2.73 -34.72 -20.98
CA VAL A 310 -1.44 -34.12 -20.63
C VAL A 310 -1.67 -33.08 -19.54
N PHE A 311 -2.68 -33.30 -18.70
CA PHE A 311 -3.01 -32.32 -17.67
C PHE A 311 -1.90 -32.18 -16.62
N TYR A 312 -1.00 -33.15 -16.51
CA TYR A 312 0.01 -33.13 -15.47
C TYR A 312 1.31 -32.46 -15.90
N LYS A 313 1.52 -32.25 -17.20
CA LYS A 313 2.80 -31.78 -17.68
C LYS A 313 2.79 -30.27 -17.87
N TYR A 314 3.99 -29.69 -17.87
CA TYR A 314 4.11 -28.26 -18.09
C TYR A 314 3.70 -27.93 -19.51
N GLN A 315 2.97 -26.83 -19.66
CA GLN A 315 2.49 -26.42 -20.97
C GLN A 315 3.61 -25.79 -21.79
N PRO A 316 3.65 -26.03 -23.10
CA PRO A 316 4.65 -25.38 -23.96
C PRO A 316 4.34 -23.92 -24.17
N ILE A 317 4.71 -23.08 -23.19
CA ILE A 317 4.30 -21.68 -23.21
C ILE A 317 4.96 -20.94 -24.37
N ASP A 318 6.20 -21.30 -24.72
CA ASP A 318 6.87 -20.65 -25.84
C ASP A 318 6.14 -20.91 -27.15
N LEU A 319 5.74 -22.17 -27.39
CA LEU A 319 5.00 -22.49 -28.59
C LEU A 319 3.64 -21.80 -28.60
N VAL A 320 2.99 -21.73 -27.44
CA VAL A 320 1.69 -21.05 -27.34
C VAL A 320 1.84 -19.58 -27.68
N ARG A 321 2.87 -18.93 -27.17
CA ARG A 321 3.10 -17.53 -27.49
C ARG A 321 3.43 -17.34 -28.97
N LYS A 322 4.22 -18.27 -29.53
CA LYS A 322 4.59 -18.16 -30.93
C LYS A 322 3.38 -18.29 -31.85
N TYR A 323 2.47 -19.22 -31.53
CA TYR A 323 1.32 -19.45 -32.40
C TYR A 323 0.21 -18.43 -32.17
N PHE A 324 -0.09 -18.10 -30.92
CA PHE A 324 -1.23 -17.24 -30.60
C PHE A 324 -0.85 -15.82 -30.24
N GLY A 325 0.41 -15.57 -29.91
CA GLY A 325 0.87 -14.24 -29.53
C GLY A 325 1.16 -14.12 -28.04
N GLU A 326 1.75 -12.99 -27.69
CA GLU A 326 2.14 -12.73 -26.31
C GLU A 326 0.95 -12.58 -25.38
N LYS A 327 -0.24 -12.29 -25.92
CA LYS A 327 -1.40 -11.99 -25.08
C LYS A 327 -1.99 -13.27 -24.50
N VAL A 328 -2.37 -14.20 -25.38
CA VAL A 328 -2.85 -15.51 -24.94
C VAL A 328 -1.75 -16.24 -24.17
N GLY A 329 -0.49 -16.08 -24.61
CA GLY A 329 0.61 -16.69 -23.89
C GLY A 329 0.74 -16.17 -22.47
N LEU A 330 0.57 -14.86 -22.28
CA LEU A 330 0.61 -14.29 -20.94
C LEU A 330 -0.54 -14.81 -20.09
N TYR A 331 -1.74 -14.92 -20.69
CA TYR A 331 -2.88 -15.45 -19.94
C TYR A 331 -2.61 -16.88 -19.48
N PHE A 332 -2.09 -17.72 -20.37
CA PHE A 332 -1.85 -19.12 -20.00
C PHE A 332 -0.68 -19.25 -19.03
N ALA A 333 0.35 -18.42 -19.16
CA ALA A 333 1.43 -18.43 -18.19
C ALA A 333 0.94 -18.04 -16.81
N TRP A 334 0.08 -17.02 -16.74
CA TRP A 334 -0.50 -16.64 -15.45
C TRP A 334 -1.34 -17.76 -14.87
N LEU A 335 -2.13 -18.44 -15.71
CA LEU A 335 -2.95 -19.55 -15.22
C LEU A 335 -2.09 -20.68 -14.69
N GLY A 336 -1.02 -21.02 -15.41
CA GLY A 336 -0.12 -22.07 -14.95
C GLY A 336 0.57 -21.71 -13.64
N ALA A 337 1.04 -20.46 -13.53
CA ALA A 337 1.65 -20.03 -12.28
C ALA A 337 0.65 -20.07 -11.13
N TYR A 338 -0.59 -19.67 -11.40
CA TYR A 338 -1.63 -19.70 -10.36
C TYR A 338 -1.87 -21.13 -9.89
N THR A 339 -1.97 -22.08 -10.82
CA THR A 339 -2.18 -23.47 -10.42
C THR A 339 -0.99 -24.02 -9.64
N GLN A 340 0.23 -23.70 -10.10
CA GLN A 340 1.43 -24.17 -9.41
C GLN A 340 1.50 -23.63 -8.00
N MET A 341 1.14 -22.35 -7.81
CA MET A 341 1.11 -21.78 -6.47
C MET A 341 -0.03 -22.38 -5.64
N LEU A 342 -1.15 -22.70 -6.27
CA LEU A 342 -2.28 -23.30 -5.56
C LEU A 342 -1.98 -24.70 -5.07
N ILE A 343 -1.03 -25.40 -5.69
CA ILE A 343 -0.68 -26.75 -5.26
C ILE A 343 -0.25 -26.79 -3.80
N PRO A 344 0.81 -26.07 -3.38
CA PRO A 344 1.20 -26.13 -1.97
C PRO A 344 0.14 -25.59 -1.02
N ALA A 345 -0.60 -24.56 -1.42
CA ALA A 345 -1.70 -24.07 -0.60
C ALA A 345 -2.77 -25.14 -0.42
N SER A 346 -3.07 -25.88 -1.48
CA SER A 346 -4.02 -26.98 -1.38
C SER A 346 -3.51 -28.06 -0.43
N ILE A 347 -2.22 -28.36 -0.48
CA ILE A 347 -1.65 -29.37 0.41
C ILE A 347 -1.78 -28.91 1.87
N VAL A 348 -1.45 -27.66 2.15
CA VAL A 348 -1.52 -27.16 3.52
C VAL A 348 -2.97 -27.11 3.99
N GLY A 349 -3.90 -26.74 3.11
CA GLY A 349 -5.30 -26.74 3.51
C GLY A 349 -5.82 -28.13 3.79
N VAL A 350 -5.39 -29.12 3.00
CA VAL A 350 -5.78 -30.50 3.27
C VAL A 350 -5.22 -30.96 4.61
N ILE A 351 -3.98 -30.54 4.92
CA ILE A 351 -3.39 -30.89 6.21
C ILE A 351 -4.19 -30.27 7.35
N VAL A 352 -4.62 -29.03 7.19
CA VAL A 352 -5.43 -28.37 8.21
C VAL A 352 -6.76 -29.09 8.41
N PHE A 353 -7.39 -29.48 7.30
CA PHE A 353 -8.65 -30.22 7.39
C PHE A 353 -8.45 -31.55 8.09
N LEU A 354 -7.35 -32.24 7.79
CA LEU A 354 -7.06 -33.52 8.44
C LEU A 354 -6.81 -33.32 9.94
N TYR A 355 -6.13 -32.22 10.31
CA TYR A 355 -5.95 -31.93 11.73
C TYR A 355 -7.28 -31.71 12.42
N GLY A 356 -8.19 -30.96 11.78
CA GLY A 356 -9.51 -30.77 12.35
C GLY A 356 -10.26 -32.07 12.50
N CYS A 357 -10.19 -32.95 11.49
CA CYS A 357 -10.86 -34.24 11.56
C CYS A 357 -10.29 -35.09 12.69
N ALA A 358 -8.97 -35.07 12.86
CA ALA A 358 -8.35 -35.85 13.94
C ALA A 358 -8.75 -35.31 15.30
N THR A 359 -8.81 -33.98 15.46
CA THR A 359 -9.07 -33.37 16.75
C THR A 359 -10.55 -33.28 17.09
N VAL A 360 -11.44 -33.55 16.12
CA VAL A 360 -12.87 -33.34 16.35
C VAL A 360 -13.41 -34.24 17.46
N ASP A 361 -12.80 -35.39 17.69
CA ASP A 361 -13.31 -36.30 18.72
C ASP A 361 -13.02 -35.79 20.13
N GLU A 362 -11.96 -35.03 20.30
CA GLU A 362 -11.57 -34.51 21.62
C GLU A 362 -12.02 -33.07 21.85
N ASN A 363 -12.83 -32.52 20.95
CA ASN A 363 -13.26 -31.13 21.10
C ASN A 363 -14.31 -31.03 22.21
N ILE A 364 -13.97 -30.28 23.26
CA ILE A 364 -14.87 -30.17 24.41
C ILE A 364 -16.21 -29.51 24.05
N PRO A 365 -16.24 -28.37 23.35
CA PRO A 365 -17.55 -27.79 23.01
C PRO A 365 -18.43 -28.71 22.17
N SER A 366 -17.86 -29.40 21.19
CA SER A 366 -18.66 -30.31 20.38
C SER A 366 -19.15 -31.50 21.19
N MET A 367 -18.31 -32.01 22.09
CA MET A 367 -18.73 -33.10 22.96
C MET A 367 -19.85 -32.66 23.88
N GLU A 368 -19.76 -31.44 24.43
CA GLU A 368 -20.82 -30.93 25.28
C GLU A 368 -22.12 -30.75 24.51
N MET A 369 -22.03 -30.25 23.29
CA MET A 369 -23.23 -30.09 22.47
C MET A 369 -23.85 -31.44 22.12
N CYS A 370 -23.01 -32.46 21.92
CA CYS A 370 -23.48 -33.76 21.48
C CYS A 370 -23.98 -34.65 22.61
N ASP A 371 -23.87 -34.21 23.86
CA ASP A 371 -24.24 -35.05 25.00
C ASP A 371 -25.76 -35.20 25.05
N GLN A 372 -26.24 -36.42 24.85
CA GLN A 372 -27.67 -36.70 24.95
C GLN A 372 -28.13 -36.87 26.39
N ARG A 373 -27.21 -37.10 27.32
CA ARG A 373 -27.59 -37.22 28.74
C ARG A 373 -28.17 -35.91 29.25
N TYR A 374 -27.55 -34.79 28.90
CA TYR A 374 -28.07 -33.49 29.29
C TYR A 374 -29.31 -33.15 28.46
N ASN A 375 -30.18 -32.34 29.05
CA ASN A 375 -31.42 -31.92 28.40
C ASN A 375 -31.39 -30.40 28.29
N ILE A 376 -31.02 -29.90 27.12
CA ILE A 376 -30.97 -28.47 26.84
C ILE A 376 -32.01 -28.17 25.78
N THR A 377 -33.00 -27.34 26.12
CA THR A 377 -34.08 -26.99 25.22
C THR A 377 -33.85 -25.60 24.65
N MET A 378 -33.84 -25.51 23.32
CA MET A 378 -33.63 -24.25 22.63
C MET A 378 -34.97 -23.65 22.19
N CYS A 379 -35.00 -22.33 22.12
CA CYS A 379 -36.21 -21.65 21.66
C CYS A 379 -36.41 -21.88 20.17
N PRO A 380 -37.65 -21.80 19.69
CA PRO A 380 -37.91 -22.04 18.27
C PRO A 380 -37.25 -20.99 17.39
N LEU A 381 -36.86 -21.43 16.19
CA LEU A 381 -36.23 -20.55 15.22
C LEU A 381 -37.25 -19.82 14.34
N CYS A 382 -38.53 -20.11 14.50
CA CYS A 382 -39.60 -19.42 13.79
C CYS A 382 -40.78 -19.24 14.73
N ASP A 383 -41.71 -18.36 14.34
CA ASP A 383 -42.79 -17.96 15.22
C ASP A 383 -43.69 -19.15 15.58
N LYS A 384 -44.38 -19.71 14.58
CA LYS A 384 -45.33 -20.79 14.83
C LYS A 384 -45.08 -22.03 13.99
N THR A 385 -44.31 -21.95 12.91
CA THR A 385 -44.05 -23.13 12.09
C THR A 385 -43.27 -24.18 12.85
N CYS A 386 -42.27 -23.77 13.62
CA CYS A 386 -41.41 -24.69 14.35
C CYS A 386 -41.63 -24.55 15.85
N SER A 387 -41.12 -25.53 16.59
CA SER A 387 -41.26 -25.57 18.04
C SER A 387 -39.90 -25.74 18.70
N TYR A 388 -39.90 -25.99 20.01
CA TYR A 388 -38.65 -26.17 20.74
C TYR A 388 -37.89 -27.38 20.23
N TRP A 389 -36.56 -27.26 20.17
CA TRP A 389 -35.70 -28.32 19.70
C TRP A 389 -34.57 -28.55 20.70
N LYS A 390 -34.12 -29.80 20.78
CA LYS A 390 -33.04 -30.15 21.70
C LYS A 390 -31.69 -29.78 21.10
N MET A 391 -30.78 -29.36 21.98
CA MET A 391 -29.44 -28.97 21.52
C MET A 391 -28.67 -30.14 20.93
N SER A 392 -28.97 -31.36 21.37
CA SER A 392 -28.28 -32.54 20.85
C SER A 392 -28.70 -32.90 19.43
N SER A 393 -29.81 -32.35 18.94
CA SER A 393 -30.27 -32.67 17.59
C SER A 393 -29.32 -32.14 16.52
N ALA A 394 -28.48 -31.16 16.85
CA ALA A 394 -27.50 -30.60 15.93
C ALA A 394 -26.09 -31.06 16.25
N CYS A 395 -25.94 -32.30 16.74
CA CYS A 395 -24.62 -32.81 17.08
C CYS A 395 -23.73 -32.92 15.86
N ALA A 396 -24.27 -33.42 14.75
CA ALA A 396 -23.48 -33.53 13.52
C ALA A 396 -23.03 -32.17 13.02
N THR A 397 -23.90 -31.16 13.15
CA THR A 397 -23.55 -29.82 12.69
C THR A 397 -22.36 -29.26 13.46
N ALA A 398 -22.34 -29.43 14.79
CA ALA A 398 -21.23 -28.92 15.58
C ALA A 398 -19.93 -29.64 15.25
N ARG A 399 -19.97 -30.97 15.11
CA ARG A 399 -18.77 -31.73 14.78
C ARG A 399 -18.24 -31.34 13.41
N ALA A 400 -19.14 -31.16 12.43
CA ALA A 400 -18.72 -30.71 11.12
C ALA A 400 -18.14 -29.30 11.18
N SER A 401 -18.74 -28.42 11.99
CA SER A 401 -18.27 -27.05 12.10
C SER A 401 -16.87 -26.99 12.70
N HIS A 402 -16.57 -27.87 13.65
CA HIS A 402 -15.26 -27.85 14.30
C HIS A 402 -14.12 -28.03 13.30
N LEU A 403 -14.37 -28.78 12.22
CA LEU A 403 -13.36 -28.93 11.18
C LEU A 403 -13.08 -27.64 10.42
N PHE A 404 -13.91 -26.61 10.58
CA PHE A 404 -13.77 -25.37 9.85
C PHE A 404 -13.39 -24.18 10.72
N ASP A 405 -13.43 -24.31 12.05
CA ASP A 405 -12.97 -23.24 12.93
C ASP A 405 -12.15 -23.84 14.07
N ASN A 406 -10.86 -23.52 14.08
CA ASN A 406 -9.93 -23.96 15.12
C ASN A 406 -8.64 -23.15 14.96
N PRO A 407 -7.66 -23.33 15.85
CA PRO A 407 -6.38 -22.61 15.65
C PRO A 407 -5.72 -22.91 14.32
N ALA A 408 -5.89 -24.13 13.80
CA ALA A 408 -5.35 -24.46 12.50
C ALA A 408 -5.96 -23.59 11.40
N THR A 409 -7.26 -23.28 11.52
CA THR A 409 -7.90 -22.43 10.52
C THR A 409 -7.37 -21.00 10.56
N VAL A 410 -7.12 -20.46 11.75
CA VAL A 410 -6.53 -19.13 11.86
C VAL A 410 -5.12 -19.12 11.28
N PHE A 411 -4.34 -20.16 11.60
CA PHE A 411 -3.00 -20.28 11.02
C PHE A 411 -3.09 -20.35 9.50
N PHE A 412 -4.07 -21.07 8.98
CA PHE A 412 -4.22 -21.18 7.53
C PHE A 412 -4.65 -19.85 6.91
N SER A 413 -5.45 -19.05 7.62
CA SER A 413 -5.79 -17.72 7.12
C SER A 413 -4.55 -16.84 7.00
N VAL A 414 -3.71 -16.86 8.04
CA VAL A 414 -2.47 -16.09 7.97
C VAL A 414 -1.58 -16.63 6.86
N PHE A 415 -1.48 -17.95 6.75
CA PHE A 415 -0.67 -18.58 5.71
C PHE A 415 -1.16 -18.21 4.32
N MET A 416 -2.49 -18.10 4.15
CA MET A 416 -3.03 -17.75 2.83
C MET A 416 -2.83 -16.29 2.52
N ALA A 417 -2.84 -15.40 3.52
CA ALA A 417 -2.45 -14.02 3.26
C ALA A 417 -1.01 -13.95 2.79
N LEU A 418 -0.11 -14.64 3.49
CA LEU A 418 1.29 -14.67 3.07
C LEU A 418 1.44 -15.32 1.71
N TRP A 419 0.63 -16.35 1.43
CA TRP A 419 0.67 -17.04 0.14
C TRP A 419 0.21 -16.12 -0.98
N ALA A 420 -0.82 -15.31 -0.74
CA ALA A 420 -1.25 -14.35 -1.75
C ALA A 420 -0.17 -13.34 -2.05
N ALA A 421 0.50 -12.83 -1.00
CA ALA A 421 1.61 -11.91 -1.22
C ALA A 421 2.73 -12.57 -2.02
N THR A 422 3.09 -13.81 -1.65
CA THR A 422 4.15 -14.53 -2.34
C THR A 422 3.77 -14.82 -3.78
N PHE A 423 2.50 -15.14 -4.03
CA PHE A 423 2.05 -15.38 -5.40
C PHE A 423 2.12 -14.11 -6.23
N MET A 424 1.77 -12.97 -5.64
CA MET A 424 1.91 -11.70 -6.36
C MET A 424 3.36 -11.44 -6.73
N GLU A 425 4.28 -11.63 -5.78
CA GLU A 425 5.70 -11.43 -6.08
C GLU A 425 6.20 -12.41 -7.14
N HIS A 426 5.78 -13.67 -7.02
CA HIS A 426 6.21 -14.69 -7.98
C HIS A 426 5.69 -14.39 -9.38
N TRP A 427 4.44 -13.94 -9.49
CA TRP A 427 3.91 -13.58 -10.79
C TRP A 427 4.64 -12.36 -11.35
N LYS A 428 5.00 -11.40 -10.51
CA LYS A 428 5.77 -10.26 -10.99
C LYS A 428 7.11 -10.72 -11.58
N ARG A 429 7.81 -11.59 -10.85
CA ARG A 429 9.09 -12.09 -11.33
C ARG A 429 8.93 -12.90 -12.62
N LYS A 430 7.91 -13.77 -12.67
CA LYS A 430 7.69 -14.58 -13.87
C LYS A 430 7.31 -13.72 -15.06
N GLN A 431 6.51 -12.66 -14.84
CA GLN A 431 6.17 -11.74 -15.91
C GLN A 431 7.41 -11.01 -16.43
N MET A 432 8.29 -10.60 -15.52
CA MET A 432 9.53 -9.98 -15.96
C MET A 432 10.39 -10.95 -16.77
N ARG A 433 10.45 -12.21 -16.33
CA ARG A 433 11.21 -13.22 -17.08
C ARG A 433 10.62 -13.43 -18.46
N LEU A 434 9.30 -13.52 -18.57
CA LEU A 434 8.66 -13.70 -19.86
C LEU A 434 8.85 -12.49 -20.76
N ASN A 435 8.84 -11.28 -20.17
CA ASN A 435 9.13 -10.08 -20.95
C ASN A 435 10.55 -10.12 -21.50
N TYR A 436 11.51 -10.52 -20.67
CA TYR A 436 12.89 -10.63 -21.15
C TYR A 436 13.00 -11.68 -22.25
N ARG A 437 12.28 -12.79 -22.10
CA ARG A 437 12.34 -13.85 -23.11
C ARG A 437 11.67 -13.44 -24.41
N TRP A 438 10.56 -12.72 -24.34
CA TRP A 438 9.75 -12.41 -25.51
C TRP A 438 10.00 -10.99 -26.04
N ASP A 439 9.77 -9.97 -25.22
CA ASP A 439 9.87 -8.60 -25.68
C ASP A 439 9.91 -7.66 -24.49
N LEU A 440 10.83 -6.69 -24.54
CA LEU A 440 10.99 -5.70 -23.48
C LEU A 440 10.89 -4.27 -24.00
N THR A 441 10.29 -4.08 -25.17
CA THR A 441 10.14 -2.75 -25.76
C THR A 441 8.83 -2.15 -25.30
N GLY A 442 8.89 -1.49 -24.14
CA GLY A 442 7.71 -0.85 -23.57
C GLY A 442 7.39 0.52 -24.13
N PHE A 443 8.18 1.01 -25.07
CA PHE A 443 7.95 2.33 -25.67
C PHE A 443 6.81 2.25 -26.67
N GLU A 444 5.73 2.98 -26.41
CA GLU A 444 4.57 3.01 -27.28
C GLU A 444 4.01 4.42 -27.32
N GLU A 445 3.13 4.65 -28.29
CA GLU A 445 2.50 5.96 -28.42
C GLU A 445 1.63 6.27 -27.21
N GLU A 446 1.57 7.56 -26.84
CA GLU A 446 0.79 8.01 -25.70
C GLU A 446 -0.67 8.20 -26.13
N GLU A 447 -1.30 7.07 -26.46
CA GLU A 447 -2.68 7.03 -26.95
C GLU A 447 -2.85 7.80 -28.25
N GLU A 448 -1.79 7.95 -29.03
CA GLU A 448 -1.83 8.68 -30.29
C GLU A 448 -1.79 7.77 -31.51
N ALA A 449 -1.75 6.44 -31.31
CA ALA A 449 -1.67 5.52 -32.44
C ALA A 449 -2.99 5.49 -33.22
N VAL A 450 -4.06 5.09 -32.54
CA VAL A 450 -5.39 4.99 -33.16
C VAL A 450 -6.40 5.61 -32.22
N LYS A 451 -7.32 6.39 -32.78
CA LYS A 451 -8.38 7.03 -32.01
C LYS A 451 -9.71 6.35 -32.29
N ASP A 452 -10.59 6.35 -31.30
CA ASP A 452 -11.90 5.72 -31.44
C ASP A 452 -12.72 6.44 -32.49
N HIS A 453 -13.24 5.69 -33.45
CA HIS A 453 -14.07 6.28 -34.50
C HIS A 453 -15.33 6.96 -33.96
N PRO A 454 -16.09 6.35 -33.04
CA PRO A 454 -17.19 7.11 -32.43
C PRO A 454 -16.72 8.37 -31.71
N ARG A 455 -15.55 8.32 -31.08
CA ARG A 455 -14.99 9.51 -30.46
C ARG A 455 -14.68 10.57 -31.52
N ALA A 456 -14.13 10.14 -32.66
CA ALA A 456 -13.85 11.09 -33.74
C ALA A 456 -15.13 11.72 -34.27
N GLU A 457 -16.18 10.91 -34.42
CA GLU A 457 -17.47 11.45 -34.88
C GLU A 457 -18.04 12.43 -33.86
N TYR A 458 -17.93 12.12 -32.58
CA TYR A 458 -18.41 13.04 -31.55
C TYR A 458 -17.64 14.34 -31.57
N GLU A 459 -16.31 14.27 -31.74
CA GLU A 459 -15.50 15.49 -31.82
C GLU A 459 -15.85 16.30 -33.05
N ALA A 460 -16.08 15.64 -34.18
CA ALA A 460 -16.47 16.35 -35.40
C ALA A 460 -17.81 17.03 -35.23
N ARG A 461 -18.77 16.36 -34.58
CA ARG A 461 -20.07 16.97 -34.33
C ARG A 461 -19.92 18.17 -33.42
N VAL A 462 -19.10 18.06 -32.37
CA VAL A 462 -18.89 19.19 -31.47
C VAL A 462 -18.27 20.36 -32.20
N LEU A 463 -17.26 20.09 -33.04
CA LEU A 463 -16.61 21.16 -33.79
C LEU A 463 -17.57 21.82 -34.77
N GLU A 464 -18.39 21.03 -35.45
CA GLU A 464 -19.37 21.60 -36.37
C GLU A 464 -20.40 22.45 -35.65
N LYS A 465 -20.85 21.99 -34.48
CA LYS A 465 -21.82 22.76 -33.71
C LYS A 465 -21.22 24.10 -33.26
N SER A 466 -19.99 24.08 -32.78
CA SER A 466 -19.33 25.29 -32.31
C SER A 466 -17.88 25.03 -31.94
N TRP A 483 -13.48 16.82 -23.84
CA TRP A 483 -13.17 16.67 -22.43
C TRP A 483 -14.14 17.47 -21.55
N ARG A 484 -14.64 16.82 -20.51
CA ARG A 484 -15.59 17.36 -19.54
C ARG A 484 -16.99 17.52 -20.10
N ASP A 485 -17.22 17.17 -21.36
CA ASP A 485 -18.56 17.12 -21.92
C ASP A 485 -19.22 15.75 -21.74
N ARG A 486 -18.52 14.82 -21.07
CA ARG A 486 -19.04 13.50 -20.78
C ARG A 486 -19.81 13.43 -19.47
N PHE A 487 -20.02 14.58 -18.81
CA PHE A 487 -20.64 14.58 -17.49
C PHE A 487 -22.03 13.94 -17.46
N PRO A 488 -22.93 14.20 -18.41
CA PRO A 488 -24.20 13.43 -18.42
C PRO A 488 -23.97 11.94 -18.57
N ALA A 489 -22.95 11.53 -19.33
CA ALA A 489 -22.63 10.12 -19.42
C ALA A 489 -22.11 9.57 -18.09
N TYR A 490 -21.25 10.34 -17.42
CA TYR A 490 -20.71 9.89 -16.13
C TYR A 490 -21.81 9.76 -15.09
N PHE A 491 -22.72 10.74 -15.04
CA PHE A 491 -23.86 10.66 -14.13
C PHE A 491 -24.74 9.46 -14.47
N THR A 492 -24.97 9.22 -15.75
CA THR A 492 -25.74 8.05 -16.16
C THR A 492 -25.04 6.76 -15.75
N ASN A 493 -23.71 6.70 -15.91
CA ASN A 493 -22.98 5.51 -15.49
C ASN A 493 -23.09 5.27 -14.00
N LEU A 494 -22.94 6.34 -13.19
CA LEU A 494 -23.06 6.20 -11.74
C LEU A 494 -24.46 5.74 -11.35
N VAL A 495 -25.49 6.33 -11.96
CA VAL A 495 -26.87 5.97 -11.63
C VAL A 495 -27.14 4.52 -12.02
N SER A 496 -26.67 4.11 -13.20
CA SER A 496 -26.89 2.73 -13.64
C SER A 496 -26.17 1.73 -12.73
N ILE A 497 -24.94 2.04 -12.32
CA ILE A 497 -24.22 1.13 -11.43
C ILE A 497 -24.92 1.03 -10.08
N ILE A 498 -25.36 2.17 -9.54
CA ILE A 498 -26.07 2.15 -8.26
C ILE A 498 -27.36 1.35 -8.38
N PHE A 499 -28.08 1.53 -9.50
CA PHE A 499 -29.31 0.77 -9.72
C PHE A 499 -29.03 -0.72 -9.82
N MET A 500 -27.95 -1.10 -10.49
CA MET A 500 -27.57 -2.51 -10.59
C MET A 500 -27.29 -3.10 -9.21
N ILE A 501 -26.52 -2.39 -8.40
CA ILE A 501 -26.19 -2.89 -7.07
C ILE A 501 -27.44 -2.99 -6.21
N ALA A 502 -28.33 -1.98 -6.31
CA ALA A 502 -29.58 -2.02 -5.56
C ALA A 502 -30.46 -3.19 -6.00
N VAL A 503 -30.49 -3.48 -7.31
CA VAL A 503 -31.28 -4.60 -7.81
C VAL A 503 -30.71 -5.91 -7.29
N THR A 504 -29.39 -6.05 -7.27
CA THR A 504 -28.78 -7.27 -6.73
C THR A 504 -29.12 -7.44 -5.25
N PHE A 505 -29.04 -6.36 -4.48
CA PHE A 505 -29.38 -6.44 -3.06
C PHE A 505 -30.86 -6.76 -2.87
N ALA A 506 -31.72 -6.21 -3.72
CA ALA A 506 -33.15 -6.50 -3.64
C ALA A 506 -33.43 -7.96 -3.98
N ILE A 507 -32.69 -8.52 -4.94
CA ILE A 507 -32.85 -9.93 -5.27
C ILE A 507 -32.39 -10.80 -4.10
N VAL A 508 -31.32 -10.39 -3.43
CA VAL A 508 -30.88 -11.11 -2.23
C VAL A 508 -31.96 -11.05 -1.16
N LEU A 509 -32.57 -9.88 -0.97
CA LEU A 509 -33.64 -9.74 0.01
C LEU A 509 -34.84 -10.60 -0.36
N GLY A 510 -35.16 -10.67 -1.65
CA GLY A 510 -36.26 -11.53 -2.08
C GLY A 510 -35.97 -13.00 -1.86
N VAL A 511 -34.73 -13.42 -2.09
CA VAL A 511 -34.32 -14.78 -1.76
C VAL A 511 -34.48 -15.04 -0.27
N ILE A 512 -34.16 -14.02 0.54
CA ILE A 512 -34.38 -14.14 1.98
C ILE A 512 -35.86 -14.34 2.28
N ILE A 513 -36.72 -13.53 1.64
CA ILE A 513 -38.16 -13.64 1.86
C ILE A 513 -38.69 -14.94 1.28
N TYR A 514 -38.05 -15.46 0.23
CA TYR A 514 -38.45 -16.74 -0.34
C TYR A 514 -38.34 -17.86 0.68
N ARG A 515 -37.21 -17.92 1.39
CA ARG A 515 -36.98 -19.03 2.31
C ARG A 515 -37.94 -18.98 3.49
N ILE A 516 -38.28 -17.79 3.97
CA ILE A 516 -39.19 -17.67 5.09
C ILE A 516 -40.59 -18.15 4.72
N SER A 517 -41.09 -17.69 3.57
CA SER A 517 -42.45 -18.05 3.18
C SER A 517 -42.56 -19.51 2.80
N THR A 518 -41.57 -20.03 2.06
CA THR A 518 -41.61 -21.42 1.64
C THR A 518 -41.52 -22.37 2.84
N ALA A 519 -40.68 -22.03 3.82
CA ALA A 519 -40.53 -22.88 4.99
C ALA A 519 -41.84 -22.96 5.79
N ALA A 520 -42.51 -21.82 5.96
CA ALA A 520 -43.77 -21.82 6.70
C ALA A 520 -44.86 -22.58 5.96
N ALA A 521 -44.97 -22.35 4.65
CA ALA A 521 -46.03 -23.01 3.87
C ALA A 521 -45.81 -24.51 3.80
N LEU A 522 -44.56 -24.94 3.61
CA LEU A 522 -44.28 -26.37 3.44
C LEU A 522 -44.59 -27.14 4.71
N ALA A 523 -44.26 -26.59 5.87
CA ALA A 523 -44.51 -27.31 7.13
C ALA A 523 -45.99 -27.49 7.40
N MET A 524 -46.83 -26.56 6.94
CA MET A 524 -48.26 -26.69 7.14
C MET A 524 -48.86 -27.86 6.37
N ASN A 525 -48.16 -28.35 5.35
CA ASN A 525 -48.65 -29.50 4.58
C ASN A 525 -48.47 -30.80 5.36
N PRO A 528 -45.96 -34.92 6.19
CA PRO A 528 -45.43 -36.04 5.42
C PRO A 528 -43.93 -35.91 5.15
N SER A 529 -43.50 -36.33 3.96
CA SER A 529 -42.09 -36.20 3.61
C SER A 529 -41.67 -34.75 3.49
N VAL A 530 -42.60 -33.85 3.17
CA VAL A 530 -42.26 -32.44 3.04
C VAL A 530 -41.82 -31.85 4.37
N ARG A 531 -42.54 -32.17 5.45
CA ARG A 531 -42.17 -31.66 6.77
C ARG A 531 -40.91 -32.34 7.32
N SER A 532 -40.52 -33.49 6.76
CA SER A 532 -39.29 -34.15 7.16
C SER A 532 -38.07 -33.63 6.42
N ASN A 533 -38.26 -32.92 5.32
CA ASN A 533 -37.14 -32.37 4.55
C ASN A 533 -37.32 -30.87 4.32
N ILE A 534 -37.81 -30.15 5.34
CA ILE A 534 -38.05 -28.72 5.18
C ILE A 534 -36.72 -27.98 5.01
N ARG A 535 -35.68 -28.41 5.70
CA ARG A 535 -34.40 -27.72 5.64
C ARG A 535 -33.79 -27.79 4.25
N VAL A 536 -33.53 -29.02 3.78
CA VAL A 536 -32.83 -29.19 2.51
C VAL A 536 -33.68 -28.73 1.33
N THR A 537 -34.99 -28.99 1.40
CA THR A 537 -35.87 -28.61 0.29
C THR A 537 -35.92 -27.10 0.12
N VAL A 538 -36.03 -26.36 1.22
CA VAL A 538 -36.08 -24.90 1.12
C VAL A 538 -34.72 -24.35 0.71
N THR A 539 -33.64 -24.91 1.27
CA THR A 539 -32.31 -24.38 0.97
C THR A 539 -31.85 -24.74 -0.44
N ALA A 540 -32.15 -25.96 -0.90
CA ALA A 540 -31.72 -26.38 -2.22
C ALA A 540 -32.40 -25.58 -3.32
N THR A 541 -33.73 -25.44 -3.22
CA THR A 541 -34.45 -24.65 -4.21
C THR A 541 -34.01 -23.19 -4.20
N ALA A 542 -33.79 -22.64 -3.01
CA ALA A 542 -33.32 -21.26 -2.91
C ALA A 542 -31.95 -21.10 -3.57
N VAL A 543 -31.04 -22.04 -3.33
CA VAL A 543 -29.71 -21.97 -3.93
C VAL A 543 -29.80 -22.06 -5.45
N ILE A 544 -30.63 -22.98 -5.95
CA ILE A 544 -30.78 -23.13 -7.40
C ILE A 544 -31.35 -21.85 -8.01
N ILE A 545 -32.38 -21.28 -7.37
CA ILE A 545 -32.98 -20.05 -7.86
C ILE A 545 -31.96 -18.92 -7.87
N ASN A 546 -31.18 -18.79 -6.79
CA ASN A 546 -30.18 -17.74 -6.72
C ASN A 546 -29.12 -17.90 -7.81
N LEU A 547 -28.66 -19.14 -8.03
CA LEU A 547 -27.64 -19.37 -9.04
C LEU A 547 -28.14 -19.02 -10.43
N VAL A 548 -29.36 -19.47 -10.77
CA VAL A 548 -29.91 -19.17 -12.09
C VAL A 548 -30.14 -17.67 -12.25
N VAL A 549 -30.69 -17.03 -11.21
CA VAL A 549 -30.99 -15.61 -11.27
C VAL A 549 -29.72 -14.79 -11.44
N ILE A 550 -28.65 -15.17 -10.73
CA ILE A 550 -27.41 -14.40 -10.85
C ILE A 550 -26.64 -14.74 -12.12
N ILE A 551 -26.88 -15.92 -12.72
CA ILE A 551 -26.32 -16.17 -14.06
C ILE A 551 -26.96 -15.22 -15.06
N LEU A 552 -28.29 -15.14 -15.05
CA LEU A 552 -28.98 -14.19 -15.93
C LEU A 552 -28.59 -12.75 -15.61
N LEU A 553 -28.38 -12.45 -14.32
CA LEU A 553 -27.95 -11.13 -13.91
C LEU A 553 -26.56 -10.81 -14.45
N ASP A 554 -25.65 -11.79 -14.42
CA ASP A 554 -24.33 -11.58 -14.96
C ASP A 554 -24.38 -11.28 -16.45
N GLU A 555 -25.20 -12.01 -17.19
CA GLU A 555 -25.35 -11.73 -18.63
C GLU A 555 -25.90 -10.32 -18.85
N VAL A 556 -26.98 -9.98 -18.15
CA VAL A 556 -27.62 -8.68 -18.35
C VAL A 556 -26.67 -7.55 -17.94
N TYR A 557 -25.95 -7.73 -16.83
CA TYR A 557 -25.04 -6.69 -16.36
C TYR A 557 -23.84 -6.54 -17.28
N GLY A 558 -23.37 -7.63 -17.88
CA GLY A 558 -22.34 -7.51 -18.90
C GLY A 558 -22.81 -6.69 -20.09
N CYS A 559 -24.03 -6.95 -20.55
CA CYS A 559 -24.57 -6.17 -21.66
C CYS A 559 -24.71 -4.69 -21.29
N ILE A 560 -25.23 -4.42 -20.10
CA ILE A 560 -25.45 -3.02 -19.71
C ILE A 560 -24.12 -2.33 -19.45
N ALA A 561 -23.08 -3.06 -19.02
CA ALA A 561 -21.77 -2.47 -18.88
C ALA A 561 -21.16 -2.16 -20.24
N ARG A 562 -21.39 -3.04 -21.23
CA ARG A 562 -21.09 -2.72 -22.62
C ARG A 562 -21.71 -1.38 -23.00
N TRP A 563 -23.00 -1.21 -22.73
CA TRP A 563 -23.68 0.03 -23.12
C TRP A 563 -23.13 1.23 -22.35
N LEU A 564 -22.89 1.07 -21.04
CA LEU A 564 -22.39 2.17 -20.23
C LEU A 564 -21.02 2.63 -20.71
N THR A 565 -20.13 1.69 -21.03
CA THR A 565 -18.83 2.07 -21.55
C THR A 565 -18.95 2.69 -22.94
N LYS A 566 -19.92 2.25 -23.74
CA LYS A 566 -20.10 2.84 -25.06
C LYS A 566 -20.57 4.29 -24.96
N ILE A 567 -21.50 4.59 -24.05
CA ILE A 567 -22.08 5.92 -24.00
C ILE A 567 -21.05 6.96 -23.58
N GLU A 568 -20.13 6.61 -22.68
CA GLU A 568 -19.12 7.56 -22.22
C GLU A 568 -18.11 7.91 -23.29
N VAL A 569 -18.01 7.11 -24.36
CA VAL A 569 -17.15 7.41 -25.50
C VAL A 569 -15.69 7.53 -25.08
N PRO A 570 -15.03 6.44 -24.69
CA PRO A 570 -13.59 6.51 -24.43
C PRO A 570 -12.83 6.93 -25.68
N LYS A 571 -11.78 7.73 -25.46
CA LYS A 571 -11.01 8.26 -26.60
C LYS A 571 -10.33 7.15 -27.38
N THR A 572 -9.72 6.19 -26.68
CA THR A 572 -8.99 5.11 -27.31
C THR A 572 -9.62 3.76 -26.97
N GLU A 573 -9.29 2.76 -27.78
CA GLU A 573 -9.81 1.42 -27.54
C GLU A 573 -9.29 0.85 -26.23
N LYS A 574 -8.04 1.17 -25.88
CA LYS A 574 -7.45 0.65 -24.66
C LYS A 574 -8.18 1.17 -23.43
N SER A 575 -8.52 2.47 -23.43
CA SER A 575 -9.30 3.03 -22.33
C SER A 575 -10.69 2.43 -22.27
N PHE A 576 -11.30 2.18 -23.42
CA PHE A 576 -12.61 1.52 -23.47
C PHE A 576 -12.55 0.14 -22.83
N GLU A 577 -11.52 -0.64 -23.19
CA GLU A 577 -11.36 -1.96 -22.61
C GLU A 577 -11.12 -1.88 -21.11
N GLU A 578 -10.28 -0.92 -20.69
CA GLU A 578 -9.98 -0.72 -19.27
C GLU A 578 -11.24 -0.44 -18.47
N ARG A 579 -12.03 0.54 -18.92
CA ARG A 579 -13.22 0.95 -18.17
C ARG A 579 -14.27 -0.15 -18.19
N LEU A 580 -14.46 -0.82 -19.34
CA LEU A 580 -15.43 -1.90 -19.39
C LEU A 580 -15.01 -3.05 -18.47
N THR A 581 -13.71 -3.38 -18.44
CA THR A 581 -13.24 -4.43 -17.56
C THR A 581 -13.49 -4.07 -16.10
N PHE A 582 -13.23 -2.81 -15.74
CA PHE A 582 -13.46 -2.39 -14.35
C PHE A 582 -14.94 -2.50 -13.98
N LYS A 583 -15.82 -2.00 -14.86
CA LYS A 583 -17.26 -2.05 -14.57
C LYS A 583 -17.75 -3.49 -14.49
N ALA A 584 -17.35 -4.33 -15.45
CA ALA A 584 -17.79 -5.71 -15.45
C ALA A 584 -17.28 -6.47 -14.24
N PHE A 585 -16.03 -6.23 -13.84
CA PHE A 585 -15.51 -6.89 -12.66
C PHE A 585 -16.25 -6.44 -11.41
N LEU A 586 -16.57 -5.15 -11.30
CA LEU A 586 -17.30 -4.68 -10.13
C LEU A 586 -18.68 -5.33 -10.05
N LEU A 587 -19.38 -5.37 -11.18
CA LEU A 587 -20.72 -5.98 -11.18
C LEU A 587 -20.65 -7.47 -10.87
N LYS A 588 -19.69 -8.18 -11.47
CA LYS A 588 -19.54 -9.62 -11.22
C LYS A 588 -19.17 -9.88 -9.77
N PHE A 589 -18.30 -9.04 -9.19
CA PHE A 589 -17.94 -9.17 -7.79
C PHE A 589 -19.18 -9.01 -6.91
N VAL A 590 -20.00 -8.00 -7.19
CA VAL A 590 -21.20 -7.78 -6.38
C VAL A 590 -22.13 -8.98 -6.48
N ASN A 591 -22.42 -9.43 -7.71
CA ASN A 591 -23.35 -10.55 -7.90
C ASN A 591 -22.83 -11.82 -7.25
N SER A 592 -21.53 -12.08 -7.38
CA SER A 592 -20.97 -13.33 -6.87
C SER A 592 -20.84 -13.35 -5.34
N TYR A 593 -20.55 -12.19 -4.72
CA TYR A 593 -20.20 -12.19 -3.31
C TYR A 593 -21.27 -11.58 -2.40
N THR A 594 -22.37 -11.05 -2.94
CA THR A 594 -23.41 -10.51 -2.06
C THR A 594 -24.03 -11.58 -1.16
N PRO A 595 -24.54 -12.70 -1.67
CA PRO A 595 -25.13 -13.71 -0.77
C PRO A 595 -24.14 -14.28 0.22
N ILE A 596 -22.89 -14.48 -0.19
CA ILE A 596 -21.89 -15.03 0.73
C ILE A 596 -21.59 -14.05 1.86
N PHE A 597 -21.45 -12.76 1.52
CA PHE A 597 -21.23 -11.76 2.55
C PHE A 597 -22.43 -11.69 3.49
N TYR A 598 -23.64 -11.75 2.95
CA TYR A 598 -24.83 -11.73 3.80
C TYR A 598 -24.85 -12.91 4.77
N VAL A 599 -24.61 -14.12 4.25
CA VAL A 599 -24.65 -15.31 5.11
C VAL A 599 -23.53 -15.26 6.14
N ALA A 600 -22.37 -14.72 5.76
CA ALA A 600 -21.23 -14.71 6.67
C ALA A 600 -21.42 -13.69 7.79
N PHE A 601 -22.02 -12.54 7.49
CA PHE A 601 -22.03 -11.44 8.45
C PHE A 601 -23.42 -11.07 8.95
N PHE A 602 -24.38 -10.84 8.05
CA PHE A 602 -25.63 -10.20 8.42
C PHE A 602 -26.83 -11.15 8.41
N LYS A 603 -26.61 -12.46 8.37
CA LYS A 603 -27.72 -13.39 8.23
C LYS A 603 -28.56 -13.44 9.51
N GLY A 604 -27.97 -13.89 10.61
CA GLY A 604 -28.68 -14.02 11.85
C GLY A 604 -28.15 -13.12 12.95
N ARG A 605 -27.75 -11.91 12.59
CA ARG A 605 -27.10 -11.00 13.52
C ARG A 605 -28.02 -9.89 14.02
N PHE A 606 -28.96 -9.43 13.19
CA PHE A 606 -29.78 -8.26 13.52
C PHE A 606 -31.14 -8.64 14.08
N VAL A 607 -31.33 -9.89 14.50
CA VAL A 607 -32.56 -10.30 15.17
C VAL A 607 -32.47 -9.90 16.63
N GLY A 608 -33.60 -9.94 17.33
CA GLY A 608 -33.65 -9.59 18.73
C GLY A 608 -33.77 -10.81 19.64
N ARG A 609 -34.07 -10.54 20.90
CA ARG A 609 -34.26 -11.59 21.88
C ARG A 609 -35.57 -12.32 21.62
N PRO A 610 -35.74 -13.52 22.20
CA PRO A 610 -36.96 -14.30 21.96
C PRO A 610 -38.23 -13.58 22.38
N GLY A 611 -38.16 -12.69 23.37
CA GLY A 611 -39.33 -11.96 23.77
C GLY A 611 -39.61 -10.73 22.92
N ASP A 612 -38.60 -10.30 22.15
CA ASP A 612 -38.69 -9.10 21.30
C ASP A 612 -37.96 -9.38 20.00
N TYR A 613 -38.69 -9.83 18.99
CA TYR A 613 -38.10 -10.08 17.67
C TYR A 613 -38.23 -8.86 16.78
N VAL A 614 -37.48 -8.88 15.67
CA VAL A 614 -37.51 -7.83 14.67
C VAL A 614 -38.06 -8.43 13.38
N TYR A 615 -39.03 -7.74 12.78
CA TYR A 615 -39.73 -8.22 11.59
C TYR A 615 -39.47 -7.28 10.42
N ILE A 616 -39.09 -7.85 9.28
CA ILE A 616 -38.91 -7.08 8.06
C ILE A 616 -40.27 -6.89 7.40
N PHE A 617 -40.63 -5.63 7.13
CA PHE A 617 -41.95 -5.25 6.62
C PHE A 617 -43.07 -5.55 7.62
N ARG A 618 -42.69 -5.71 8.89
CA ARG A 618 -43.61 -6.04 10.00
C ARG A 618 -44.55 -7.19 9.66
N SER A 619 -44.09 -8.13 8.85
CA SER A 619 -44.89 -9.31 8.49
C SER A 619 -44.06 -10.57 8.60
N PHE A 620 -42.74 -10.45 8.44
CA PHE A 620 -41.85 -11.60 8.37
C PHE A 620 -40.77 -11.49 9.44
N ARG A 621 -40.57 -12.58 10.18
CA ARG A 621 -39.39 -12.70 11.03
C ARG A 621 -38.18 -12.95 10.13
N MET A 622 -37.17 -12.09 10.24
CA MET A 622 -36.16 -11.98 9.18
C MET A 622 -35.36 -13.26 8.93
N GLU A 623 -34.55 -13.71 9.89
CA GLU A 623 -33.75 -14.90 9.65
C GLU A 623 -33.08 -15.32 10.93
N GLU A 624 -32.98 -16.63 11.16
CA GLU A 624 -32.21 -17.18 12.27
C GLU A 624 -31.21 -18.19 11.73
N CYS A 625 -30.03 -18.23 12.36
CA CYS A 625 -29.01 -19.19 11.95
C CYS A 625 -29.50 -20.61 12.19
N ALA A 626 -29.08 -21.52 11.32
CA ALA A 626 -29.48 -22.91 11.46
C ALA A 626 -28.88 -23.49 12.75
N PRO A 627 -29.49 -24.55 13.28
CA PRO A 627 -28.96 -25.17 14.51
C PRO A 627 -27.52 -25.63 14.31
N GLY A 628 -26.61 -25.02 15.05
CA GLY A 628 -25.18 -25.24 14.91
C GLY A 628 -24.42 -24.03 14.42
N GLY A 629 -25.08 -22.92 14.16
CA GLY A 629 -24.42 -21.70 13.74
C GLY A 629 -24.52 -21.50 12.23
N CYS A 630 -24.20 -20.28 11.80
CA CYS A 630 -24.18 -19.93 10.39
C CYS A 630 -22.87 -20.25 9.70
N LEU A 631 -21.86 -20.71 10.45
CA LEU A 631 -20.61 -21.12 9.82
C LEU A 631 -20.82 -22.32 8.91
N MET A 632 -21.64 -23.28 9.34
CA MET A 632 -21.90 -24.45 8.51
C MET A 632 -22.63 -24.06 7.24
N GLU A 633 -23.57 -23.13 7.33
CA GLU A 633 -24.26 -22.66 6.13
C GLU A 633 -23.29 -21.99 5.17
N LEU A 634 -22.37 -21.18 5.70
CA LEU A 634 -21.35 -20.54 4.86
C LEU A 634 -20.47 -21.57 4.17
N CYS A 635 -20.06 -22.61 4.91
CA CYS A 635 -19.24 -23.66 4.33
C CYS A 635 -19.99 -24.41 3.22
N ILE A 636 -21.27 -24.72 3.46
CA ILE A 636 -22.07 -25.40 2.45
C ILE A 636 -22.22 -24.53 1.21
N GLN A 637 -22.48 -23.23 1.41
CA GLN A 637 -22.62 -22.34 0.27
C GLN A 637 -21.32 -22.23 -0.53
N LEU A 638 -20.19 -22.14 0.17
CA LEU A 638 -18.90 -22.07 -0.53
C LEU A 638 -18.62 -23.36 -1.31
N SER A 639 -18.91 -24.51 -0.70
CA SER A 639 -18.70 -25.78 -1.38
C SER A 639 -19.57 -25.88 -2.63
N ILE A 640 -20.85 -25.49 -2.51
CA ILE A 640 -21.75 -25.54 -3.66
C ILE A 640 -21.27 -24.61 -4.75
N ILE A 641 -20.84 -23.40 -4.37
CA ILE A 641 -20.42 -22.41 -5.37
C ILE A 641 -19.18 -22.89 -6.10
N MET A 642 -18.19 -23.43 -5.38
CA MET A 642 -16.94 -23.81 -6.01
C MET A 642 -16.96 -25.19 -6.65
N LEU A 643 -17.96 -26.02 -6.38
CA LEU A 643 -18.06 -27.32 -7.03
C LEU A 643 -19.17 -27.37 -8.08
N GLY A 644 -20.40 -27.09 -7.70
CA GLY A 644 -21.49 -27.18 -8.65
C GLY A 644 -21.43 -26.10 -9.73
N LYS A 645 -21.10 -24.87 -9.33
CA LYS A 645 -21.19 -23.74 -10.25
C LYS A 645 -19.87 -23.50 -10.98
N GLN A 646 -18.78 -23.27 -10.25
CA GLN A 646 -17.52 -22.91 -10.87
C GLN A 646 -16.86 -24.12 -11.56
N LEU A 647 -17.08 -25.32 -11.04
CA LEU A 647 -16.43 -26.51 -11.55
C LEU A 647 -17.31 -27.31 -12.51
N ILE A 648 -18.60 -27.43 -12.22
CA ILE A 648 -19.48 -28.28 -13.01
C ILE A 648 -20.27 -27.44 -14.01
N GLN A 649 -21.08 -26.51 -13.50
CA GLN A 649 -21.97 -25.74 -14.37
C GLN A 649 -21.19 -24.85 -15.33
N ASN A 650 -20.17 -24.15 -14.81
CA ASN A 650 -19.43 -23.19 -15.63
C ASN A 650 -18.66 -23.90 -16.75
N ASN A 651 -17.93 -24.96 -16.40
CA ASN A 651 -17.16 -25.68 -17.40
C ASN A 651 -18.07 -26.37 -18.41
N LEU A 652 -19.18 -26.95 -17.94
CA LEU A 652 -20.13 -27.57 -18.86
C LEU A 652 -20.72 -26.56 -19.83
N PHE A 653 -21.06 -25.37 -19.33
CA PHE A 653 -21.57 -24.31 -20.20
C PHE A 653 -20.52 -23.87 -21.20
N GLU A 654 -19.26 -23.74 -20.74
CA GLU A 654 -18.18 -23.36 -21.65
C GLU A 654 -18.02 -24.38 -22.76
N ILE A 655 -18.10 -25.67 -22.43
CA ILE A 655 -17.94 -26.71 -23.44
C ILE A 655 -19.14 -26.72 -24.39
N GLY A 656 -20.34 -26.55 -23.86
CA GLY A 656 -21.55 -26.76 -24.64
C GLY A 656 -22.06 -25.58 -25.45
N ILE A 657 -21.76 -24.34 -25.01
CA ILE A 657 -22.27 -23.17 -25.72
C ILE A 657 -21.74 -23.09 -27.14
N PRO A 658 -20.43 -23.17 -27.39
CA PRO A 658 -19.97 -23.20 -28.79
C PRO A 658 -20.53 -24.36 -29.59
N LYS A 659 -20.63 -25.55 -28.99
CA LYS A 659 -21.22 -26.69 -29.68
C LYS A 659 -22.69 -26.45 -29.99
N MET A 660 -23.42 -25.88 -29.02
CA MET A 660 -24.83 -25.59 -29.24
C MET A 660 -25.02 -24.58 -30.37
N LYS A 661 -24.21 -23.52 -30.37
CA LYS A 661 -24.34 -22.52 -31.42
C LYS A 661 -23.94 -23.08 -32.79
N LYS A 662 -22.91 -23.93 -32.83
CA LYS A 662 -22.53 -24.55 -34.09
C LYS A 662 -23.64 -25.47 -34.61
N PHE A 663 -24.26 -26.24 -33.71
CA PHE A 663 -25.38 -27.10 -34.10
C PHE A 663 -26.55 -26.27 -34.60
N ILE A 664 -26.84 -25.15 -33.93
CA ILE A 664 -27.93 -24.27 -34.37
C ILE A 664 -27.62 -23.70 -35.76
N ARG A 665 -26.39 -23.28 -35.98
CA ARG A 665 -26.00 -22.75 -37.30
C ARG A 665 -26.13 -23.82 -38.38
N TYR A 666 -25.73 -25.05 -38.07
CA TYR A 666 -25.89 -26.14 -39.03
C TYR A 666 -27.36 -26.40 -39.32
N LEU A 667 -28.20 -26.36 -38.28
CA LEU A 667 -29.63 -26.61 -38.47
C LEU A 667 -30.27 -25.56 -39.36
N LYS A 668 -29.93 -24.29 -39.15
CA LYS A 668 -30.50 -23.20 -39.95
C LYS A 668 -29.69 -22.97 -41.21
N ARG A 683 -10.52 -31.00 -48.45
CA ARG A 683 -11.51 -30.73 -49.49
C ARG A 683 -11.97 -29.28 -49.45
N LYS A 684 -12.64 -28.91 -48.36
CA LYS A 684 -13.10 -27.54 -48.20
C LYS A 684 -11.92 -26.59 -48.03
N GLN A 685 -12.09 -25.37 -48.54
CA GLN A 685 -11.03 -24.38 -48.47
C GLN A 685 -10.76 -23.98 -47.03
N ARG A 686 -9.52 -23.58 -46.75
CA ARG A 686 -9.11 -23.24 -45.39
C ARG A 686 -9.88 -22.04 -44.87
N TYR A 687 -10.09 -21.02 -45.71
CA TYR A 687 -10.79 -19.83 -45.25
C TYR A 687 -12.24 -20.15 -44.90
N GLU A 688 -12.87 -21.06 -45.66
CA GLU A 688 -14.25 -21.43 -45.36
C GLU A 688 -14.35 -22.14 -44.01
N VAL A 689 -13.47 -23.11 -43.76
CA VAL A 689 -13.51 -23.85 -42.51
C VAL A 689 -13.18 -22.94 -41.34
N ASP A 690 -12.26 -22.00 -41.52
CA ASP A 690 -12.00 -21.02 -40.48
C ASP A 690 -13.19 -20.10 -40.26
N PHE A 691 -13.91 -19.76 -41.34
CA PHE A 691 -15.11 -18.95 -41.21
C PHE A 691 -16.18 -19.68 -40.39
N ASN A 692 -16.31 -20.99 -40.59
CA ASN A 692 -17.26 -21.76 -39.79
C ASN A 692 -16.89 -21.79 -38.31
N LEU A 693 -15.61 -21.55 -37.98
CA LEU A 693 -15.18 -21.51 -36.59
C LEU A 693 -15.80 -20.31 -35.87
N GLU A 694 -15.96 -20.45 -34.56
CA GLU A 694 -16.51 -19.36 -33.76
C GLU A 694 -15.49 -18.21 -33.67
N PRO A 695 -15.94 -16.98 -33.78
CA PRO A 695 -15.02 -15.84 -33.64
C PRO A 695 -14.50 -15.73 -32.22
N PHE A 696 -13.27 -15.23 -32.12
CA PHE A 696 -12.66 -15.01 -30.81
C PHE A 696 -13.37 -13.88 -30.07
N ALA A 697 -13.67 -14.10 -28.80
CA ALA A 697 -14.34 -13.09 -27.99
C ALA A 697 -13.35 -12.21 -27.24
N GLY A 698 -12.39 -12.82 -26.57
CA GLY A 698 -11.40 -12.07 -25.82
C GLY A 698 -11.00 -12.82 -24.56
N LEU A 699 -9.99 -12.28 -23.89
CA LEU A 699 -9.48 -12.85 -22.65
C LEU A 699 -10.20 -12.32 -21.41
N THR A 700 -11.13 -11.37 -21.59
CA THR A 700 -11.83 -10.80 -20.44
C THR A 700 -12.65 -11.83 -19.68
N PRO A 701 -13.49 -12.66 -20.31
CA PRO A 701 -14.24 -13.66 -19.53
C PRO A 701 -13.37 -14.66 -18.79
N GLU A 702 -12.28 -15.10 -19.43
CA GLU A 702 -11.39 -16.07 -18.77
C GLU A 702 -10.73 -15.45 -17.54
N TYR A 703 -10.19 -14.24 -17.69
CA TYR A 703 -9.60 -13.55 -16.56
C TYR A 703 -10.64 -13.28 -15.48
N MET A 704 -11.87 -12.95 -15.88
CA MET A 704 -12.92 -12.70 -14.90
C MET A 704 -13.22 -13.95 -14.09
N GLU A 705 -13.33 -15.11 -14.75
CA GLU A 705 -13.55 -16.35 -14.02
C GLU A 705 -12.40 -16.65 -13.07
N MET A 706 -11.17 -16.48 -13.55
CA MET A 706 -10.01 -16.76 -12.70
C MET A 706 -9.94 -15.80 -11.51
N ILE A 707 -10.25 -14.52 -11.72
CA ILE A 707 -10.20 -13.55 -10.63
C ILE A 707 -11.30 -13.82 -9.63
N ILE A 708 -12.49 -14.21 -10.09
CA ILE A 708 -13.56 -14.57 -9.16
C ILE A 708 -13.16 -15.78 -8.33
N GLN A 709 -12.54 -16.78 -8.97
CA GLN A 709 -12.07 -17.94 -8.22
C GLN A 709 -10.98 -17.55 -7.22
N PHE A 710 -10.09 -16.64 -7.60
CA PHE A 710 -9.07 -16.15 -6.68
C PHE A 710 -9.69 -15.44 -5.49
N GLY A 711 -10.73 -14.63 -5.74
CA GLY A 711 -11.44 -14.00 -4.64
C GLY A 711 -12.09 -15.02 -3.73
N PHE A 712 -12.65 -16.09 -4.29
CA PHE A 712 -13.19 -17.16 -3.46
C PHE A 712 -12.10 -17.81 -2.62
N VAL A 713 -10.92 -18.03 -3.21
CA VAL A 713 -9.84 -18.71 -2.52
C VAL A 713 -9.29 -17.85 -1.38
N THR A 714 -9.19 -16.54 -1.59
CA THR A 714 -8.52 -15.67 -0.62
C THR A 714 -9.49 -15.05 0.39
N LEU A 715 -10.58 -14.45 -0.08
CA LEU A 715 -11.48 -13.72 0.80
C LEU A 715 -12.13 -14.64 1.83
N PHE A 716 -12.57 -15.83 1.40
CA PHE A 716 -13.22 -16.79 2.29
C PHE A 716 -12.36 -18.03 2.36
N VAL A 717 -11.35 -17.99 3.22
CA VAL A 717 -10.52 -19.17 3.49
C VAL A 717 -10.32 -19.43 4.97
N ALA A 718 -10.55 -18.45 5.85
CA ALA A 718 -10.39 -18.68 7.28
C ALA A 718 -11.44 -19.65 7.80
N SER A 719 -12.66 -19.56 7.27
CA SER A 719 -13.77 -20.41 7.70
C SER A 719 -13.99 -21.59 6.77
N PHE A 720 -13.14 -21.78 5.78
CA PHE A 720 -13.33 -22.85 4.79
C PHE A 720 -11.99 -23.24 4.18
N PRO A 721 -11.31 -24.22 4.76
CA PRO A 721 -10.20 -24.85 4.06
C PRO A 721 -10.70 -25.65 2.87
N LEU A 722 -9.75 -26.19 2.10
CA LEU A 722 -10.02 -26.98 0.90
C LEU A 722 -10.46 -26.10 -0.27
N ALA A 723 -10.63 -24.80 -0.04
CA ALA A 723 -10.89 -23.88 -1.14
C ALA A 723 -9.74 -23.87 -2.15
N PRO A 724 -8.48 -23.78 -1.73
CA PRO A 724 -7.38 -23.94 -2.70
C PRO A 724 -7.40 -25.28 -3.40
N LEU A 725 -7.85 -26.35 -2.75
CA LEU A 725 -7.92 -27.65 -3.41
C LEU A 725 -8.95 -27.65 -4.54
N PHE A 726 -10.14 -27.11 -4.25
CA PHE A 726 -11.17 -27.01 -5.29
C PHE A 726 -10.71 -26.10 -6.43
N ALA A 727 -10.06 -24.99 -6.09
CA ALA A 727 -9.51 -24.10 -7.12
C ALA A 727 -8.46 -24.81 -7.96
N LEU A 728 -7.62 -25.64 -7.31
CA LEU A 728 -6.60 -26.38 -8.05
C LEU A 728 -7.22 -27.37 -9.02
N LEU A 729 -8.26 -28.10 -8.57
CA LEU A 729 -8.93 -29.03 -9.46
C LEU A 729 -9.57 -28.29 -10.64
N ASN A 730 -10.24 -27.17 -10.36
CA ASN A 730 -10.89 -26.40 -11.41
C ASN A 730 -9.85 -25.86 -12.39
N ASN A 731 -8.70 -25.42 -11.89
CA ASN A 731 -7.66 -24.88 -12.78
C ASN A 731 -7.02 -26.00 -13.60
N ILE A 732 -6.87 -27.19 -13.02
CA ILE A 732 -6.34 -28.32 -13.76
C ILE A 732 -7.25 -28.65 -14.94
N ILE A 733 -8.57 -28.62 -14.70
CA ILE A 733 -9.50 -28.80 -15.82
C ILE A 733 -9.44 -27.60 -16.77
N GLU A 734 -9.29 -26.39 -16.22
CA GLU A 734 -9.49 -25.16 -16.98
C GLU A 734 -8.36 -24.92 -17.97
N ILE A 735 -7.12 -25.28 -17.61
CA ILE A 735 -6.00 -25.08 -18.52
C ILE A 735 -6.24 -25.85 -19.81
N ARG A 736 -6.56 -27.14 -19.69
CA ARG A 736 -6.81 -27.95 -20.87
C ARG A 736 -8.08 -27.53 -21.59
N LEU A 737 -9.11 -27.12 -20.84
CA LEU A 737 -10.35 -26.68 -21.48
C LEU A 737 -10.11 -25.44 -22.35
N ASP A 738 -9.41 -24.44 -21.80
CA ASP A 738 -9.12 -23.23 -22.56
C ASP A 738 -8.19 -23.52 -23.72
N ALA A 739 -7.20 -24.40 -23.53
CA ALA A 739 -6.31 -24.76 -24.64
C ALA A 739 -7.08 -25.43 -25.77
N LYS A 740 -7.98 -26.35 -25.43
CA LYS A 740 -8.78 -27.01 -26.45
C LYS A 740 -9.70 -26.02 -27.15
N LYS A 741 -10.31 -25.11 -26.40
CA LYS A 741 -11.18 -24.10 -27.00
C LYS A 741 -10.40 -23.22 -27.98
N PHE A 742 -9.20 -22.80 -27.60
CA PHE A 742 -8.40 -21.98 -28.50
C PHE A 742 -7.97 -22.75 -29.74
N VAL A 743 -7.49 -23.98 -29.56
CA VAL A 743 -6.93 -24.73 -30.68
C VAL A 743 -8.01 -25.15 -31.67
N THR A 744 -9.14 -25.67 -31.17
CA THR A 744 -10.11 -26.34 -32.02
C THR A 744 -11.33 -25.51 -32.35
N GLU A 745 -11.84 -24.71 -31.41
CA GLU A 745 -13.12 -24.05 -31.61
C GLU A 745 -12.99 -22.64 -32.20
N LEU A 746 -12.29 -21.76 -31.50
CA LEU A 746 -12.24 -20.35 -31.89
C LEU A 746 -11.39 -20.15 -33.14
N ARG A 747 -11.65 -19.06 -33.84
CA ARG A 747 -10.79 -18.64 -34.93
C ARG A 747 -9.46 -18.14 -34.37
N ARG A 748 -8.45 -18.10 -35.24
CA ARG A 748 -7.14 -17.63 -34.82
C ARG A 748 -7.19 -16.14 -34.50
N PRO A 749 -6.82 -15.71 -33.31
CA PRO A 749 -6.82 -14.28 -32.99
C PRO A 749 -5.74 -13.54 -33.77
N VAL A 750 -5.88 -12.22 -33.80
CA VAL A 750 -4.90 -11.38 -34.48
C VAL A 750 -3.53 -11.47 -33.84
N ALA A 751 -3.46 -11.86 -32.56
CA ALA A 751 -2.19 -12.03 -31.85
C ALA A 751 -1.46 -10.70 -31.68
N ILE A 752 -2.16 -9.73 -31.12
CA ILE A 752 -1.55 -8.44 -30.77
C ILE A 752 -0.64 -8.65 -29.57
N ARG A 753 0.22 -7.66 -29.29
CA ARG A 753 1.27 -7.77 -28.29
C ARG A 753 0.81 -7.25 -26.94
N ALA A 754 1.24 -7.91 -25.87
CA ALA A 754 1.08 -7.43 -24.52
C ALA A 754 2.27 -7.87 -23.69
N LYS A 755 2.70 -7.00 -22.78
CA LYS A 755 3.77 -7.31 -21.85
C LYS A 755 3.28 -7.45 -20.42
N ASP A 756 2.03 -7.11 -20.14
CA ASP A 756 1.46 -7.22 -18.81
C ASP A 756 0.05 -7.74 -18.92
N ILE A 757 -0.44 -8.34 -17.82
CA ILE A 757 -1.83 -8.78 -17.80
C ILE A 757 -2.78 -7.59 -17.70
N GLY A 758 -2.28 -6.42 -17.36
CA GLY A 758 -3.07 -5.20 -17.38
C GLY A 758 -3.74 -4.86 -16.06
N ILE A 759 -5.02 -4.47 -16.15
CA ILE A 759 -5.79 -4.11 -14.96
C ILE A 759 -6.01 -5.31 -14.04
N TRP A 760 -5.85 -6.53 -14.56
CA TRP A 760 -6.10 -7.71 -13.75
C TRP A 760 -5.12 -7.82 -12.59
N TYR A 761 -3.88 -7.37 -12.77
CA TYR A 761 -2.93 -7.36 -11.66
C TYR A 761 -3.39 -6.42 -10.56
N ASN A 762 -3.87 -5.23 -10.93
CA ASN A 762 -4.39 -4.31 -9.92
C ASN A 762 -5.61 -4.88 -9.22
N ILE A 763 -6.49 -5.54 -9.97
CA ILE A 763 -7.66 -6.18 -9.37
C ILE A 763 -7.24 -7.27 -8.39
N LEU A 764 -6.24 -8.07 -8.78
CA LEU A 764 -5.74 -9.12 -7.89
C LEU A 764 -5.15 -8.54 -6.62
N ARG A 765 -4.37 -7.46 -6.74
CA ARG A 765 -3.78 -6.84 -5.56
C ARG A 765 -4.87 -6.28 -4.64
N GLY A 766 -5.87 -5.63 -5.22
CA GLY A 766 -6.95 -5.10 -4.40
C GLY A 766 -7.75 -6.19 -3.71
N VAL A 767 -8.02 -7.30 -4.42
CA VAL A 767 -8.73 -8.41 -3.81
C VAL A 767 -7.91 -9.01 -2.68
N GLY A 768 -6.61 -9.16 -2.88
CA GLY A 768 -5.75 -9.66 -1.82
C GLY A 768 -5.73 -8.75 -0.61
N LYS A 769 -5.69 -7.44 -0.84
CA LYS A 769 -5.71 -6.49 0.27
C LYS A 769 -7.02 -6.56 1.05
N LEU A 770 -8.14 -6.64 0.33
CA LEU A 770 -9.44 -6.77 0.99
C LEU A 770 -9.61 -8.11 1.70
N ALA A 771 -8.89 -9.14 1.23
CA ALA A 771 -9.00 -10.46 1.84
C ALA A 771 -8.54 -10.45 3.29
N VAL A 772 -7.58 -9.59 3.64
CA VAL A 772 -7.11 -9.53 5.02
C VAL A 772 -8.23 -9.07 5.94
N ILE A 773 -8.91 -7.99 5.56
CA ILE A 773 -10.02 -7.48 6.37
C ILE A 773 -11.15 -8.49 6.43
N ILE A 774 -11.46 -9.11 5.28
CA ILE A 774 -12.56 -10.07 5.24
C ILE A 774 -12.25 -11.28 6.13
N ASN A 775 -11.01 -11.77 6.06
CA ASN A 775 -10.61 -12.91 6.90
C ASN A 775 -10.64 -12.55 8.37
N ALA A 776 -10.19 -11.34 8.72
CA ALA A 776 -10.22 -10.92 10.12
C ALA A 776 -11.66 -10.88 10.64
N PHE A 777 -12.57 -10.31 9.86
CA PHE A 777 -13.95 -10.23 10.29
C PHE A 777 -14.60 -11.61 10.34
N VAL A 778 -14.23 -12.50 9.42
CA VAL A 778 -14.76 -13.86 9.44
C VAL A 778 -14.30 -14.60 10.69
N ILE A 779 -13.02 -14.46 11.04
CA ILE A 779 -12.50 -15.13 12.22
C ILE A 779 -13.12 -14.55 13.49
N SER A 780 -13.35 -13.24 13.51
CA SER A 780 -13.79 -12.59 14.75
C SER A 780 -15.29 -12.72 14.98
N PHE A 781 -16.10 -12.69 13.93
CA PHE A 781 -17.55 -12.56 14.09
C PHE A 781 -18.34 -13.78 13.66
N THR A 782 -17.88 -14.55 12.67
CA THR A 782 -18.60 -15.71 12.21
C THR A 782 -17.87 -17.03 12.47
N SER A 783 -16.75 -17.00 13.18
CA SER A 783 -15.94 -18.20 13.39
C SER A 783 -16.15 -18.85 14.75
N ASP A 784 -16.65 -18.11 15.74
CA ASP A 784 -16.83 -18.58 17.12
C ASP A 784 -15.50 -18.83 17.83
N PHE A 785 -14.38 -18.43 17.22
CA PHE A 785 -13.06 -18.63 17.83
C PHE A 785 -12.82 -17.65 18.97
N ILE A 786 -13.22 -16.40 18.79
CA ILE A 786 -13.00 -15.39 19.84
C ILE A 786 -13.76 -15.71 21.12
N PRO A 787 -15.06 -16.06 21.07
CA PRO A 787 -15.75 -16.39 22.34
C PRO A 787 -15.13 -17.54 23.10
N ARG A 788 -14.59 -18.54 22.41
CA ARG A 788 -13.92 -19.64 23.10
C ARG A 788 -12.69 -19.15 23.86
N LEU A 789 -11.89 -18.31 23.22
CA LEU A 789 -10.72 -17.74 23.89
C LEU A 789 -11.13 -16.89 25.09
N VAL A 790 -12.18 -16.07 24.91
CA VAL A 790 -12.62 -15.19 25.98
C VAL A 790 -13.08 -16.01 27.18
N TYR A 791 -13.88 -17.05 26.93
CA TYR A 791 -14.33 -17.91 28.01
C TYR A 791 -13.15 -18.62 28.69
N LEU A 792 -12.20 -19.12 27.90
CA LEU A 792 -11.08 -19.86 28.45
C LEU A 792 -10.21 -18.97 29.33
N TYR A 793 -9.98 -17.72 28.91
CA TYR A 793 -9.04 -16.85 29.61
C TYR A 793 -9.69 -15.90 30.61
N MET A 794 -11.02 -15.81 30.67
CA MET A 794 -11.57 -14.98 31.73
C MET A 794 -12.65 -15.68 32.54
N TYR A 795 -13.46 -16.53 31.92
CA TYR A 795 -14.59 -17.16 32.58
C TYR A 795 -14.40 -18.65 32.82
N SER A 796 -13.28 -19.23 32.38
CA SER A 796 -13.10 -20.67 32.52
C SER A 796 -12.98 -21.10 33.98
N GLN A 797 -12.31 -20.29 34.80
CA GLN A 797 -12.04 -20.62 36.21
C GLN A 797 -11.11 -21.83 36.33
N ASN A 798 -11.60 -23.01 35.97
CA ASN A 798 -10.76 -24.20 35.98
C ASN A 798 -9.59 -24.08 35.01
N GLY A 799 -9.77 -23.31 33.93
CA GLY A 799 -8.75 -23.17 32.91
C GLY A 799 -8.96 -24.03 31.68
N THR A 800 -10.04 -24.80 31.63
CA THR A 800 -10.37 -25.65 30.50
C THR A 800 -11.57 -25.08 29.76
N MET A 801 -12.02 -25.80 28.74
CA MET A 801 -13.14 -25.38 27.91
C MET A 801 -14.47 -25.91 28.39
N HIS A 802 -14.51 -26.61 29.52
CA HIS A 802 -15.75 -27.17 30.03
C HIS A 802 -16.70 -26.06 30.46
N GLY A 803 -17.98 -26.24 30.16
CA GLY A 803 -18.99 -25.24 30.48
C GLY A 803 -19.11 -24.12 29.49
N PHE A 804 -18.41 -24.18 28.35
CA PHE A 804 -18.47 -23.11 27.38
C PHE A 804 -19.86 -23.01 26.74
N VAL A 805 -20.48 -24.15 26.44
CA VAL A 805 -21.80 -24.14 25.82
C VAL A 805 -22.83 -23.54 26.77
N ASN A 806 -22.76 -23.90 28.05
CA ASN A 806 -23.64 -23.29 29.04
C ASN A 806 -23.38 -21.80 29.16
N HIS A 807 -22.12 -21.40 29.06
CA HIS A 807 -21.78 -19.97 29.15
C HIS A 807 -22.38 -19.20 27.98
N THR A 808 -22.34 -19.77 26.77
CA THR A 808 -22.82 -19.07 25.58
C THR A 808 -24.33 -19.10 25.44
N LEU A 809 -25.02 -19.92 26.21
CA LEU A 809 -26.48 -20.03 26.12
C LEU A 809 -27.14 -19.26 27.26
N SER A 810 -28.16 -18.47 26.92
CA SER A 810 -28.90 -17.68 27.88
C SER A 810 -30.33 -18.20 27.97
N SER A 811 -30.89 -18.19 29.18
CA SER A 811 -32.22 -18.72 29.41
C SER A 811 -33.28 -17.67 29.07
N PHE A 812 -34.45 -18.16 28.66
CA PHE A 812 -35.58 -17.30 28.34
C PHE A 812 -36.86 -17.94 28.87
N ASN A 813 -37.70 -17.14 29.49
CA ASN A 813 -38.97 -17.61 30.02
C ASN A 813 -39.99 -17.73 28.88
N VAL A 814 -40.55 -18.92 28.69
CA VAL A 814 -41.48 -19.14 27.59
C VAL A 814 -42.76 -18.33 27.74
N SER A 815 -43.10 -17.90 28.96
CA SER A 815 -44.29 -17.10 29.18
C SER A 815 -44.15 -15.68 28.65
N ASP A 816 -42.95 -15.27 28.25
CA ASP A 816 -42.70 -13.90 27.79
C ASP A 816 -42.85 -13.75 26.27
N PHE A 817 -43.29 -14.78 25.57
CA PHE A 817 -43.51 -14.66 24.14
C PHE A 817 -44.58 -13.62 23.85
N GLN A 818 -44.41 -12.90 22.74
CA GLN A 818 -45.19 -11.69 22.48
C GLN A 818 -46.49 -11.97 21.73
N ASN A 819 -47.30 -12.89 22.26
CA ASN A 819 -48.69 -13.09 21.86
C ASN A 819 -48.82 -13.38 20.36
N GLY A 820 -48.28 -14.53 19.98
CA GLY A 820 -48.37 -14.96 18.60
C GLY A 820 -47.04 -15.46 18.06
N THR A 821 -46.04 -15.49 18.93
CA THR A 821 -44.70 -15.93 18.56
C THR A 821 -44.33 -17.27 19.21
N ALA A 822 -45.09 -17.72 20.20
CA ALA A 822 -44.85 -19.03 20.80
C ALA A 822 -45.16 -20.12 19.78
N PRO A 823 -44.58 -21.30 19.97
CA PRO A 823 -44.81 -22.40 19.01
C PRO A 823 -46.28 -22.77 18.92
N ASN A 824 -46.74 -23.04 17.70
CA ASN A 824 -48.14 -23.38 17.50
C ASN A 824 -48.49 -24.69 18.18
N ASP A 825 -47.62 -25.69 18.07
CA ASP A 825 -47.83 -26.99 18.70
C ASP A 825 -46.58 -27.37 19.49
N PRO A 826 -46.56 -27.11 20.79
CA PRO A 826 -45.46 -27.61 21.63
C PRO A 826 -45.39 -29.12 21.56
N LEU A 827 -44.23 -29.64 21.15
CA LEU A 827 -44.09 -31.07 20.89
C LEU A 827 -44.34 -31.89 22.15
N ASP A 828 -43.78 -31.46 23.27
CA ASP A 828 -43.93 -32.18 24.54
C ASP A 828 -43.40 -33.60 24.43
N LEU A 829 -42.11 -33.70 24.11
CA LEU A 829 -41.48 -35.00 23.90
C LEU A 829 -41.56 -35.86 25.16
N GLY A 830 -41.10 -35.31 26.28
CA GLY A 830 -41.23 -36.00 27.56
C GLY A 830 -41.45 -35.05 28.70
N TYR A 831 -41.80 -33.80 28.37
CA TYR A 831 -41.87 -32.73 29.35
C TYR A 831 -42.56 -31.54 28.72
N GLU A 832 -42.83 -30.52 29.54
CA GLU A 832 -43.33 -29.24 29.08
C GLU A 832 -42.25 -28.19 29.29
N VAL A 833 -42.00 -27.38 28.26
CA VAL A 833 -40.89 -26.43 28.29
C VAL A 833 -41.30 -25.22 29.12
N GLN A 834 -40.55 -24.97 30.20
CA GLN A 834 -40.74 -23.77 31.00
C GLN A 834 -39.72 -22.69 30.68
N ILE A 835 -38.52 -23.09 30.24
CA ILE A 835 -37.45 -22.14 29.92
C ILE A 835 -36.65 -22.67 28.75
N CYS A 836 -36.62 -21.94 27.64
CA CYS A 836 -35.86 -22.31 26.46
C CYS A 836 -34.56 -21.51 26.40
N ARG A 837 -33.50 -22.15 25.94
CA ARG A 837 -32.18 -21.54 25.89
C ARG A 837 -31.90 -20.98 24.50
N TYR A 838 -31.06 -19.95 24.48
CA TYR A 838 -30.62 -19.31 23.25
C TYR A 838 -29.29 -18.62 23.51
N LYS A 839 -28.58 -18.31 22.43
CA LYS A 839 -27.24 -17.72 22.52
C LYS A 839 -27.30 -16.26 22.08
N ASP A 840 -27.41 -15.36 23.06
CA ASP A 840 -27.39 -13.94 22.77
C ASP A 840 -26.57 -13.12 23.76
N TYR A 841 -26.01 -13.73 24.80
CA TYR A 841 -25.30 -13.00 25.86
C TYR A 841 -26.22 -11.98 26.53
N ARG A 842 -27.34 -12.50 27.05
CA ARG A 842 -28.33 -11.68 27.73
C ARG A 842 -28.61 -12.26 29.10
N GLU A 843 -28.99 -11.38 30.03
CA GLU A 843 -29.12 -11.79 31.41
C GLU A 843 -30.41 -12.57 31.65
N PRO A 844 -30.44 -13.45 32.64
CA PRO A 844 -31.52 -14.42 32.77
C PRO A 844 -32.82 -13.78 33.23
N PRO A 845 -33.94 -14.50 33.09
CA PRO A 845 -35.23 -13.94 33.55
C PRO A 845 -35.29 -13.65 35.03
N TRP A 846 -34.54 -14.38 35.86
CA TRP A 846 -34.57 -14.21 37.31
C TRP A 846 -33.67 -13.09 37.79
N SER A 847 -33.30 -12.16 36.91
CA SER A 847 -32.52 -10.99 37.27
C SER A 847 -33.36 -9.74 37.07
N GLU A 848 -32.94 -8.65 37.73
CA GLU A 848 -33.67 -7.40 37.62
C GLU A 848 -33.64 -6.87 36.19
N HIS A 849 -32.49 -6.91 35.54
CA HIS A 849 -32.35 -6.47 34.15
C HIS A 849 -32.41 -7.68 33.21
N LYS A 850 -33.55 -8.35 33.22
CA LYS A 850 -33.73 -9.55 32.41
C LYS A 850 -33.78 -9.21 30.93
N TYR A 851 -33.08 -10.01 30.12
CA TYR A 851 -33.04 -9.92 28.66
C TYR A 851 -32.24 -8.73 28.16
N ASP A 852 -31.68 -7.91 29.04
CA ASP A 852 -30.80 -6.83 28.60
C ASP A 852 -29.42 -7.40 28.25
N ILE A 853 -28.66 -6.62 27.49
CA ILE A 853 -27.32 -7.03 27.09
C ILE A 853 -26.45 -7.12 28.32
N SER A 854 -25.77 -8.25 28.48
CA SER A 854 -24.94 -8.49 29.65
C SER A 854 -23.53 -7.92 29.44
N LYS A 855 -22.74 -7.96 30.51
CA LYS A 855 -21.35 -7.53 30.42
C LYS A 855 -20.53 -8.46 29.55
N ASP A 856 -20.90 -9.75 29.51
CA ASP A 856 -20.17 -10.71 28.69
C ASP A 856 -20.27 -10.37 27.22
N PHE A 857 -21.43 -9.87 26.78
CA PHE A 857 -21.57 -9.44 25.39
C PHE A 857 -20.58 -8.36 25.03
N TRP A 858 -20.46 -7.34 25.89
CA TRP A 858 -19.54 -6.24 25.62
C TRP A 858 -18.10 -6.70 25.68
N ALA A 859 -17.77 -7.58 26.63
CA ALA A 859 -16.40 -8.11 26.71
C ALA A 859 -16.05 -8.90 25.45
N VAL A 860 -16.96 -9.74 24.98
CA VAL A 860 -16.70 -10.55 23.79
C VAL A 860 -16.61 -9.66 22.55
N LEU A 861 -17.45 -8.62 22.47
CA LEU A 861 -17.38 -7.69 21.34
C LEU A 861 -16.05 -6.95 21.34
N ALA A 862 -15.58 -6.52 22.52
CA ALA A 862 -14.28 -5.86 22.60
C ALA A 862 -13.17 -6.81 22.19
N ALA A 863 -13.26 -8.08 22.60
CA ALA A 863 -12.26 -9.07 22.17
C ALA A 863 -12.28 -9.25 20.66
N ARG A 864 -13.47 -9.30 20.06
CA ARG A 864 -13.59 -9.43 18.61
C ARG A 864 -12.93 -8.25 17.91
N LEU A 865 -13.23 -7.03 18.37
CA LEU A 865 -12.68 -5.85 17.72
C LEU A 865 -11.16 -5.77 17.89
N ALA A 866 -10.67 -6.11 19.08
CA ALA A 866 -9.22 -6.12 19.30
C ALA A 866 -8.53 -7.13 18.41
N PHE A 867 -9.12 -8.32 18.28
CA PHE A 867 -8.56 -9.33 17.39
C PHE A 867 -8.58 -8.85 15.94
N VAL A 868 -9.65 -8.18 15.53
CA VAL A 868 -9.72 -7.65 14.17
C VAL A 868 -8.59 -6.66 13.93
N ILE A 869 -8.39 -5.74 14.88
CA ILE A 869 -7.34 -4.73 14.74
C ILE A 869 -5.97 -5.40 14.65
N VAL A 870 -5.69 -6.31 15.58
CA VAL A 870 -4.37 -6.94 15.64
C VAL A 870 -4.12 -7.77 14.39
N PHE A 871 -5.10 -8.56 13.98
CA PHE A 871 -4.95 -9.41 12.80
C PHE A 871 -4.74 -8.58 11.55
N GLN A 872 -5.54 -7.53 11.37
CA GLN A 872 -5.40 -6.71 10.17
C GLN A 872 -4.03 -6.04 10.13
N ASN A 873 -3.61 -5.43 11.24
CA ASN A 873 -2.32 -4.74 11.25
C ASN A 873 -1.17 -5.71 11.03
N LEU A 874 -1.17 -6.84 11.74
CA LEU A 874 -0.08 -7.80 11.62
C LEU A 874 -0.01 -8.41 10.23
N VAL A 875 -1.17 -8.77 9.65
CA VAL A 875 -1.17 -9.39 8.33
C VAL A 875 -0.75 -8.39 7.27
N MET A 876 -1.19 -7.12 7.40
CA MET A 876 -0.75 -6.10 6.46
C MET A 876 0.75 -5.89 6.55
N PHE A 877 1.30 -5.86 7.76
CA PHE A 877 2.74 -5.71 7.91
C PHE A 877 3.49 -6.90 7.32
N MET A 878 2.98 -8.12 7.53
CA MET A 878 3.62 -9.30 6.98
C MET A 878 3.60 -9.29 5.47
N SER A 879 2.46 -8.90 4.88
CA SER A 879 2.38 -8.83 3.42
C SER A 879 3.32 -7.76 2.87
N ASP A 880 3.41 -6.61 3.53
CA ASP A 880 4.33 -5.58 3.10
C ASP A 880 5.78 -6.05 3.21
N PHE A 881 6.11 -6.78 4.28
CA PHE A 881 7.45 -7.31 4.43
C PHE A 881 7.77 -8.32 3.33
N VAL A 882 6.81 -9.18 3.00
CA VAL A 882 7.03 -10.15 1.92
C VAL A 882 7.23 -9.43 0.59
N ASP A 883 6.45 -8.38 0.34
CA ASP A 883 6.63 -7.61 -0.88
C ASP A 883 8.00 -6.95 -0.92
N TRP A 884 8.44 -6.40 0.22
CA TRP A 884 9.68 -5.63 0.24
C TRP A 884 10.91 -6.53 0.16
N VAL A 885 10.86 -7.72 0.77
CA VAL A 885 12.02 -8.59 0.77
C VAL A 885 12.30 -9.14 -0.62
N ILE A 886 11.26 -9.56 -1.33
CA ILE A 886 11.42 -10.21 -2.63
C ILE A 886 11.58 -9.15 -3.72
N PRO A 887 12.70 -9.11 -4.43
CA PRO A 887 12.85 -8.14 -5.51
C PRO A 887 11.87 -8.41 -6.65
N ASP A 888 11.44 -7.32 -7.30
CA ASP A 888 10.48 -7.44 -8.39
C ASP A 888 11.10 -8.12 -9.60
N ILE A 889 12.29 -7.69 -10.01
CA ILE A 889 12.99 -8.25 -11.16
C ILE A 889 14.11 -9.15 -10.64
N PRO A 890 14.17 -10.42 -11.02
CA PRO A 890 15.27 -11.28 -10.58
C PRO A 890 16.60 -10.75 -11.08
N LYS A 891 17.65 -10.95 -10.26
CA LYS A 891 18.97 -10.43 -10.60
C LYS A 891 19.51 -11.07 -11.87
N ASP A 892 19.18 -12.34 -12.12
CA ASP A 892 19.67 -13.02 -13.31
C ASP A 892 19.19 -12.33 -14.58
N ILE A 893 17.90 -11.95 -14.62
CA ILE A 893 17.35 -11.29 -15.80
C ILE A 893 18.03 -9.94 -16.02
N SER A 894 18.23 -9.18 -14.94
CA SER A 894 18.87 -7.87 -15.07
C SER A 894 20.31 -8.00 -15.57
N GLN A 895 21.06 -8.94 -15.01
CA GLN A 895 22.45 -9.12 -15.44
C GLN A 895 22.52 -9.61 -16.88
N GLN A 896 21.61 -10.50 -17.28
CA GLN A 896 21.58 -10.97 -18.67
C GLN A 896 21.23 -9.83 -19.61
N ILE A 897 20.29 -8.97 -19.21
CA ILE A 897 19.93 -7.81 -20.04
C ILE A 897 21.13 -6.88 -20.19
N HIS A 898 21.85 -6.63 -19.10
CA HIS A 898 23.02 -5.76 -19.17
C HIS A 898 24.09 -6.35 -20.09
N LYS A 899 24.35 -7.66 -19.96
CA LYS A 899 25.35 -8.30 -20.81
C LYS A 899 24.92 -8.26 -22.28
N GLU A 900 23.63 -8.49 -22.54
CA GLU A 900 23.13 -8.43 -23.91
C GLU A 900 23.27 -7.03 -24.48
N LYS A 901 22.98 -6.01 -23.66
CA LYS A 901 23.14 -4.63 -24.12
C LYS A 901 24.58 -4.31 -24.43
N VAL A 902 25.51 -4.77 -23.58
CA VAL A 902 26.93 -4.54 -23.83
C VAL A 902 27.36 -5.22 -25.13
N LEU A 903 26.95 -6.46 -25.34
CA LEU A 903 27.31 -7.16 -26.57
C LEU A 903 26.71 -6.48 -27.78
N MET A 904 25.46 -6.02 -27.67
CA MET A 904 24.81 -5.36 -28.80
C MET A 904 25.49 -4.05 -29.14
N VAL A 905 25.87 -3.26 -28.14
CA VAL A 905 26.55 -1.99 -28.43
C VAL A 905 27.94 -2.25 -29.01
N GLU A 906 28.63 -3.29 -28.52
CA GLU A 906 29.92 -3.64 -29.09
C GLU A 906 29.78 -4.04 -30.56
N LEU A 907 28.76 -4.83 -30.89
CA LEU A 907 28.52 -5.19 -32.28
C LEU A 907 28.12 -3.97 -33.12
N PHE A 908 27.33 -3.06 -32.54
CA PHE A 908 26.86 -1.88 -33.26
C PHE A 908 28.03 -0.97 -33.64
N MET A 909 28.96 -0.75 -32.70
CA MET A 909 30.11 0.09 -33.02
C MET A 909 31.12 -0.63 -33.89
N ARG A 910 31.04 -1.95 -33.99
CA ARG A 910 31.94 -2.71 -34.84
C ARG A 910 31.20 -3.29 -36.04
N MET B 117 43.16 34.00 -6.61
CA MET B 117 42.98 35.31 -7.23
C MET B 117 42.33 35.19 -8.60
N ASP B 118 43.16 35.13 -9.65
CA ASP B 118 42.69 35.02 -11.03
C ASP B 118 43.32 33.80 -11.68
N TYR B 119 42.50 32.77 -11.93
CA TYR B 119 42.94 31.56 -12.61
C TYR B 119 41.69 30.77 -13.01
N HIS B 120 41.88 29.55 -13.47
CA HIS B 120 40.81 28.62 -13.80
C HIS B 120 41.07 27.26 -13.16
N GLU B 121 41.58 27.27 -11.94
CA GLU B 121 41.93 26.03 -11.25
C GLU B 121 40.66 25.32 -10.81
N ASP B 122 40.60 24.00 -11.04
CA ASP B 122 39.36 23.25 -10.90
C ASP B 122 39.29 22.29 -9.73
N ASP B 123 40.39 22.04 -9.03
CA ASP B 123 40.34 21.18 -7.85
C ASP B 123 41.56 21.46 -7.00
N LYS B 124 41.49 21.03 -5.74
CA LYS B 124 42.50 21.36 -4.74
C LYS B 124 42.89 20.10 -3.96
N ARG B 125 44.09 19.59 -4.21
CA ARG B 125 44.65 18.53 -3.40
C ARG B 125 45.43 19.12 -2.24
N PHE B 126 45.18 18.61 -1.05
CA PHE B 126 45.82 19.12 0.16
C PHE B 126 46.38 17.96 0.97
N ARG B 127 47.62 18.11 1.44
CA ARG B 127 48.29 17.07 2.19
C ARG B 127 49.08 17.70 3.33
N ARG B 128 49.33 16.90 4.36
CA ARG B 128 50.07 17.37 5.52
C ARG B 128 51.54 17.53 5.17
N GLU B 129 52.05 18.75 5.29
CA GLU B 129 53.45 19.02 4.98
C GLU B 129 54.37 18.31 5.97
N GLU B 130 55.48 17.79 5.46
CA GLU B 130 56.45 17.11 6.30
C GLU B 130 57.62 18.04 6.62
N LEU B 165 55.52 5.45 7.79
CA LEU B 165 56.61 6.41 7.81
C LEU B 165 56.23 7.70 7.09
N CYS B 166 56.79 8.82 7.55
CA CYS B 166 56.51 10.10 6.92
C CYS B 166 57.01 10.14 5.48
N ARG B 167 58.22 9.65 5.24
CA ARG B 167 58.76 9.64 3.89
C ARG B 167 57.99 8.68 2.98
N GLU B 168 57.57 7.53 3.53
CA GLU B 168 56.79 6.59 2.74
C GLU B 168 55.45 7.19 2.32
N ALA B 169 54.79 7.89 3.23
CA ALA B 169 53.52 8.54 2.89
C ALA B 169 53.70 9.63 1.85
N GLU B 170 54.82 10.36 1.91
CA GLU B 170 55.07 11.40 0.93
C GLU B 170 55.25 10.82 -0.46
N PHE B 171 55.79 9.61 -0.57
CA PHE B 171 55.97 8.98 -1.87
C PHE B 171 54.63 8.66 -2.53
N LEU B 172 53.63 8.30 -1.73
CA LEU B 172 52.33 7.93 -2.28
C LEU B 172 51.68 9.09 -3.03
N LYS B 173 51.80 10.30 -2.50
CA LYS B 173 51.27 11.48 -3.16
C LYS B 173 52.17 11.98 -4.27
N LEU B 174 53.36 11.39 -4.44
CA LEU B 174 54.23 11.74 -5.56
C LEU B 174 53.95 10.90 -6.80
N LYS B 175 53.26 9.78 -6.67
CA LYS B 175 52.98 8.90 -7.79
C LYS B 175 51.59 9.08 -8.38
N MET B 176 50.61 9.44 -7.55
CA MET B 176 49.26 9.69 -8.07
C MET B 176 49.23 10.83 -9.08
N PRO B 177 49.79 12.01 -8.79
CA PRO B 177 49.83 13.06 -9.83
C PRO B 177 50.60 12.64 -11.08
N THR B 178 51.67 11.85 -10.91
CA THR B 178 52.40 11.34 -12.06
C THR B 178 51.52 10.43 -12.91
N LYS B 179 50.71 9.59 -12.26
CA LYS B 179 49.79 8.71 -12.98
C LYS B 179 48.65 9.47 -13.66
N LYS B 180 48.46 10.75 -13.31
CA LYS B 180 47.43 11.57 -13.95
C LYS B 180 48.02 12.80 -14.62
N VAL B 181 49.33 12.78 -14.93
CA VAL B 181 49.95 13.91 -15.62
C VAL B 181 49.33 14.09 -16.99
N TYR B 182 49.12 13.00 -17.72
CA TYR B 182 48.50 13.07 -19.04
C TYR B 182 47.01 13.36 -18.98
N HIS B 183 46.39 13.19 -17.82
CA HIS B 183 44.96 13.47 -17.64
C HIS B 183 44.70 14.89 -17.16
N ILE B 184 45.38 15.31 -16.10
CA ILE B 184 45.16 16.60 -15.47
C ILE B 184 46.50 17.29 -15.24
N SER B 185 46.57 18.58 -15.56
CA SER B 185 47.78 19.37 -15.35
C SER B 185 47.62 20.16 -14.06
N GLU B 186 48.48 19.89 -13.08
CA GLU B 186 48.41 20.52 -11.78
C GLU B 186 49.46 21.61 -11.67
N THR B 187 49.35 22.39 -10.60
CA THR B 187 50.38 23.32 -10.19
C THR B 187 50.61 23.15 -8.69
N ARG B 188 51.85 23.35 -8.27
CA ARG B 188 52.23 23.17 -6.88
C ARG B 188 52.30 24.53 -6.18
N GLY B 189 51.64 24.63 -5.04
CA GLY B 189 51.70 25.85 -4.25
C GLY B 189 52.46 25.67 -2.96
N LEU B 190 53.65 26.27 -2.87
CA LEU B 190 54.49 26.13 -1.69
C LEU B 190 53.97 27.08 -0.61
N LEU B 191 52.94 26.61 0.09
CA LEU B 191 52.32 27.42 1.14
C LEU B 191 53.25 27.51 2.35
N LYS B 192 52.83 28.28 3.34
CA LYS B 192 53.62 28.51 4.54
C LYS B 192 53.20 27.67 5.74
N THR B 193 51.93 27.24 5.78
CA THR B 193 51.42 26.51 6.94
C THR B 193 51.50 24.99 6.75
N ILE B 194 50.79 24.45 5.76
CA ILE B 194 50.75 23.02 5.54
C ILE B 194 50.96 22.65 4.07
N ASN B 195 51.15 23.63 3.18
CA ASN B 195 51.36 23.39 1.76
C ASN B 195 50.09 22.87 1.09
N SER B 196 49.88 23.24 -0.18
CA SER B 196 48.68 22.85 -0.90
C SER B 196 49.01 22.70 -2.38
N VAL B 197 48.16 21.96 -3.08
CA VAL B 197 48.37 21.63 -4.48
C VAL B 197 47.14 22.05 -5.28
N LEU B 198 47.38 22.68 -6.42
CA LEU B 198 46.34 23.11 -7.34
C LEU B 198 46.09 22.04 -8.40
N GLN B 199 44.92 22.11 -9.03
CA GLN B 199 44.57 21.21 -10.12
C GLN B 199 43.91 22.00 -11.24
N LYS B 200 44.16 21.56 -12.47
CA LYS B 200 43.59 22.20 -13.65
C LYS B 200 43.26 21.14 -14.67
N ILE B 201 42.16 21.32 -15.39
CA ILE B 201 41.75 20.42 -16.46
C ILE B 201 41.75 21.20 -17.76
N THR B 202 42.37 20.63 -18.79
CA THR B 202 42.49 21.31 -20.07
C THR B 202 41.20 21.17 -20.87
N ASP B 203 41.05 22.05 -21.87
CA ASP B 203 39.86 22.02 -22.71
C ASP B 203 39.69 20.71 -23.47
N PRO B 204 40.72 20.17 -24.13
CA PRO B 204 40.53 18.88 -24.83
C PRO B 204 40.10 17.73 -23.92
N ILE B 205 40.55 17.71 -22.67
CA ILE B 205 40.18 16.63 -21.78
C ILE B 205 38.69 16.65 -21.47
N GLN B 206 38.07 17.83 -21.54
CA GLN B 206 36.64 17.94 -21.20
C GLN B 206 35.76 17.08 -22.09
N PRO B 207 35.83 17.17 -23.42
CA PRO B 207 35.00 16.26 -24.25
C PRO B 207 35.35 14.80 -24.06
N LYS B 208 36.62 14.48 -23.80
CA LYS B 208 37.00 13.09 -23.59
C LYS B 208 36.31 12.50 -22.36
N VAL B 209 36.25 13.27 -21.28
CA VAL B 209 35.61 12.79 -20.07
C VAL B 209 34.11 13.08 -20.05
N ALA B 210 33.69 14.19 -20.63
CA ALA B 210 32.26 14.49 -20.71
C ALA B 210 31.53 13.53 -21.64
N GLU B 211 32.24 12.92 -22.58
CA GLU B 211 31.64 11.93 -23.47
C GLU B 211 31.80 10.50 -22.96
N HIS B 212 32.51 10.30 -21.85
CA HIS B 212 32.60 8.96 -21.27
C HIS B 212 31.24 8.47 -20.81
N ARG B 213 30.43 9.36 -20.24
CA ARG B 213 29.04 9.11 -19.90
C ARG B 213 28.19 10.22 -20.51
N PRO B 214 26.90 9.96 -20.69
CA PRO B 214 26.02 10.99 -21.29
C PRO B 214 25.99 12.27 -20.50
N GLN B 215 26.49 13.36 -21.10
CA GLN B 215 26.57 14.66 -20.47
C GLN B 215 25.72 15.63 -21.29
N THR B 216 24.44 15.72 -20.95
CA THR B 216 23.51 16.56 -21.70
C THR B 216 23.89 18.03 -21.57
N THR B 217 23.86 18.74 -22.69
CA THR B 217 24.13 20.16 -22.75
C THR B 217 23.05 20.85 -23.58
N LYS B 218 22.71 22.08 -23.20
CA LYS B 218 21.67 22.81 -23.89
C LYS B 218 22.11 23.15 -25.31
N ARG B 219 21.29 22.77 -26.29
CA ARG B 219 21.62 22.94 -27.70
C ARG B 219 21.05 24.26 -28.21
N LEU B 220 21.10 24.45 -29.53
CA LEU B 220 20.72 25.73 -30.12
C LEU B 220 19.20 25.85 -30.28
N SER B 221 18.54 24.79 -30.74
CA SER B 221 17.09 24.84 -30.96
C SER B 221 16.35 25.05 -29.64
N TYR B 222 15.30 25.87 -29.69
CA TYR B 222 14.54 26.24 -28.50
C TYR B 222 13.07 26.41 -28.85
N PRO B 223 12.37 25.31 -29.11
CA PRO B 223 10.92 25.40 -29.30
C PRO B 223 10.24 25.73 -27.97
N PHE B 224 9.35 26.73 -28.00
CA PHE B 224 8.69 27.23 -26.80
C PHE B 224 9.71 27.78 -25.80
N SER B 225 10.82 28.33 -26.32
CA SER B 225 11.87 28.90 -25.48
C SER B 225 12.47 27.85 -24.54
N ARG B 226 12.87 26.71 -25.12
CA ARG B 226 13.42 25.60 -24.35
C ARG B 226 14.61 25.03 -25.14
N GLU B 227 15.82 25.34 -24.67
CA GLU B 227 17.02 24.81 -25.32
C GLU B 227 17.08 23.30 -25.16
N LYS B 228 17.39 22.61 -26.25
CA LYS B 228 17.38 21.16 -26.26
C LYS B 228 18.63 20.62 -25.57
N GLN B 229 18.44 19.62 -24.71
CA GLN B 229 19.54 18.98 -24.00
C GLN B 229 19.94 17.72 -24.75
N HIS B 230 21.15 17.72 -25.31
CA HIS B 230 21.65 16.59 -26.08
C HIS B 230 23.04 16.23 -25.57
N LEU B 231 23.41 14.96 -25.77
CA LEU B 231 24.70 14.46 -25.28
C LEU B 231 25.86 15.19 -25.96
N PHE B 232 25.98 15.02 -27.28
CA PHE B 232 27.07 15.68 -28.02
C PHE B 232 26.58 15.89 -29.46
N ASP B 233 26.13 17.10 -29.75
CA ASP B 233 25.69 17.47 -31.10
C ASP B 233 26.56 18.56 -31.70
N LEU B 234 26.67 19.72 -31.04
CA LEU B 234 27.50 20.80 -31.53
C LEU B 234 27.57 21.88 -30.45
N THR B 235 28.75 22.49 -30.31
CA THR B 235 28.97 23.53 -29.32
C THR B 235 30.21 24.32 -29.73
N ASP B 236 30.47 25.41 -29.02
CA ASP B 236 31.60 26.27 -29.34
C ASP B 236 31.94 27.11 -28.10
N ARG B 237 32.87 28.05 -28.29
CA ARG B 237 33.37 29.03 -27.34
C ARG B 237 34.34 28.42 -26.33
N ASP B 238 34.47 27.09 -26.26
CA ASP B 238 35.45 26.40 -25.41
C ASP B 238 35.35 26.77 -23.93
N SER B 239 34.25 27.40 -23.51
CA SER B 239 34.07 27.78 -22.10
C SER B 239 32.64 27.60 -21.62
N PHE B 240 31.81 26.88 -22.36
CA PHE B 240 30.40 26.73 -21.99
C PHE B 240 30.16 25.80 -20.82
N PHE B 241 31.19 25.07 -20.37
CA PHE B 241 31.04 24.22 -19.20
C PHE B 241 30.97 25.07 -17.94
N ASP B 242 29.96 24.81 -17.11
CA ASP B 242 29.89 25.44 -15.80
C ASP B 242 31.00 24.91 -14.91
N SER B 243 31.47 25.76 -13.98
CA SER B 243 32.56 25.37 -13.10
C SER B 243 32.16 24.19 -12.23
N LYS B 244 30.88 24.07 -11.89
CA LYS B 244 30.42 22.88 -11.17
C LYS B 244 30.58 21.63 -12.03
N THR B 245 30.24 21.74 -13.32
CA THR B 245 30.42 20.61 -14.23
C THR B 245 31.90 20.28 -14.39
N ARG B 246 32.75 21.31 -14.45
CA ARG B 246 34.19 21.07 -14.52
C ARG B 246 34.68 20.34 -13.28
N SER B 247 34.21 20.75 -12.10
CA SER B 247 34.59 20.07 -10.87
C SER B 247 34.10 18.63 -10.85
N THR B 248 32.88 18.38 -11.35
CA THR B 248 32.37 17.02 -11.39
C THR B 248 33.19 16.15 -12.33
N ILE B 249 33.56 16.68 -13.50
CA ILE B 249 34.38 15.92 -14.44
C ILE B 249 35.76 15.63 -13.83
N VAL B 250 36.35 16.62 -13.17
CA VAL B 250 37.65 16.42 -12.54
C VAL B 250 37.53 15.39 -11.42
N TYR B 251 36.45 15.44 -10.65
CA TYR B 251 36.25 14.45 -9.58
C TYR B 251 36.11 13.05 -10.15
N GLU B 252 35.40 12.91 -11.27
CA GLU B 252 35.33 11.62 -11.94
C GLU B 252 36.71 11.14 -12.35
N ILE B 253 37.52 12.05 -12.90
CA ILE B 253 38.88 11.68 -13.32
C ILE B 253 39.71 11.22 -12.13
N LEU B 254 39.66 11.96 -11.03
CA LEU B 254 40.43 11.59 -9.84
C LEU B 254 39.96 10.25 -9.25
N LYS B 255 38.65 10.06 -9.11
CA LYS B 255 38.17 8.87 -8.42
C LYS B 255 38.13 7.64 -9.30
N ARG B 256 38.23 7.80 -10.63
CA ARG B 256 38.28 6.63 -11.50
C ARG B 256 39.70 6.10 -11.68
N THR B 257 40.71 6.80 -11.19
CA THR B 257 42.08 6.32 -11.28
C THR B 257 42.26 5.06 -10.43
N THR B 258 43.11 4.15 -10.92
CA THR B 258 43.33 2.89 -10.21
C THR B 258 44.24 3.08 -9.01
N CYS B 259 45.48 3.52 -9.24
CA CYS B 259 46.45 3.71 -8.18
C CYS B 259 46.73 2.42 -7.42
N GLY B 267 42.77 5.56 -6.64
CA GLY B 267 41.55 6.25 -6.24
C GLY B 267 41.78 7.30 -5.18
N ILE B 268 41.13 8.46 -5.35
CA ILE B 268 41.26 9.54 -4.39
C ILE B 268 40.66 9.14 -3.04
N THR B 269 39.58 8.36 -3.06
CA THR B 269 38.98 7.91 -1.81
C THR B 269 39.94 7.04 -1.00
N SER B 270 40.68 6.15 -1.67
CA SER B 270 41.58 5.26 -0.96
C SER B 270 42.71 6.02 -0.30
N LEU B 271 43.33 6.95 -1.04
CA LEU B 271 44.45 7.70 -0.47
C LEU B 271 43.98 8.73 0.56
N LEU B 272 42.78 9.27 0.39
CA LEU B 272 42.20 10.13 1.42
C LEU B 272 41.97 9.35 2.70
N ALA B 273 41.46 8.12 2.60
CA ALA B 273 41.29 7.28 3.78
C ALA B 273 42.64 6.94 4.41
N ASN B 274 43.64 6.64 3.59
CA ASN B 274 44.95 6.29 4.12
C ASN B 274 45.61 7.46 4.83
N GLY B 275 45.27 8.68 4.44
CA GLY B 275 45.79 9.87 5.09
C GLY B 275 46.90 10.60 4.36
N VAL B 276 47.28 10.14 3.16
CA VAL B 276 48.30 10.86 2.40
C VAL B 276 47.78 12.23 1.97
N TYR B 277 46.50 12.31 1.62
CA TYR B 277 45.83 13.56 1.32
C TYR B 277 44.81 13.83 2.42
N SER B 278 44.95 14.97 3.10
CA SER B 278 44.06 15.31 4.20
C SER B 278 42.87 16.15 3.77
N ALA B 279 42.85 16.64 2.54
CA ALA B 279 41.73 17.45 2.08
C ALA B 279 41.70 17.46 0.55
N ALA B 280 40.50 17.68 0.01
CA ALA B 280 40.30 17.82 -1.43
C ALA B 280 38.93 18.41 -1.70
N TYR B 281 38.88 19.52 -2.44
CA TYR B 281 37.63 20.25 -2.62
C TYR B 281 37.75 21.10 -3.88
N PRO B 282 36.62 21.49 -4.47
CA PRO B 282 36.63 22.54 -5.48
C PRO B 282 36.56 23.91 -4.81
N LEU B 283 36.66 24.96 -5.62
CA LEU B 283 36.63 26.32 -5.11
C LEU B 283 35.28 26.98 -5.38
N HIS B 284 34.93 27.91 -4.50
CA HIS B 284 33.77 28.77 -4.74
C HIS B 284 34.08 29.74 -5.87
N ASP B 285 33.01 30.30 -6.47
CA ASP B 285 33.21 31.26 -7.53
C ASP B 285 33.85 32.55 -7.02
N GLY B 286 33.77 32.79 -5.72
CA GLY B 286 34.39 33.97 -5.12
C GLY B 286 33.80 34.29 -3.76
N ASP B 287 33.92 35.54 -3.33
CA ASP B 287 33.37 35.98 -2.06
C ASP B 287 31.90 36.35 -2.22
N TYR B 288 31.09 35.90 -1.26
CA TYR B 288 29.66 36.21 -1.29
C TYR B 288 29.37 37.66 -0.94
N GLU B 289 30.24 38.30 -0.17
CA GLU B 289 30.08 39.69 0.21
C GLU B 289 31.38 40.44 -0.02
N GLY B 290 31.26 41.72 -0.32
CA GLY B 290 32.41 42.55 -0.58
C GLY B 290 32.00 43.88 -1.17
N ASP B 291 33.01 44.63 -1.61
CA ASP B 291 32.82 45.96 -2.18
C ASP B 291 33.16 45.90 -3.66
N ASN B 292 32.14 46.04 -4.51
CA ASN B 292 32.32 46.04 -5.97
C ASN B 292 33.00 44.77 -6.45
N VAL B 293 32.58 43.63 -5.90
CA VAL B 293 33.13 42.34 -6.28
C VAL B 293 32.68 42.00 -7.71
N GLU B 294 33.25 40.95 -8.28
CA GLU B 294 33.07 40.56 -9.68
C GLU B 294 31.65 40.07 -10.01
N PHE B 295 30.68 40.11 -9.11
CA PHE B 295 29.29 39.74 -9.42
C PHE B 295 29.20 38.25 -9.78
N ASN B 296 29.73 37.41 -8.90
CA ASN B 296 29.68 35.97 -9.09
C ASN B 296 28.31 35.43 -8.73
N ASP B 297 28.12 34.12 -8.95
CA ASP B 297 26.86 33.48 -8.60
C ASP B 297 26.73 33.27 -7.10
N ARG B 298 27.86 33.16 -6.39
CA ARG B 298 27.80 33.01 -4.94
C ARG B 298 27.20 34.25 -4.28
N LYS B 299 27.62 35.44 -4.72
CA LYS B 299 27.03 36.67 -4.18
C LYS B 299 25.57 36.80 -4.58
N LEU B 300 25.23 36.35 -5.80
CA LEU B 300 23.83 36.39 -6.22
C LEU B 300 22.96 35.51 -5.34
N LEU B 301 23.45 34.32 -5.00
CA LEU B 301 22.71 33.44 -4.10
C LEU B 301 22.64 34.02 -2.69
N TYR B 302 23.72 34.66 -2.24
CA TYR B 302 23.71 35.26 -0.92
C TYR B 302 22.68 36.39 -0.82
N GLU B 303 22.63 37.26 -1.84
CA GLU B 303 21.71 38.39 -1.82
C GLU B 303 20.28 37.96 -2.08
N GLU B 304 20.08 37.00 -2.98
CA GLU B 304 18.76 36.68 -3.50
C GLU B 304 18.11 35.51 -2.77
N TRP B 305 18.91 34.61 -2.23
CA TRP B 305 18.42 33.35 -1.67
C TRP B 305 18.86 33.10 -0.24
N ALA B 306 20.08 33.49 0.12
CA ALA B 306 20.64 33.16 1.43
C ALA B 306 20.38 34.21 2.49
N SER B 307 19.70 35.30 2.16
CA SER B 307 19.43 36.35 3.13
C SER B 307 18.20 36.00 3.97
N TYR B 308 18.23 36.41 5.23
CA TYR B 308 17.06 36.23 6.10
C TYR B 308 15.95 37.20 5.77
N GLY B 309 16.24 38.28 5.05
CA GLY B 309 15.25 39.25 4.65
C GLY B 309 14.46 38.90 3.41
N VAL B 310 14.79 37.78 2.76
CA VAL B 310 14.05 37.32 1.59
C VAL B 310 13.32 36.04 1.94
N PHE B 311 12.93 35.90 3.20
CA PHE B 311 12.27 34.67 3.65
C PHE B 311 10.92 34.45 2.98
N TYR B 312 10.31 35.50 2.44
CA TYR B 312 8.97 35.39 1.87
C TYR B 312 8.95 35.05 0.40
N LYS B 313 10.07 35.18 -0.30
CA LYS B 313 10.07 35.02 -1.75
C LYS B 313 10.49 33.61 -2.15
N TYR B 314 10.10 33.23 -3.37
CA TYR B 314 10.47 31.93 -3.88
C TYR B 314 11.98 31.87 -4.09
N GLN B 315 12.58 30.75 -3.73
CA GLN B 315 14.01 30.59 -3.86
C GLN B 315 14.41 30.34 -5.31
N PRO B 316 15.55 30.89 -5.76
CA PRO B 316 16.01 30.61 -7.12
C PRO B 316 16.56 29.20 -7.25
N ILE B 317 15.67 28.23 -7.42
CA ILE B 317 16.07 26.83 -7.38
C ILE B 317 16.97 26.47 -8.56
N ASP B 318 16.74 27.09 -9.72
CA ASP B 318 17.58 26.82 -10.88
C ASP B 318 19.02 27.27 -10.62
N LEU B 319 19.19 28.47 -10.06
CA LEU B 319 20.53 28.95 -9.74
C LEU B 319 21.18 28.08 -8.67
N VAL B 320 20.39 27.65 -7.68
CA VAL B 320 20.92 26.79 -6.63
C VAL B 320 21.42 25.47 -7.22
N ARG B 321 20.63 24.88 -8.12
CA ARG B 321 21.06 23.64 -8.77
C ARG B 321 22.30 23.86 -9.63
N LYS B 322 22.34 24.99 -10.34
CA LYS B 322 23.49 25.27 -11.20
C LYS B 322 24.77 25.43 -10.39
N TYR B 323 24.70 26.11 -9.25
CA TYR B 323 25.90 26.36 -8.47
C TYR B 323 26.30 25.16 -7.62
N PHE B 324 25.34 24.50 -6.97
CA PHE B 324 25.64 23.45 -6.01
C PHE B 324 25.38 22.05 -6.55
N GLY B 325 24.61 21.91 -7.64
CA GLY B 325 24.32 20.62 -8.21
C GLY B 325 22.86 20.21 -7.97
N GLU B 326 22.49 19.12 -8.64
CA GLU B 326 21.12 18.61 -8.56
C GLU B 326 20.78 18.08 -7.18
N LYS B 327 21.77 17.73 -6.37
CA LYS B 327 21.53 17.09 -5.08
C LYS B 327 21.04 18.10 -4.04
N VAL B 328 21.84 19.14 -3.81
CA VAL B 328 21.42 20.22 -2.93
C VAL B 328 20.18 20.91 -3.48
N GLY B 329 20.10 21.05 -4.80
CA GLY B 329 18.92 21.63 -5.41
C GLY B 329 17.67 20.83 -5.14
N LEU B 330 17.77 19.49 -5.22
CA LEU B 330 16.62 18.65 -4.90
C LEU B 330 16.24 18.78 -3.43
N TYR B 331 17.23 18.84 -2.54
CA TYR B 331 16.92 19.00 -1.13
C TYR B 331 16.17 20.30 -0.87
N PHE B 332 16.64 21.40 -1.47
CA PHE B 332 16.00 22.68 -1.24
C PHE B 332 14.63 22.77 -1.92
N ALA B 333 14.48 22.15 -3.09
CA ALA B 333 13.16 22.11 -3.73
C ALA B 333 12.17 21.34 -2.87
N TRP B 334 12.60 20.20 -2.29
CA TRP B 334 11.73 19.46 -1.40
C TRP B 334 11.37 20.29 -0.18
N LEU B 335 12.34 21.00 0.39
CA LEU B 335 12.04 21.84 1.56
C LEU B 335 11.04 22.94 1.22
N GLY B 336 11.20 23.58 0.07
CA GLY B 336 10.27 24.62 -0.33
C GLY B 336 8.88 24.08 -0.57
N ALA B 337 8.78 22.92 -1.24
CA ALA B 337 7.48 22.30 -1.46
C ALA B 337 6.83 21.92 -0.13
N TYR B 338 7.62 21.41 0.81
CA TYR B 338 7.10 21.05 2.13
C TYR B 338 6.54 22.28 2.85
N THR B 339 7.26 23.40 2.82
CA THR B 339 6.77 24.61 3.47
C THR B 339 5.51 25.13 2.79
N GLN B 340 5.50 25.12 1.45
CA GLN B 340 4.33 25.59 0.72
C GLN B 340 3.10 24.74 1.04
N MET B 341 3.28 23.42 1.14
CA MET B 341 2.17 22.56 1.52
C MET B 341 1.77 22.78 2.97
N LEU B 342 2.74 23.07 3.85
CA LEU B 342 2.44 23.30 5.25
C LEU B 342 1.65 24.58 5.48
N ILE B 343 1.74 25.53 4.55
CA ILE B 343 1.00 26.79 4.70
C ILE B 343 -0.50 26.55 4.84
N PRO B 344 -1.18 25.92 3.87
CA PRO B 344 -2.63 25.70 4.03
C PRO B 344 -2.99 24.81 5.21
N ALA B 345 -2.16 23.81 5.50
CA ALA B 345 -2.40 22.97 6.67
C ALA B 345 -2.31 23.80 7.95
N SER B 346 -1.34 24.71 8.01
CA SER B 346 -1.23 25.61 9.16
C SER B 346 -2.46 26.50 9.28
N ILE B 347 -2.97 27.01 8.16
CA ILE B 347 -4.16 27.84 8.20
C ILE B 347 -5.35 27.06 8.73
N VAL B 348 -5.54 25.83 8.24
CA VAL B 348 -6.67 25.02 8.69
C VAL B 348 -6.53 24.64 10.16
N GLY B 349 -5.31 24.35 10.60
CA GLY B 349 -5.09 24.05 12.01
C GLY B 349 -5.38 25.24 12.91
N VAL B 350 -4.97 26.44 12.46
CA VAL B 350 -5.29 27.66 13.21
C VAL B 350 -6.79 27.87 13.28
N ILE B 351 -7.50 27.59 12.19
CA ILE B 351 -8.96 27.70 12.18
C ILE B 351 -9.57 26.72 13.18
N VAL B 352 -9.06 25.49 13.22
CA VAL B 352 -9.58 24.51 14.17
C VAL B 352 -9.33 24.95 15.61
N PHE B 353 -8.14 25.49 15.88
CA PHE B 353 -7.84 26.00 17.23
C PHE B 353 -8.75 27.15 17.59
N LEU B 354 -9.03 28.04 16.64
CA LEU B 354 -9.94 29.15 16.91
C LEU B 354 -11.35 28.66 17.17
N TYR B 355 -11.79 27.62 16.44
CA TYR B 355 -13.10 27.04 16.71
C TYR B 355 -13.16 26.47 18.11
N GLY B 356 -12.10 25.76 18.54
CA GLY B 356 -12.07 25.24 19.89
C GLY B 356 -12.11 26.35 20.93
N CYS B 357 -11.36 27.43 20.70
CA CYS B 357 -11.36 28.55 21.63
C CYS B 357 -12.75 29.20 21.71
N ALA B 358 -13.43 29.34 20.57
CA ALA B 358 -14.76 29.93 20.57
C ALA B 358 -15.76 29.04 21.29
N THR B 359 -15.66 27.72 21.10
CA THR B 359 -16.63 26.79 21.65
C THR B 359 -16.34 26.41 23.10
N VAL B 360 -15.16 26.75 23.63
CA VAL B 360 -14.76 26.29 24.95
C VAL B 360 -15.70 26.81 26.04
N ASP B 361 -16.34 27.96 25.83
CA ASP B 361 -17.19 28.51 26.87
C ASP B 361 -18.51 27.75 27.00
N GLU B 362 -18.96 27.12 25.92
CA GLU B 362 -20.23 26.39 25.93
C GLU B 362 -20.03 24.88 26.07
N ASN B 363 -18.82 24.43 26.38
CA ASN B 363 -18.55 23.00 26.50
C ASN B 363 -19.13 22.49 27.82
N ILE B 364 -20.10 21.57 27.73
CA ILE B 364 -20.77 21.06 28.92
C ILE B 364 -19.82 20.32 29.85
N PRO B 365 -18.99 19.38 29.37
CA PRO B 365 -18.06 18.70 30.31
C PRO B 365 -17.11 19.64 31.02
N SER B 366 -16.55 20.62 30.31
CA SER B 366 -15.64 21.57 30.95
C SER B 366 -16.37 22.45 31.95
N MET B 367 -17.60 22.86 31.62
CA MET B 367 -18.40 23.64 32.57
C MET B 367 -18.71 22.84 33.83
N GLU B 368 -19.05 21.56 33.65
CA GLU B 368 -19.33 20.70 34.79
C GLU B 368 -18.08 20.51 35.66
N MET B 369 -16.93 20.33 35.02
CA MET B 369 -15.69 20.19 35.79
C MET B 369 -15.34 21.47 36.53
N CYS B 370 -15.65 22.62 35.93
CA CYS B 370 -15.28 23.91 36.49
C CYS B 370 -16.24 24.42 37.55
N ASP B 371 -17.35 23.73 37.79
CA ASP B 371 -18.35 24.22 38.73
C ASP B 371 -17.83 24.12 40.16
N GLN B 372 -17.64 25.28 40.81
CA GLN B 372 -17.22 25.29 42.20
C GLN B 372 -18.36 25.06 43.17
N ARG B 373 -19.61 25.21 42.71
CA ARG B 373 -20.75 24.94 43.60
C ARG B 373 -20.78 23.48 44.00
N TYR B 374 -20.53 22.58 43.06
CA TYR B 374 -20.48 21.15 43.38
C TYR B 374 -19.19 20.82 44.12
N ASN B 375 -19.25 19.78 44.94
CA ASN B 375 -18.10 19.34 45.74
C ASN B 375 -17.78 17.91 45.33
N ILE B 376 -16.78 17.76 44.45
CA ILE B 376 -16.32 16.46 43.99
C ILE B 376 -14.90 16.25 44.48
N THR B 377 -14.71 15.23 45.31
CA THR B 377 -13.40 14.94 45.90
C THR B 377 -12.76 13.77 45.16
N MET B 378 -11.55 13.98 44.66
CA MET B 378 -10.80 12.97 43.94
C MET B 378 -9.80 12.30 44.85
N CYS B 379 -9.50 11.04 44.55
CA CYS B 379 -8.51 10.31 45.33
C CYS B 379 -7.11 10.85 45.04
N PRO B 380 -6.18 10.70 45.97
CA PRO B 380 -4.82 11.22 45.75
C PRO B 380 -4.13 10.52 44.60
N LEU B 381 -3.27 11.27 43.92
CA LEU B 381 -2.48 10.75 42.81
C LEU B 381 -1.18 10.10 43.24
N CYS B 382 -0.86 10.15 44.54
CA CYS B 382 0.31 9.49 45.09
C CYS B 382 -0.05 8.92 46.45
N ASP B 383 0.81 8.03 46.95
CA ASP B 383 0.49 7.28 48.16
C ASP B 383 0.35 8.21 49.37
N LYS B 384 1.44 8.86 49.76
CA LYS B 384 1.43 9.70 50.95
C LYS B 384 1.89 11.13 50.72
N THR B 385 2.58 11.41 49.61
CA THR B 385 3.04 12.77 49.36
C THR B 385 1.87 13.73 49.17
N CYS B 386 0.84 13.31 48.44
CA CYS B 386 -0.31 14.15 48.13
C CYS B 386 -1.56 13.63 48.82
N SER B 387 -2.58 14.49 48.86
CA SER B 387 -3.84 14.16 49.51
C SER B 387 -5.00 14.37 48.56
N TYR B 388 -6.23 14.32 49.08
CA TYR B 388 -7.41 14.50 48.24
C TYR B 388 -7.44 15.90 47.65
N TRP B 389 -7.90 16.00 46.41
CA TRP B 389 -7.97 17.26 45.69
C TRP B 389 -9.35 17.42 45.08
N LYS B 390 -9.81 18.66 44.99
CA LYS B 390 -11.11 18.95 44.42
C LYS B 390 -11.05 18.94 42.89
N MET B 391 -12.14 18.47 42.28
CA MET B 391 -12.20 18.39 40.83
C MET B 391 -12.15 19.77 40.17
N SER B 392 -12.63 20.80 40.88
CA SER B 392 -12.61 22.15 40.33
C SER B 392 -11.22 22.77 40.29
N SER B 393 -10.25 22.20 41.00
CA SER B 393 -8.90 22.74 41.01
C SER B 393 -8.22 22.62 39.64
N ALA B 394 -8.70 21.73 38.78
CA ALA B 394 -8.16 21.55 37.44
C ALA B 394 -9.09 22.13 36.38
N CYS B 395 -9.78 23.22 36.70
CA CYS B 395 -10.70 23.83 35.75
C CYS B 395 -9.96 24.37 34.52
N ALA B 396 -8.81 25.01 34.73
CA ALA B 396 -8.04 25.53 33.60
C ALA B 396 -7.55 24.40 32.71
N THR B 397 -7.16 23.28 33.32
CA THR B 397 -6.68 22.15 32.52
C THR B 397 -7.75 21.61 31.60
N ALA B 398 -8.99 21.47 32.09
CA ALA B 398 -10.07 20.96 31.25
C ALA B 398 -10.39 21.92 30.10
N ARG B 399 -10.45 23.23 30.41
CA ARG B 399 -10.75 24.21 29.37
C ARG B 399 -9.67 24.24 28.32
N ALA B 400 -8.40 24.16 28.74
CA ALA B 400 -7.30 24.09 27.78
C ALA B 400 -7.37 22.81 26.96
N SER B 401 -7.72 21.69 27.60
CA SER B 401 -7.80 20.41 26.90
C SER B 401 -8.88 20.43 25.84
N HIS B 402 -10.01 21.09 26.11
CA HIS B 402 -11.10 21.13 25.14
C HIS B 402 -10.67 21.70 23.80
N LEU B 403 -9.72 22.63 23.80
CA LEU B 403 -9.20 23.17 22.55
C LEU B 403 -8.43 22.15 21.73
N PHE B 404 -8.08 21.00 22.31
CA PHE B 404 -7.28 20.00 21.62
C PHE B 404 -8.02 18.70 21.33
N ASP B 405 -9.23 18.51 21.87
CA ASP B 405 -10.05 17.35 21.53
C ASP B 405 -11.49 17.79 21.33
N ASN B 406 -11.97 17.67 20.09
CA ASN B 406 -13.34 17.98 19.72
C ASN B 406 -13.58 17.44 18.31
N PRO B 407 -14.81 17.56 17.78
CA PRO B 407 -15.02 17.10 16.39
C PRO B 407 -14.12 17.80 15.38
N ALA B 408 -13.77 19.06 15.63
CA ALA B 408 -12.86 19.77 14.74
C ALA B 408 -11.50 19.10 14.71
N THR B 409 -11.04 18.57 15.85
CA THR B 409 -9.75 17.90 15.88
C THR B 409 -9.77 16.59 15.10
N VAL B 410 -10.87 15.84 15.17
CA VAL B 410 -10.99 14.62 14.38
C VAL B 410 -11.02 14.95 12.89
N PHE B 411 -11.78 15.99 12.52
CA PHE B 411 -11.80 16.44 11.14
C PHE B 411 -10.41 16.86 10.68
N PHE B 412 -9.65 17.52 11.56
CA PHE B 412 -8.30 17.93 11.21
C PHE B 412 -7.37 16.74 11.07
N SER B 413 -7.56 15.69 11.86
CA SER B 413 -6.77 14.47 11.70
C SER B 413 -7.01 13.84 10.33
N VAL B 414 -8.29 13.74 9.94
CA VAL B 414 -8.61 13.22 8.61
C VAL B 414 -8.03 14.12 7.52
N PHE B 415 -8.17 15.44 7.71
CA PHE B 415 -7.65 16.40 6.75
C PHE B 415 -6.15 16.29 6.61
N MET B 416 -5.45 16.02 7.72
CA MET B 416 -3.99 15.91 7.67
C MET B 416 -3.55 14.60 7.04
N ALA B 417 -4.31 13.53 7.21
CA ALA B 417 -4.03 12.31 6.45
C ALA B 417 -4.15 12.57 4.95
N LEU B 418 -5.25 13.20 4.54
CA LEU B 418 -5.43 13.55 3.14
C LEU B 418 -4.36 14.51 2.66
N TRP B 419 -3.95 15.44 3.52
CA TRP B 419 -2.91 16.39 3.19
C TRP B 419 -1.56 15.71 3.00
N ALA B 420 -1.25 14.72 3.83
CA ALA B 420 -0.01 13.97 3.65
C ALA B 420 -0.01 13.23 2.32
N ALA B 421 -1.14 12.60 1.99
CA ALA B 421 -1.23 11.93 0.69
C ALA B 421 -1.07 12.93 -0.46
N THR B 422 -1.74 14.08 -0.37
CA THR B 422 -1.65 15.09 -1.41
C THR B 422 -0.23 15.65 -1.53
N PHE B 423 0.44 15.83 -0.39
CA PHE B 423 1.82 16.30 -0.41
C PHE B 423 2.74 15.28 -1.06
N MET B 424 2.52 14.00 -0.79
CA MET B 424 3.32 12.97 -1.46
C MET B 424 3.13 13.03 -2.97
N GLU B 425 1.88 13.12 -3.42
CA GLU B 425 1.61 13.21 -4.86
C GLU B 425 2.22 14.47 -5.46
N HIS B 426 2.09 15.59 -4.76
CA HIS B 426 2.62 16.86 -5.26
C HIS B 426 4.13 16.82 -5.35
N TRP B 427 4.80 16.22 -4.36
CA TRP B 427 6.25 16.10 -4.44
C TRP B 427 6.66 15.17 -5.57
N LYS B 428 5.90 14.10 -5.81
CA LYS B 428 6.22 13.24 -6.95
C LYS B 428 6.14 14.01 -8.26
N ARG B 429 5.07 14.79 -8.44
CA ARG B 429 4.92 15.58 -9.66
C ARG B 429 6.02 16.63 -9.78
N LYS B 430 6.34 17.31 -8.69
CA LYS B 430 7.38 18.34 -8.72
C LYS B 430 8.75 17.73 -9.01
N GLN B 431 9.02 16.54 -8.45
CA GLN B 431 10.27 15.86 -8.73
C GLN B 431 10.36 15.47 -10.19
N MET B 432 9.26 14.99 -10.78
CA MET B 432 9.26 14.68 -12.20
C MET B 432 9.51 15.94 -13.03
N ARG B 433 8.89 17.05 -12.65
CA ARG B 433 9.10 18.30 -13.37
C ARG B 433 10.56 18.75 -13.29
N LEU B 434 11.16 18.65 -12.10
CA LEU B 434 12.56 19.03 -11.94
C LEU B 434 13.48 18.10 -12.72
N ASN B 435 13.14 16.81 -12.77
CA ASN B 435 13.92 15.88 -13.58
C ASN B 435 13.85 16.25 -15.05
N TYR B 436 12.66 16.58 -15.55
CA TYR B 436 12.53 17.02 -16.94
C TYR B 436 13.32 18.30 -17.19
N ARG B 437 13.29 19.22 -16.24
CA ARG B 437 14.00 20.48 -16.41
C ARG B 437 15.52 20.28 -16.37
N TRP B 438 16.00 19.41 -15.49
CA TRP B 438 17.44 19.26 -15.25
C TRP B 438 18.04 18.07 -15.99
N ASP B 439 17.55 16.86 -15.71
CA ASP B 439 18.14 15.66 -16.28
C ASP B 439 17.19 14.48 -16.11
N LEU B 440 17.03 13.70 -17.18
CA LEU B 440 16.15 12.53 -17.16
C LEU B 440 16.89 11.26 -17.59
N THR B 441 18.22 11.25 -17.50
CA THR B 441 19.03 10.11 -17.89
C THR B 441 19.21 9.22 -16.67
N GLY B 442 18.25 8.32 -16.46
CA GLY B 442 18.30 7.40 -15.34
C GLY B 442 19.15 6.17 -15.56
N PHE B 443 19.76 6.03 -16.73
CA PHE B 443 20.60 4.87 -17.03
C PHE B 443 21.94 5.01 -16.33
N GLU B 444 22.24 4.07 -15.43
CA GLU B 444 23.50 4.08 -14.69
C GLU B 444 23.97 2.64 -14.51
N GLU B 445 25.23 2.51 -14.11
CA GLU B 445 25.81 1.19 -13.89
C GLU B 445 25.11 0.49 -12.75
N GLU B 446 25.00 -0.84 -12.85
CA GLU B 446 24.35 -1.67 -11.84
C GLU B 446 25.34 -1.96 -10.71
N GLU B 447 25.72 -0.89 -10.00
CA GLU B 447 26.70 -0.95 -8.92
C GLU B 447 28.07 -1.42 -9.40
N GLU B 448 28.37 -1.22 -10.68
CA GLU B 448 29.65 -1.63 -11.27
C GLU B 448 30.59 -0.46 -11.52
N ALA B 449 30.19 0.76 -11.19
CA ALA B 449 31.04 1.92 -11.45
C ALA B 449 32.25 1.94 -10.53
N VAL B 450 32.01 2.01 -9.22
CA VAL B 450 33.07 2.04 -8.22
C VAL B 450 32.71 1.08 -7.09
N LYS B 451 33.71 0.32 -6.65
CA LYS B 451 33.54 -0.64 -5.57
C LYS B 451 34.22 -0.11 -4.30
N ASP B 452 33.66 -0.48 -3.15
CA ASP B 452 34.20 -0.03 -1.88
C ASP B 452 35.59 -0.61 -1.67
N HIS B 453 36.55 0.25 -1.37
CA HIS B 453 37.93 -0.20 -1.13
C HIS B 453 38.04 -1.16 0.04
N PRO B 454 37.42 -0.90 1.20
CA PRO B 454 37.41 -1.93 2.25
C PRO B 454 36.78 -3.23 1.79
N ARG B 455 35.73 -3.16 0.98
CA ARG B 455 35.14 -4.38 0.41
C ARG B 455 36.14 -5.09 -0.49
N ALA B 456 36.88 -4.34 -1.30
CA ALA B 456 37.90 -4.96 -2.15
C ALA B 456 38.99 -5.63 -1.32
N GLU B 457 39.41 -4.98 -0.24
CA GLU B 457 40.41 -5.58 0.64
C GLU B 457 39.89 -6.85 1.30
N TYR B 458 38.63 -6.83 1.74
CA TYR B 458 38.03 -8.02 2.32
C TYR B 458 37.95 -9.15 1.31
N GLU B 459 37.56 -8.85 0.08
CA GLU B 459 37.50 -9.87 -0.96
C GLU B 459 38.88 -10.43 -1.27
N ALA B 460 39.90 -9.56 -1.32
CA ALA B 460 41.26 -10.01 -1.57
C ALA B 460 41.74 -10.92 -0.43
N ARG B 461 41.44 -10.56 0.81
CA ARG B 461 41.81 -11.40 1.94
C ARG B 461 41.12 -12.76 1.87
N VAL B 462 39.83 -12.77 1.51
CA VAL B 462 39.11 -14.03 1.39
C VAL B 462 39.70 -14.89 0.29
N LEU B 463 40.03 -14.28 -0.85
CA LEU B 463 40.61 -15.04 -1.95
C LEU B 463 41.99 -15.59 -1.59
N GLU B 464 42.80 -14.79 -0.90
CA GLU B 464 44.12 -15.27 -0.48
C GLU B 464 44.00 -16.41 0.52
N LYS B 465 43.04 -16.30 1.46
CA LYS B 465 42.85 -17.38 2.43
C LYS B 465 42.42 -18.68 1.75
N SER B 466 41.49 -18.58 0.80
CA SER B 466 41.00 -19.76 0.09
C SER B 466 40.05 -19.37 -1.03
N TRP B 483 29.69 -12.71 -0.26
CA TRP B 483 28.27 -12.84 0.01
C TRP B 483 27.99 -13.96 1.01
N ARG B 484 27.14 -13.65 1.99
CA ARG B 484 26.72 -14.54 3.07
C ARG B 484 27.81 -14.77 4.10
N ASP B 485 28.99 -14.18 3.94
CA ASP B 485 30.01 -14.20 4.97
C ASP B 485 29.90 -13.02 5.93
N ARG B 486 28.88 -12.19 5.76
CA ARG B 486 28.61 -11.05 6.63
C ARG B 486 27.71 -11.42 7.81
N PHE B 487 27.38 -12.70 7.98
CA PHE B 487 26.43 -13.10 9.01
C PHE B 487 26.86 -12.69 10.42
N PRO B 488 28.12 -12.87 10.85
CA PRO B 488 28.50 -12.32 12.16
C PRO B 488 28.32 -10.81 12.25
N ALA B 489 28.53 -10.09 11.14
CA ALA B 489 28.27 -8.66 11.14
C ALA B 489 26.78 -8.37 11.26
N TYR B 490 25.95 -9.12 10.55
CA TYR B 490 24.50 -8.91 10.63
C TYR B 490 23.97 -9.20 12.03
N PHE B 491 24.44 -10.29 12.65
CA PHE B 491 24.04 -10.58 14.02
C PHE B 491 24.51 -9.49 14.98
N THR B 492 25.73 -8.99 14.77
CA THR B 492 26.22 -7.89 15.58
C THR B 492 25.38 -6.64 15.39
N ASN B 493 24.98 -6.35 14.15
CA ASN B 493 24.13 -5.19 13.90
C ASN B 493 22.78 -5.33 14.60
N LEU B 494 22.17 -6.51 14.51
CA LEU B 494 20.88 -6.73 15.16
C LEU B 494 21.01 -6.60 16.67
N VAL B 495 22.05 -7.18 17.25
CA VAL B 495 22.25 -7.11 18.70
C VAL B 495 22.48 -5.68 19.14
N SER B 496 23.29 -4.92 18.39
CA SER B 496 23.56 -3.54 18.75
C SER B 496 22.31 -2.69 18.65
N ILE B 497 21.49 -2.88 17.61
CA ILE B 497 20.26 -2.11 17.48
C ILE B 497 19.29 -2.43 18.61
N ILE B 498 19.16 -3.72 18.95
CA ILE B 498 18.28 -4.10 20.06
C ILE B 498 18.78 -3.50 21.37
N PHE B 499 20.10 -3.52 21.57
CA PHE B 499 20.67 -2.93 22.78
C PHE B 499 20.42 -1.43 22.83
N MET B 500 20.54 -0.74 21.69
CA MET B 500 20.26 0.69 21.64
C MET B 500 18.81 0.98 22.02
N ILE B 501 17.88 0.22 21.44
CA ILE B 501 16.46 0.44 21.73
C ILE B 501 16.17 0.16 23.20
N ALA B 502 16.76 -0.92 23.74
CA ALA B 502 16.57 -1.24 25.15
C ALA B 502 17.14 -0.15 26.05
N VAL B 503 18.29 0.41 25.67
CA VAL B 503 18.88 1.49 26.47
C VAL B 503 17.98 2.72 26.44
N THR B 504 17.41 3.05 25.28
CA THR B 504 16.50 4.19 25.20
C THR B 504 15.27 3.96 26.07
N PHE B 505 14.70 2.75 26.02
CA PHE B 505 13.54 2.46 26.86
C PHE B 505 13.90 2.49 28.34
N ALA B 506 15.11 2.02 28.69
CA ALA B 506 15.55 2.08 30.08
C ALA B 506 15.74 3.52 30.54
N ILE B 507 16.23 4.39 29.67
CA ILE B 507 16.37 5.79 30.01
C ILE B 507 15.00 6.43 30.21
N VAL B 508 14.03 6.05 29.39
CA VAL B 508 12.66 6.52 29.58
C VAL B 508 12.11 6.06 30.93
N LEU B 509 12.37 4.79 31.27
CA LEU B 509 11.93 4.27 32.57
C LEU B 509 12.61 5.01 33.72
N GLY B 510 13.89 5.33 33.58
CA GLY B 510 14.59 6.08 34.60
C GLY B 510 14.04 7.49 34.76
N VAL B 511 13.69 8.13 33.64
CA VAL B 511 13.02 9.43 33.70
C VAL B 511 11.70 9.30 34.42
N ILE B 512 10.99 8.19 34.21
CA ILE B 512 9.76 7.93 34.95
C ILE B 512 10.04 7.82 36.44
N ILE B 513 11.09 7.08 36.80
CA ILE B 513 11.44 6.91 38.21
C ILE B 513 11.97 8.22 38.78
N TYR B 514 12.59 9.05 37.94
CA TYR B 514 13.06 10.36 38.39
C TYR B 514 11.91 11.22 38.92
N ARG B 515 10.81 11.27 38.16
CA ARG B 515 9.72 12.16 38.52
C ARG B 515 9.04 11.71 39.81
N ILE B 516 8.93 10.39 40.02
CA ILE B 516 8.29 9.87 41.22
C ILE B 516 9.11 10.22 42.45
N SER B 517 10.41 9.97 42.40
CA SER B 517 11.27 10.19 43.58
C SER B 517 11.41 11.68 43.86
N THR B 518 11.61 12.50 42.82
CA THR B 518 11.79 13.93 43.02
C THR B 518 10.52 14.56 43.59
N ALA B 519 9.36 14.15 43.10
CA ALA B 519 8.10 14.71 43.59
C ALA B 519 7.89 14.40 45.06
N ALA B 520 8.17 13.17 45.48
CA ALA B 520 7.99 12.80 46.88
C ALA B 520 8.99 13.55 47.78
N ALA B 521 10.26 13.62 47.37
CA ALA B 521 11.27 14.27 48.19
C ALA B 521 11.02 15.77 48.31
N LEU B 522 10.63 16.41 47.20
CA LEU B 522 10.44 17.86 47.21
C LEU B 522 9.29 18.27 48.13
N ALA B 523 8.19 17.51 48.13
CA ALA B 523 7.05 17.88 48.95
C ALA B 523 7.36 17.76 50.44
N MET B 524 8.26 16.85 50.82
CA MET B 524 8.62 16.72 52.22
C MET B 524 9.37 17.93 52.75
N ASN B 525 9.94 18.74 51.87
CA ASN B 525 10.65 19.94 52.28
C ASN B 525 9.68 21.04 52.71
N PRO B 528 7.28 25.18 51.67
CA PRO B 528 7.59 26.53 51.16
C PRO B 528 7.26 26.68 49.69
N SER B 529 8.10 27.43 48.96
CA SER B 529 7.89 27.60 47.53
C SER B 529 8.05 26.30 46.77
N VAL B 530 8.85 25.37 47.31
CA VAL B 530 9.06 24.08 46.63
C VAL B 530 7.77 23.29 46.57
N ARG B 531 7.03 23.24 47.68
CA ARG B 531 5.76 22.50 47.70
C ARG B 531 4.67 23.20 46.91
N SER B 532 4.83 24.49 46.62
CA SER B 532 3.87 25.23 45.80
C SER B 532 4.15 25.09 44.31
N ASN B 533 5.33 24.62 43.92
CA ASN B 533 5.68 24.44 42.52
C ASN B 533 6.19 23.03 42.25
N ILE B 534 5.58 22.03 42.89
CA ILE B 534 6.03 20.65 42.72
C ILE B 534 5.78 20.17 41.30
N ARG B 535 4.66 20.59 40.70
CA ARG B 535 4.33 20.13 39.36
C ARG B 535 5.33 20.63 38.32
N VAL B 536 5.47 21.95 38.20
CA VAL B 536 6.31 22.51 37.15
C VAL B 536 7.78 22.21 37.41
N THR B 537 8.20 22.25 38.68
CA THR B 537 9.61 22.01 38.98
C THR B 537 10.03 20.59 38.62
N VAL B 538 9.19 19.61 38.95
CA VAL B 538 9.52 18.22 38.62
C VAL B 538 9.44 17.99 37.12
N THR B 539 8.42 18.55 36.47
CA THR B 539 8.24 18.31 35.04
C THR B 539 9.29 19.06 34.21
N ALA B 540 9.63 20.29 34.60
CA ALA B 540 10.59 21.07 33.81
C ALA B 540 11.98 20.45 33.87
N THR B 541 12.43 20.09 35.06
CA THR B 541 13.74 19.46 35.19
C THR B 541 13.79 18.12 34.46
N ALA B 542 12.71 17.35 34.56
CA ALA B 542 12.66 16.07 33.86
C ALA B 542 12.72 16.27 32.35
N VAL B 543 12.00 17.26 31.82
CA VAL B 543 12.03 17.53 30.38
C VAL B 543 13.43 17.95 29.95
N ILE B 544 14.07 18.83 30.73
CA ILE B 544 15.42 19.28 30.38
C ILE B 544 16.39 18.11 30.39
N ILE B 545 16.31 17.26 31.42
CA ILE B 545 17.19 16.10 31.51
C ILE B 545 16.97 15.18 30.32
N ASN B 546 15.70 14.92 29.97
CA ASN B 546 15.41 14.03 28.85
C ASN B 546 15.95 14.61 27.55
N LEU B 547 15.77 15.92 27.32
CA LEU B 547 16.24 16.52 26.09
C LEU B 547 17.76 16.44 25.98
N VAL B 548 18.47 16.77 27.06
CA VAL B 548 19.93 16.70 27.02
C VAL B 548 20.40 15.26 26.83
N VAL B 549 19.78 14.32 27.55
CA VAL B 549 20.18 12.92 27.47
C VAL B 549 19.95 12.37 26.07
N ILE B 550 18.83 12.72 25.45
CA ILE B 550 18.57 12.20 24.11
C ILE B 550 19.36 12.94 23.04
N ILE B 551 19.81 14.17 23.30
CA ILE B 551 20.76 14.81 22.38
C ILE B 551 22.07 14.03 22.38
N LEU B 552 22.60 13.75 23.58
CA LEU B 552 23.82 12.95 23.67
C LEU B 552 23.59 11.55 23.10
N LEU B 553 22.40 11.00 23.32
CA LEU B 553 22.06 9.69 22.76
C LEU B 553 22.05 9.71 21.24
N ASP B 554 21.52 10.79 20.65
CA ASP B 554 21.51 10.91 19.19
C ASP B 554 22.93 10.95 18.65
N GLU B 555 23.81 11.71 19.30
CA GLU B 555 25.21 11.74 18.86
C GLU B 555 25.85 10.37 18.95
N VAL B 556 25.69 9.70 20.10
CA VAL B 556 26.32 8.41 20.32
C VAL B 556 25.77 7.38 19.35
N TYR B 557 24.45 7.39 19.13
CA TYR B 557 23.83 6.43 18.24
C TYR B 557 24.21 6.67 16.79
N GLY B 558 24.38 7.94 16.40
CA GLY B 558 24.92 8.20 15.08
C GLY B 558 26.31 7.62 14.89
N CYS B 559 27.17 7.80 15.90
CA CYS B 559 28.51 7.23 15.80
C CYS B 559 28.46 5.70 15.73
N ILE B 560 27.63 5.08 16.57
CA ILE B 560 27.59 3.62 16.58
C ILE B 560 26.93 3.08 15.31
N ALA B 561 26.02 3.85 14.70
CA ALA B 561 25.47 3.45 13.42
C ALA B 561 26.51 3.56 12.31
N ARG B 562 27.35 4.59 12.36
CA ARG B 562 28.54 4.65 11.53
C ARG B 562 29.34 3.36 11.64
N TRP B 563 29.64 2.94 12.87
CA TRP B 563 30.45 1.74 13.08
C TRP B 563 29.72 0.49 12.58
N LEU B 564 28.42 0.38 12.86
CA LEU B 564 27.66 -0.79 12.44
C LEU B 564 27.62 -0.92 10.93
N THR B 565 27.41 0.19 10.22
CA THR B 565 27.43 0.13 8.76
C THR B 565 28.83 -0.15 8.24
N LYS B 566 29.86 0.32 8.93
CA LYS B 566 31.23 0.02 8.49
C LYS B 566 31.55 -1.46 8.62
N ILE B 567 31.15 -2.10 9.72
CA ILE B 567 31.54 -3.49 9.96
C ILE B 567 30.91 -4.43 8.95
N GLU B 568 29.68 -4.16 8.52
CA GLU B 568 29.01 -5.03 7.55
C GLU B 568 29.64 -4.96 6.16
N VAL B 569 30.43 -3.93 5.88
CA VAL B 569 31.18 -3.82 4.62
C VAL B 569 30.23 -3.82 3.42
N PRO B 570 29.46 -2.76 3.21
CA PRO B 570 28.66 -2.67 1.98
C PRO B 570 29.55 -2.68 0.75
N LYS B 571 29.07 -3.34 -0.30
CA LYS B 571 29.87 -3.46 -1.53
C LYS B 571 30.13 -2.11 -2.16
N THR B 572 29.11 -1.27 -2.25
CA THR B 572 29.23 0.03 -2.90
C THR B 572 28.95 1.14 -1.90
N GLU B 573 29.40 2.35 -2.25
CA GLU B 573 29.19 3.51 -1.39
C GLU B 573 27.70 3.83 -1.27
N LYS B 574 26.94 3.62 -2.36
CA LYS B 574 25.52 3.94 -2.32
C LYS B 574 24.78 3.04 -1.34
N SER B 575 25.11 1.74 -1.33
CA SER B 575 24.52 0.82 -0.37
C SER B 575 24.92 1.18 1.06
N PHE B 576 26.17 1.60 1.26
CA PHE B 576 26.62 2.04 2.58
C PHE B 576 25.79 3.23 3.05
N GLU B 577 25.60 4.22 2.18
CA GLU B 577 24.80 5.39 2.54
C GLU B 577 23.36 4.99 2.83
N GLU B 578 22.80 4.10 2.01
CA GLU B 578 21.43 3.62 2.20
C GLU B 578 21.25 2.98 3.57
N ARG B 579 22.11 2.02 3.89
CA ARG B 579 21.99 1.28 5.15
C ARG B 579 22.25 2.17 6.34
N LEU B 580 23.25 3.05 6.26
CA LEU B 580 23.50 3.98 7.37
C LEU B 580 22.34 4.92 7.57
N THR B 581 21.75 5.42 6.49
CA THR B 581 20.59 6.30 6.61
C THR B 581 19.43 5.58 7.26
N PHE B 582 19.18 4.32 6.88
CA PHE B 582 18.10 3.56 7.49
C PHE B 582 18.33 3.37 8.98
N LYS B 583 19.55 2.95 9.36
CA LYS B 583 19.85 2.72 10.77
C LYS B 583 19.75 4.00 11.58
N ALA B 584 20.32 5.10 11.07
CA ALA B 584 20.29 6.36 11.78
C ALA B 584 18.86 6.88 11.93
N PHE B 585 18.05 6.75 10.87
CA PHE B 585 16.67 7.19 10.97
C PHE B 585 15.90 6.36 11.99
N LEU B 586 16.12 5.04 12.02
CA LEU B 586 15.43 4.22 13.00
C LEU B 586 15.81 4.61 14.42
N LEU B 587 17.10 4.81 14.67
CA LEU B 587 17.54 5.20 16.01
C LEU B 587 17.00 6.57 16.39
N LYS B 588 17.04 7.53 15.47
CA LYS B 588 16.54 8.87 15.75
C LYS B 588 15.03 8.84 16.00
N PHE B 589 14.31 8.04 15.22
CA PHE B 589 12.87 7.88 15.43
C PHE B 589 12.59 7.35 16.83
N VAL B 590 13.33 6.31 17.25
CA VAL B 590 13.10 5.74 18.58
C VAL B 590 13.37 6.78 19.66
N ASN B 591 14.52 7.45 19.58
CA ASN B 591 14.89 8.42 20.61
C ASN B 591 13.90 9.58 20.66
N SER B 592 13.46 10.06 19.49
CA SER B 592 12.57 11.22 19.46
C SER B 592 11.16 10.90 19.88
N TYR B 593 10.65 9.69 19.58
CA TYR B 593 9.24 9.40 19.77
C TYR B 593 8.93 8.45 20.92
N THR B 594 9.94 7.91 21.60
CA THR B 594 9.64 7.03 22.73
C THR B 594 8.90 7.75 23.87
N PRO B 595 9.39 8.88 24.40
CA PRO B 595 8.65 9.54 25.48
C PRO B 595 7.27 10.01 25.08
N ILE B 596 7.11 10.50 23.84
CA ILE B 596 5.80 10.96 23.38
C ILE B 596 4.82 9.80 23.30
N PHE B 597 5.28 8.66 22.75
CA PHE B 597 4.41 7.48 22.70
C PHE B 597 4.04 7.02 24.10
N TYR B 598 5.00 7.03 25.02
CA TYR B 598 4.72 6.63 26.39
C TYR B 598 3.66 7.54 27.02
N VAL B 599 3.84 8.85 26.90
CA VAL B 599 2.89 9.78 27.50
C VAL B 599 1.52 9.67 26.85
N ALA B 600 1.49 9.41 25.54
CA ALA B 600 0.21 9.36 24.84
C ALA B 600 -0.56 8.09 25.18
N PHE B 601 0.13 6.96 25.34
CA PHE B 601 -0.57 5.69 25.45
C PHE B 601 -0.41 5.02 26.80
N PHE B 602 0.82 4.86 27.30
CA PHE B 602 1.09 3.97 28.43
C PHE B 602 1.42 4.70 29.72
N LYS B 603 1.17 6.01 29.80
CA LYS B 603 1.59 6.76 30.98
C LYS B 603 0.75 6.39 32.20
N GLY B 604 -0.55 6.65 32.15
CA GLY B 604 -1.41 6.38 33.28
C GLY B 604 -2.48 5.35 32.99
N ARG B 605 -2.12 4.33 32.21
CA ARG B 605 -3.07 3.33 31.75
C ARG B 605 -2.98 2.01 32.51
N PHE B 606 -1.79 1.61 32.96
CA PHE B 606 -1.58 0.30 33.55
C PHE B 606 -1.61 0.33 35.08
N VAL B 607 -2.11 1.41 35.68
CA VAL B 607 -2.29 1.46 37.13
C VAL B 607 -3.60 0.76 37.48
N GLY B 608 -3.78 0.46 38.76
CA GLY B 608 -4.98 -0.22 39.23
C GLY B 608 -5.94 0.72 39.93
N ARG B 609 -6.92 0.13 40.60
CA ARG B 609 -7.89 0.89 41.36
C ARG B 609 -7.26 1.46 42.62
N PRO B 610 -7.92 2.45 43.25
CA PRO B 610 -7.33 3.06 44.44
C PRO B 610 -7.10 2.09 45.58
N GLY B 611 -7.87 1.01 45.68
CA GLY B 611 -7.66 0.04 46.71
C GLY B 611 -6.59 -0.98 46.38
N ASP B 612 -6.22 -1.06 45.09
CA ASP B 612 -5.23 -2.03 44.61
C ASP B 612 -4.39 -1.35 43.53
N TYR B 613 -3.25 -0.79 43.93
CA TYR B 613 -2.33 -0.17 43.00
C TYR B 613 -1.28 -1.16 42.51
N VAL B 614 -0.59 -0.76 41.45
CA VAL B 614 0.50 -1.55 40.87
C VAL B 614 1.80 -0.76 41.04
N TYR B 615 2.83 -1.43 41.55
CA TYR B 615 4.10 -0.79 41.88
C TYR B 615 5.20 -1.38 41.00
N ILE B 616 6.01 -0.51 40.39
CA ILE B 616 7.15 -0.94 39.62
C ILE B 616 8.32 -1.18 40.57
N PHE B 617 8.90 -2.38 40.51
CA PHE B 617 9.95 -2.81 41.43
C PHE B 617 9.44 -2.94 42.86
N ARG B 618 8.11 -3.02 43.02
CA ARG B 618 7.42 -3.10 44.32
C ARG B 618 7.93 -2.06 45.32
N SER B 619 8.33 -0.90 44.82
CA SER B 619 8.77 0.20 45.69
C SER B 619 8.16 1.52 45.26
N PHE B 620 7.80 1.64 43.98
CA PHE B 620 7.33 2.89 43.41
C PHE B 620 5.96 2.70 42.79
N ARG B 621 5.03 3.60 43.12
CA ARG B 621 3.78 3.69 42.38
C ARG B 621 4.07 4.33 41.02
N MET B 622 3.71 3.63 39.95
CA MET B 622 4.28 3.91 38.63
C MET B 622 3.99 5.33 38.11
N GLU B 623 2.74 5.66 37.83
CA GLU B 623 2.45 6.99 37.29
C GLU B 623 0.94 7.19 37.22
N GLU B 624 0.50 8.41 37.51
CA GLU B 624 -0.89 8.79 37.35
C GLU B 624 -0.96 10.04 36.47
N CYS B 625 -1.99 10.11 35.64
CA CYS B 625 -2.17 11.27 34.79
C CYS B 625 -2.42 12.51 35.65
N ALA B 626 -1.95 13.65 35.16
CA ALA B 626 -2.14 14.90 35.88
C ALA B 626 -3.63 15.24 35.93
N PRO B 627 -4.03 16.05 36.91
CA PRO B 627 -5.45 16.45 37.02
C PRO B 627 -5.92 17.15 35.75
N GLY B 628 -6.85 16.52 35.05
CA GLY B 628 -7.31 16.98 33.75
C GLY B 628 -6.99 16.06 32.61
N GLY B 629 -6.32 14.95 32.86
CA GLY B 629 -6.00 13.97 31.84
C GLY B 629 -4.57 14.11 31.34
N CYS B 630 -4.13 13.08 30.63
CA CYS B 630 -2.79 13.07 30.03
C CYS B 630 -2.74 13.74 28.66
N LEU B 631 -3.88 14.16 28.12
CA LEU B 631 -3.88 14.89 26.86
C LEU B 631 -3.16 16.22 26.99
N MET B 632 -3.38 16.92 28.11
CA MET B 632 -2.71 18.19 28.32
C MET B 632 -1.20 18.01 28.43
N GLU B 633 -0.76 16.95 29.11
CA GLU B 633 0.68 16.67 29.19
C GLU B 633 1.25 16.39 27.81
N LEU B 634 0.54 15.64 26.98
CA LEU B 634 1.00 15.37 25.63
C LEU B 634 1.10 16.66 24.82
N CYS B 635 0.11 17.54 24.95
CA CYS B 635 0.15 18.82 24.23
C CYS B 635 1.33 19.67 24.68
N ILE B 636 1.57 19.72 26.00
CA ILE B 636 2.69 20.49 26.53
C ILE B 636 4.02 19.93 26.01
N GLN B 637 4.14 18.60 26.03
CA GLN B 637 5.37 17.97 25.54
C GLN B 637 5.59 18.26 24.06
N LEU B 638 4.53 18.17 23.25
CA LEU B 638 4.65 18.46 21.83
C LEU B 638 5.05 19.91 21.59
N SER B 639 4.44 20.85 22.33
CA SER B 639 4.78 22.25 22.19
C SER B 639 6.23 22.50 22.55
N ILE B 640 6.69 21.92 23.67
CA ILE B 640 8.08 22.09 24.08
C ILE B 640 9.03 21.51 23.04
N ILE B 641 8.71 20.33 22.51
CA ILE B 641 9.59 19.68 21.56
C ILE B 641 9.69 20.50 20.27
N MET B 642 8.55 21.00 19.77
CA MET B 642 8.58 21.69 18.49
C MET B 642 8.95 23.17 18.59
N LEU B 643 8.97 23.76 19.80
CA LEU B 643 9.39 25.14 19.95
C LEU B 643 10.77 25.27 20.58
N GLY B 644 10.96 24.71 21.78
CA GLY B 644 12.25 24.86 22.45
C GLY B 644 13.35 24.09 21.77
N LYS B 645 13.06 22.86 21.31
CA LYS B 645 14.10 21.97 20.81
C LYS B 645 14.29 22.11 19.29
N GLN B 646 13.22 21.88 18.53
CA GLN B 646 13.34 21.88 17.08
C GLN B 646 13.51 23.29 16.51
N LEU B 647 12.94 24.29 17.17
CA LEU B 647 12.97 25.66 16.67
C LEU B 647 14.04 26.52 17.31
N ILE B 648 14.29 26.37 18.61
CA ILE B 648 15.22 27.23 19.31
C ILE B 648 16.56 26.53 19.48
N GLN B 649 16.57 25.40 20.18
CA GLN B 649 17.83 24.73 20.50
C GLN B 649 18.52 24.21 19.25
N ASN B 650 17.76 23.58 18.35
CA ASN B 650 18.36 22.96 17.18
C ASN B 650 18.95 24.01 16.24
N ASN B 651 18.18 25.06 15.95
CA ASN B 651 18.68 26.10 15.05
C ASN B 651 19.84 26.86 15.67
N LEU B 652 19.76 27.14 16.98
CA LEU B 652 20.87 27.81 17.65
C LEU B 652 22.14 26.96 17.60
N PHE B 653 22.01 25.66 17.83
CA PHE B 653 23.17 24.78 17.74
C PHE B 653 23.72 24.74 16.32
N GLU B 654 22.84 24.70 15.32
CA GLU B 654 23.28 24.69 13.93
C GLU B 654 24.07 25.96 13.61
N ILE B 655 23.59 27.11 14.11
CA ILE B 655 24.29 28.36 13.83
C ILE B 655 25.61 28.43 14.58
N GLY B 656 25.64 27.96 15.83
CA GLY B 656 26.80 28.15 16.69
C GLY B 656 27.91 27.13 16.60
N ILE B 657 27.60 25.89 16.20
CA ILE B 657 28.62 24.85 16.14
C ILE B 657 29.71 25.18 15.13
N PRO B 658 29.40 25.52 13.88
CA PRO B 658 30.48 25.94 12.96
C PRO B 658 31.24 27.16 13.45
N LYS B 659 30.55 28.13 14.02
CA LYS B 659 31.24 29.31 14.57
C LYS B 659 32.13 28.93 15.74
N MET B 660 31.64 28.05 16.62
CA MET B 660 32.44 27.60 17.76
C MET B 660 33.69 26.87 17.29
N LYS B 661 33.54 25.98 16.32
CA LYS B 661 34.70 25.23 15.83
C LYS B 661 35.69 26.15 15.11
N LYS B 662 35.18 27.12 14.35
CA LYS B 662 36.08 28.08 13.71
C LYS B 662 36.84 28.92 14.74
N PHE B 663 36.16 29.35 15.79
CA PHE B 663 36.82 30.09 16.86
C PHE B 663 37.87 29.25 17.56
N ILE B 664 37.56 27.96 17.79
CA ILE B 664 38.52 27.07 18.42
C ILE B 664 39.74 26.88 17.53
N ARG B 665 39.52 26.71 16.22
CA ARG B 665 40.64 26.57 15.29
C ARG B 665 41.49 27.83 15.26
N TYR B 666 40.86 29.00 15.29
CA TYR B 666 41.63 30.24 15.35
C TYR B 666 42.43 30.34 16.63
N LEU B 667 41.84 29.93 17.76
CA LEU B 667 42.54 30.01 19.05
C LEU B 667 43.76 29.10 19.06
N LYS B 668 43.62 27.89 18.54
CA LYS B 668 44.74 26.94 18.53
C LYS B 668 45.60 27.13 17.29
N ARG B 683 43.31 39.40 -0.84
CA ARG B 683 44.68 39.24 -0.37
C ARG B 683 45.06 37.76 -0.27
N LYS B 684 44.40 37.06 0.64
CA LYS B 684 44.65 35.64 0.80
C LYS B 684 44.18 34.86 -0.43
N GLN B 685 44.90 33.78 -0.73
CA GLN B 685 44.57 32.97 -1.89
C GLN B 685 43.22 32.29 -1.70
N ARG B 686 42.54 32.04 -2.83
CA ARG B 686 41.20 31.46 -2.78
C ARG B 686 41.22 30.06 -2.17
N TYR B 687 42.22 29.25 -2.52
CA TYR B 687 42.27 27.89 -1.99
C TYR B 687 42.48 27.90 -0.48
N GLU B 688 43.27 28.85 0.02
CA GLU B 688 43.49 28.94 1.47
C GLU B 688 42.20 29.29 2.20
N VAL B 689 41.48 30.29 1.71
CA VAL B 689 40.24 30.71 2.37
C VAL B 689 39.19 29.62 2.29
N ASP B 690 39.15 28.89 1.16
CA ASP B 690 38.24 27.75 1.08
C ASP B 690 38.66 26.63 2.03
N PHE B 691 39.97 26.44 2.22
CA PHE B 691 40.46 25.45 3.18
C PHE B 691 40.03 25.80 4.59
N ASN B 692 40.05 27.09 4.93
CA ASN B 692 39.59 27.51 6.26
C ASN B 692 38.09 27.25 6.45
N LEU B 693 37.33 27.12 5.36
CA LEU B 693 35.91 26.83 5.46
C LEU B 693 35.69 25.42 6.00
N GLU B 694 34.55 25.24 6.65
CA GLU B 694 34.20 23.92 7.18
C GLU B 694 33.91 22.95 6.04
N PRO B 695 34.38 21.72 6.12
CA PRO B 695 34.07 20.73 5.09
C PRO B 695 32.59 20.37 5.07
N PHE B 696 32.08 20.04 3.89
CA PHE B 696 30.69 19.63 3.76
C PHE B 696 30.50 18.27 4.40
N ALA B 697 29.42 18.13 5.18
CA ALA B 697 29.11 16.88 5.86
C ALA B 697 28.18 16.01 5.03
N GLY B 698 27.09 16.58 4.53
CA GLY B 698 26.13 15.84 3.74
C GLY B 698 24.73 16.32 3.99
N LEU B 699 23.80 15.80 3.19
CA LEU B 699 22.39 16.14 3.31
C LEU B 699 21.64 15.23 4.27
N THR B 700 22.31 14.23 4.83
CA THR B 700 21.64 13.30 5.75
C THR B 700 21.12 13.99 7.00
N PRO B 701 21.89 14.81 7.73
CA PRO B 701 21.32 15.47 8.92
C PRO B 701 20.16 16.40 8.61
N GLU B 702 20.23 17.14 7.50
CA GLU B 702 19.13 18.05 7.14
C GLU B 702 17.86 17.27 6.85
N TYR B 703 17.97 16.23 6.03
CA TYR B 703 16.82 15.38 5.74
C TYR B 703 16.30 14.71 7.00
N MET B 704 17.20 14.31 7.90
CA MET B 704 16.76 13.68 9.15
C MET B 704 15.95 14.65 9.99
N GLU B 705 16.41 15.90 10.12
CA GLU B 705 15.65 16.89 10.87
C GLU B 705 14.29 17.13 10.22
N MET B 706 14.25 17.26 8.90
CA MET B 706 12.99 17.51 8.22
C MET B 706 12.03 16.32 8.36
N ILE B 707 12.55 15.10 8.29
CA ILE B 707 11.70 13.92 8.40
C ILE B 707 11.17 13.77 9.82
N ILE B 708 12.00 14.08 10.81
CA ILE B 708 11.53 14.05 12.20
C ILE B 708 10.43 15.08 12.41
N GLN B 709 10.61 16.28 11.84
CA GLN B 709 9.56 17.30 11.94
C GLN B 709 8.29 16.85 11.24
N PHE B 710 8.43 16.19 10.08
CA PHE B 710 7.26 15.68 9.37
C PHE B 710 6.54 14.62 10.21
N GLY B 711 7.30 13.74 10.87
CA GLY B 711 6.69 12.78 11.76
C GLY B 711 5.96 13.45 12.92
N PHE B 712 6.53 14.51 13.45
CA PHE B 712 5.82 15.28 14.49
C PHE B 712 4.52 15.87 13.94
N VAL B 713 4.56 16.39 12.71
CA VAL B 713 3.40 17.04 12.15
C VAL B 713 2.29 16.03 11.87
N THR B 714 2.64 14.85 11.39
CA THR B 714 1.64 13.89 10.94
C THR B 714 1.20 12.92 12.04
N LEU B 715 2.16 12.29 12.72
CA LEU B 715 1.82 11.24 13.69
C LEU B 715 1.01 11.79 14.84
N PHE B 716 1.39 12.96 15.37
CA PHE B 716 0.69 13.58 16.48
C PHE B 716 0.10 14.89 16.01
N VAL B 717 -1.08 14.81 15.40
CA VAL B 717 -1.84 15.99 15.02
C VAL B 717 -3.31 15.93 15.42
N ALA B 718 -3.85 14.76 15.71
CA ALA B 718 -5.25 14.66 16.13
C ALA B 718 -5.45 15.32 17.50
N SER B 719 -4.48 15.17 18.40
CA SER B 719 -4.56 15.72 19.74
C SER B 719 -3.81 17.04 19.88
N PHE B 720 -3.29 17.59 18.79
CA PHE B 720 -2.48 18.81 18.86
C PHE B 720 -2.52 19.53 17.52
N PRO B 721 -3.47 20.44 17.34
CA PRO B 721 -3.38 21.39 16.22
C PRO B 721 -2.23 22.35 16.43
N LEU B 722 -1.99 23.18 15.42
CA LEU B 722 -0.92 24.18 15.41
C LEU B 722 0.45 23.54 15.19
N ALA B 723 0.51 22.22 15.14
CA ALA B 723 1.76 21.54 14.76
C ALA B 723 2.21 21.94 13.36
N PRO B 724 1.35 21.94 12.35
CA PRO B 724 1.77 22.48 11.05
C PRO B 724 2.21 23.94 11.11
N LEU B 725 1.62 24.74 12.00
CA LEU B 725 2.05 26.13 12.12
C LEU B 725 3.47 26.24 12.66
N PHE B 726 3.79 25.48 13.71
CA PHE B 726 5.15 25.48 14.25
C PHE B 726 6.13 24.93 13.22
N ALA B 727 5.74 23.88 12.50
CA ALA B 727 6.59 23.35 11.44
C ALA B 727 6.82 24.39 10.34
N LEU B 728 5.78 25.15 10.01
CA LEU B 728 5.93 26.19 8.98
C LEU B 728 6.88 27.27 9.43
N LEU B 729 6.78 27.71 10.68
CA LEU B 729 7.72 28.72 11.20
C LEU B 729 9.15 28.18 11.18
N ASN B 730 9.33 26.94 11.65
CA ASN B 730 10.66 26.35 11.66
C ASN B 730 11.23 26.21 10.26
N ASN B 731 10.39 25.84 9.29
CA ASN B 731 10.86 25.70 7.91
C ASN B 731 11.17 27.05 7.29
N ILE B 732 10.40 28.08 7.63
CA ILE B 732 10.68 29.42 7.15
C ILE B 732 12.06 29.86 7.63
N ILE B 733 12.37 29.58 8.89
CA ILE B 733 13.73 29.88 9.38
C ILE B 733 14.75 28.96 8.71
N GLU B 734 14.37 27.69 8.50
CA GLU B 734 15.34 26.66 8.13
C GLU B 734 15.82 26.82 6.70
N ILE B 735 14.95 27.27 5.79
CA ILE B 735 15.37 27.45 4.41
C ILE B 735 16.51 28.46 4.33
N ARG B 736 16.32 29.62 4.96
CA ARG B 736 17.35 30.64 4.95
C ARG B 736 18.58 30.21 5.75
N LEU B 737 18.37 29.49 6.86
CA LEU B 737 19.51 29.02 7.65
C LEU B 737 20.39 28.07 6.85
N ASP B 738 19.78 27.10 6.18
CA ASP B 738 20.54 26.16 5.37
C ASP B 738 21.19 26.84 4.17
N ALA B 739 20.48 27.78 3.54
CA ALA B 739 21.07 28.52 2.43
C ALA B 739 22.30 29.31 2.87
N LYS B 740 22.20 29.98 4.02
CA LYS B 740 23.34 30.74 4.53
C LYS B 740 24.50 29.81 4.89
N LYS B 741 24.19 28.67 5.50
CA LYS B 741 25.24 27.71 5.85
C LYS B 741 25.96 27.21 4.60
N PHE B 742 25.21 26.90 3.54
CA PHE B 742 25.83 26.43 2.31
C PHE B 742 26.66 27.52 1.65
N VAL B 743 26.12 28.74 1.57
CA VAL B 743 26.79 29.80 0.83
C VAL B 743 28.04 30.27 1.55
N THR B 744 27.96 30.48 2.86
CA THR B 744 29.01 31.19 3.59
C THR B 744 29.93 30.27 4.40
N GLU B 745 29.40 29.21 5.00
CA GLU B 745 30.18 28.43 5.95
C GLU B 745 30.89 27.24 5.29
N LEU B 746 30.11 26.33 4.71
CA LEU B 746 30.68 25.08 4.21
C LEU B 746 31.49 25.30 2.95
N ARG B 747 32.40 24.37 2.69
CA ARG B 747 33.12 24.35 1.42
C ARG B 747 32.16 23.94 0.30
N ARG B 748 32.55 24.26 -0.93
CA ARG B 748 31.73 23.90 -2.08
C ARG B 748 31.70 22.39 -2.25
N PRO B 749 30.53 21.76 -2.26
CA PRO B 749 30.48 20.31 -2.47
C PRO B 749 30.86 19.95 -3.90
N VAL B 750 31.16 18.66 -4.08
CA VAL B 750 31.53 18.15 -5.40
C VAL B 750 30.38 18.30 -6.39
N ALA B 751 29.14 18.38 -5.92
CA ALA B 751 27.97 18.58 -6.77
C ALA B 751 27.72 17.37 -7.68
N ILE B 752 27.64 16.19 -7.07
CA ILE B 752 27.30 14.98 -7.79
C ILE B 752 25.81 15.02 -8.13
N ARG B 753 25.37 14.14 -9.03
CA ARG B 753 24.03 14.18 -9.61
C ARG B 753 23.08 13.29 -8.83
N ALA B 754 21.85 13.75 -8.69
CA ALA B 754 20.75 12.96 -8.16
C ALA B 754 19.46 13.36 -8.86
N LYS B 755 18.61 12.36 -9.11
CA LYS B 755 17.29 12.62 -9.68
C LYS B 755 16.17 12.35 -8.68
N ASP B 756 16.46 11.77 -7.53
CA ASP B 756 15.46 11.47 -6.53
C ASP B 756 16.04 11.80 -5.16
N ILE B 757 15.16 12.05 -4.19
CA ILE B 757 15.62 12.25 -2.82
C ILE B 757 16.09 10.94 -2.20
N GLY B 758 15.75 9.81 -2.80
CA GLY B 758 16.28 8.53 -2.37
C GLY B 758 15.42 7.79 -1.37
N ILE B 759 16.06 7.24 -0.32
CA ILE B 759 15.34 6.51 0.71
C ILE B 759 14.41 7.41 1.51
N TRP B 760 14.62 8.73 1.45
CA TRP B 760 13.80 9.65 2.24
C TRP B 760 12.35 9.64 1.79
N TYR B 761 12.10 9.43 0.49
CA TYR B 761 10.71 9.30 0.04
C TYR B 761 10.05 8.07 0.63
N ASN B 762 10.76 6.94 0.68
CA ASN B 762 10.19 5.74 1.29
C ASN B 762 9.95 5.95 2.78
N ILE B 763 10.88 6.63 3.46
CA ILE B 763 10.69 6.93 4.88
C ILE B 763 9.48 7.81 5.09
N LEU B 764 9.30 8.82 4.23
CA LEU B 764 8.14 9.69 4.34
C LEU B 764 6.85 8.93 4.11
N ARG B 765 6.82 8.04 3.12
CA ARG B 765 5.62 7.26 2.86
C ARG B 765 5.29 6.35 4.05
N GLY B 766 6.32 5.70 4.62
CA GLY B 766 6.10 4.85 5.76
C GLY B 766 5.60 5.61 6.97
N VAL B 767 6.19 6.79 7.22
CA VAL B 767 5.74 7.62 8.34
C VAL B 767 4.30 8.05 8.14
N GLY B 768 3.95 8.44 6.91
CA GLY B 768 2.57 8.80 6.63
C GLY B 768 1.61 7.66 6.83
N LYS B 769 2.00 6.45 6.43
CA LYS B 769 1.15 5.28 6.62
C LYS B 769 0.96 4.97 8.10
N LEU B 770 2.04 5.05 8.88
CA LEU B 770 1.93 4.82 10.32
C LEU B 770 1.15 5.92 11.02
N ALA B 771 1.13 7.12 10.45
CA ALA B 771 0.42 8.23 11.06
C ALA B 771 -1.08 7.96 11.15
N VAL B 772 -1.64 7.20 10.21
CA VAL B 772 -3.07 6.89 10.26
C VAL B 772 -3.39 6.06 11.51
N ILE B 773 -2.61 5.01 11.75
CA ILE B 773 -2.82 4.17 12.92
C ILE B 773 -2.58 4.96 14.20
N ILE B 774 -1.52 5.77 14.22
CA ILE B 774 -1.20 6.55 15.41
C ILE B 774 -2.31 7.54 15.72
N ASN B 775 -2.83 8.23 14.69
CA ASN B 775 -3.91 9.18 14.89
C ASN B 775 -5.18 8.48 15.36
N ALA B 776 -5.48 7.31 14.79
CA ALA B 776 -6.66 6.57 15.22
C ALA B 776 -6.57 6.20 16.70
N PHE B 777 -5.40 5.69 17.12
CA PHE B 777 -5.24 5.31 18.52
C PHE B 777 -5.24 6.53 19.43
N VAL B 778 -4.69 7.66 18.97
CA VAL B 778 -4.72 8.88 19.77
C VAL B 778 -6.15 9.36 19.97
N ILE B 779 -6.95 9.34 18.90
CA ILE B 779 -8.34 9.79 19.00
C ILE B 779 -9.14 8.85 19.89
N SER B 780 -8.86 7.54 19.81
CA SER B 780 -9.70 6.57 20.49
C SER B 780 -9.34 6.42 21.97
N PHE B 781 -8.06 6.51 22.31
CA PHE B 781 -7.62 6.13 23.65
C PHE B 781 -7.11 7.28 24.50
N THR B 782 -6.51 8.32 23.90
CA THR B 782 -5.99 9.45 24.67
C THR B 782 -6.72 10.75 24.40
N SER B 783 -7.81 10.73 23.61
CA SER B 783 -8.50 11.95 23.24
C SER B 783 -9.75 12.24 24.06
N ASP B 784 -10.33 11.22 24.70
CA ASP B 784 -11.59 11.33 25.45
C ASP B 784 -12.79 11.60 24.57
N PHE B 785 -12.62 11.52 23.24
CA PHE B 785 -13.73 11.78 22.31
C PHE B 785 -14.70 10.61 22.27
N ILE B 786 -14.18 9.38 22.28
CA ILE B 786 -15.05 8.20 22.23
C ILE B 786 -15.96 8.10 23.45
N PRO B 787 -15.47 8.25 24.68
CA PRO B 787 -16.39 8.18 25.85
C PRO B 787 -17.51 9.20 25.81
N ARG B 788 -17.25 10.40 25.31
CA ARG B 788 -18.31 11.40 25.21
C ARG B 788 -19.40 10.93 24.25
N LEU B 789 -19.02 10.39 23.09
CA LEU B 789 -20.00 9.87 22.15
C LEU B 789 -20.77 8.71 22.75
N VAL B 790 -20.08 7.81 23.44
CA VAL B 790 -20.74 6.65 24.03
C VAL B 790 -21.77 7.08 25.07
N TYR B 791 -21.39 8.03 25.93
CA TYR B 791 -22.33 8.54 26.93
C TYR B 791 -23.51 9.23 26.26
N LEU B 792 -23.25 10.04 25.24
CA LEU B 792 -24.32 10.79 24.58
C LEU B 792 -25.31 9.86 23.90
N TYR B 793 -24.83 8.80 23.27
CA TYR B 793 -25.70 7.93 22.47
C TYR B 793 -26.20 6.69 23.20
N MET B 794 -25.71 6.40 24.40
CA MET B 794 -26.33 5.27 25.08
C MET B 794 -26.74 5.59 26.51
N TYR B 795 -25.99 6.43 27.22
CA TYR B 795 -26.23 6.71 28.62
C TYR B 795 -26.77 8.11 28.88
N SER B 796 -26.90 8.95 27.85
CA SER B 796 -27.32 10.33 28.06
C SER B 796 -28.76 10.42 28.56
N GLN B 797 -29.65 9.55 28.07
CA GLN B 797 -31.07 9.58 28.40
C GLN B 797 -31.74 10.85 27.87
N ASN B 798 -31.39 12.00 28.45
CA ASN B 798 -31.93 13.27 27.96
C ASN B 798 -31.49 13.55 26.53
N GLY B 799 -30.33 13.03 26.13
CA GLY B 799 -29.79 13.29 24.81
C GLY B 799 -28.73 14.36 24.77
N THR B 800 -28.38 14.95 25.90
CA THR B 800 -27.35 15.99 25.99
C THR B 800 -26.12 15.43 26.68
N MET B 801 -25.13 16.30 26.89
CA MET B 801 -23.87 15.91 27.51
C MET B 801 -23.86 16.11 29.01
N HIS B 802 -24.98 16.52 29.60
CA HIS B 802 -25.04 16.75 31.04
C HIS B 802 -24.87 15.43 31.80
N GLY B 803 -24.12 15.49 32.91
CA GLY B 803 -23.87 14.31 33.70
C GLY B 803 -22.73 13.44 33.21
N PHE B 804 -22.01 13.87 32.17
CA PHE B 804 -20.92 13.05 31.64
C PHE B 804 -19.78 12.90 32.65
N VAL B 805 -19.45 13.98 33.36
CA VAL B 805 -18.36 13.90 34.33
C VAL B 805 -18.71 12.96 35.46
N ASN B 806 -19.96 13.02 35.94
CA ASN B 806 -20.41 12.07 36.96
C ASN B 806 -20.39 10.64 36.43
N HIS B 807 -20.74 10.47 35.15
CA HIS B 807 -20.73 9.14 34.55
C HIS B 807 -19.31 8.57 34.50
N THR B 808 -18.33 9.40 34.16
CA THR B 808 -16.95 8.94 34.01
C THR B 808 -16.22 8.76 35.34
N LEU B 809 -16.78 9.27 36.44
CA LEU B 809 -16.14 9.18 37.75
C LEU B 809 -16.79 8.07 38.57
N SER B 810 -15.95 7.25 39.19
CA SER B 810 -16.41 6.15 40.03
C SER B 810 -15.99 6.41 41.48
N SER B 811 -16.87 6.05 42.41
CA SER B 811 -16.63 6.30 43.82
C SER B 811 -15.74 5.22 44.42
N PHE B 812 -14.98 5.60 45.44
CA PHE B 812 -14.12 4.69 46.16
C PHE B 812 -14.19 4.99 47.66
N ASN B 813 -14.30 3.94 48.46
CA ASN B 813 -14.34 4.08 49.91
C ASN B 813 -12.94 4.30 50.44
N VAL B 814 -12.73 5.41 51.16
CA VAL B 814 -11.39 5.74 51.66
C VAL B 814 -10.90 4.73 52.68
N SER B 815 -11.80 3.99 53.32
CA SER B 815 -11.40 2.99 54.30
C SER B 815 -10.76 1.76 53.67
N ASP B 816 -10.79 1.64 52.34
CA ASP B 816 -10.26 0.47 51.64
C ASP B 816 -8.81 0.65 51.19
N PHE B 817 -8.16 1.74 51.59
CA PHE B 817 -6.75 1.93 51.24
C PHE B 817 -5.91 0.84 51.88
N GLN B 818 -4.87 0.42 51.16
CA GLN B 818 -4.13 -0.80 51.49
C GLN B 818 -2.98 -0.55 52.47
N ASN B 819 -3.29 0.09 53.60
CA ASN B 819 -2.40 0.16 54.77
C ASN B 819 -1.04 0.77 54.41
N GLY B 820 -1.09 2.05 54.05
CA GLY B 820 0.13 2.78 53.74
C GLY B 820 0.01 3.56 52.44
N THR B 821 -1.18 3.55 51.85
CA THR B 821 -1.45 4.27 50.62
C THR B 821 -2.38 5.45 50.83
N ALA B 822 -3.05 5.54 51.97
CA ALA B 822 -3.89 6.69 52.26
C ALA B 822 -3.02 7.93 52.43
N PRO B 823 -3.60 9.12 52.23
CA PRO B 823 -2.82 10.36 52.34
C PRO B 823 -2.22 10.52 53.74
N ASN B 824 -0.98 10.98 53.77
CA ASN B 824 -0.28 11.15 55.05
C ASN B 824 -0.96 12.20 55.92
N ASP B 825 -1.36 13.32 55.31
CA ASP B 825 -2.06 14.39 56.02
C ASP B 825 -3.33 14.76 55.26
N PRO B 826 -4.48 14.21 55.65
CA PRO B 826 -5.75 14.66 55.05
C PRO B 826 -5.94 16.15 55.32
N LEU B 827 -6.12 16.91 54.24
CA LEU B 827 -6.16 18.37 54.35
C LEU B 827 -7.32 18.83 55.21
N ASP B 828 -8.51 18.24 55.00
CA ASP B 828 -9.71 18.60 55.75
C ASP B 828 -10.03 20.08 55.56
N LEU B 829 -10.27 20.44 54.30
CA LEU B 829 -10.53 21.83 53.95
C LEU B 829 -11.77 22.35 54.66
N GLY B 830 -12.89 21.65 54.53
CA GLY B 830 -14.09 22.00 55.25
C GLY B 830 -14.89 20.76 55.64
N TYR B 831 -14.26 19.60 55.56
CA TYR B 831 -14.97 18.33 55.73
C TYR B 831 -13.92 17.22 55.86
N GLU B 832 -14.39 16.02 56.16
CA GLU B 832 -13.58 14.82 56.16
C GLU B 832 -14.04 13.92 55.02
N VAL B 833 -13.08 13.42 54.24
CA VAL B 833 -13.40 12.67 53.03
C VAL B 833 -13.79 11.25 53.42
N GLN B 834 -15.03 10.87 53.07
CA GLN B 834 -15.50 9.51 53.25
C GLN B 834 -15.44 8.70 51.97
N ILE B 835 -15.58 9.36 50.82
CA ILE B 835 -15.55 8.68 49.52
C ILE B 835 -14.91 9.59 48.49
N CYS B 836 -13.80 9.14 47.91
CA CYS B 836 -13.09 9.89 46.89
C CYS B 836 -13.42 9.33 45.50
N ARG B 837 -13.53 10.21 44.52
CA ARG B 837 -13.91 9.84 43.17
C ARG B 837 -12.68 9.65 42.29
N TYR B 838 -12.82 8.79 41.29
CA TYR B 838 -11.78 8.54 40.31
C TYR B 838 -12.44 8.01 39.05
N LYS B 839 -11.69 8.07 37.94
CA LYS B 839 -12.21 7.69 36.62
C LYS B 839 -11.57 6.38 36.19
N ASP B 840 -12.27 5.27 36.43
CA ASP B 840 -11.79 3.97 35.98
C ASP B 840 -12.88 3.07 35.41
N TYR B 841 -14.14 3.51 35.41
CA TYR B 841 -15.26 2.66 34.98
C TYR B 841 -15.34 1.39 35.83
N ARG B 842 -15.46 1.59 37.14
CA ARG B 842 -15.55 0.50 38.09
C ARG B 842 -16.77 0.70 38.96
N GLU B 843 -17.33 -0.41 39.45
CA GLU B 843 -18.60 -0.35 40.14
C GLU B 843 -18.41 0.14 41.58
N PRO B 844 -19.44 0.74 42.16
CA PRO B 844 -19.27 1.50 43.41
C PRO B 844 -19.09 0.58 44.60
N PRO B 845 -18.63 1.13 45.73
CA PRO B 845 -18.44 0.30 46.93
C PRO B 845 -19.71 -0.33 47.45
N TRP B 846 -20.88 0.28 47.24
CA TRP B 846 -22.14 -0.22 47.74
C TRP B 846 -22.76 -1.28 46.83
N SER B 847 -21.97 -1.91 45.98
CA SER B 847 -22.42 -3.00 45.13
C SER B 847 -21.71 -4.28 45.54
N GLU B 848 -22.31 -5.41 45.15
CA GLU B 848 -21.72 -6.71 45.48
C GLU B 848 -20.35 -6.87 44.83
N HIS B 849 -20.23 -6.51 43.56
CA HIS B 849 -18.96 -6.58 42.85
C HIS B 849 -18.27 -5.23 42.83
N LYS B 850 -17.93 -4.75 44.02
CA LYS B 850 -17.32 -3.43 44.17
C LYS B 850 -15.90 -3.43 43.61
N TYR B 851 -15.58 -2.37 42.87
CA TYR B 851 -14.26 -2.11 42.29
C TYR B 851 -13.93 -3.02 41.11
N ASP B 852 -14.83 -3.92 40.73
CA ASP B 852 -14.62 -4.72 39.54
C ASP B 852 -14.93 -3.90 38.30
N ILE B 853 -14.40 -4.36 37.16
CA ILE B 853 -14.64 -3.66 35.90
C ILE B 853 -16.13 -3.74 35.55
N SER B 854 -16.72 -2.58 35.26
CA SER B 854 -18.14 -2.49 34.98
C SER B 854 -18.41 -2.77 33.50
N LYS B 855 -19.70 -2.88 33.17
CA LYS B 855 -20.10 -3.06 31.79
C LYS B 855 -19.78 -1.83 30.95
N ASP B 856 -19.81 -0.65 31.56
CA ASP B 856 -19.51 0.58 30.83
C ASP B 856 -18.07 0.58 30.31
N PHE B 857 -17.14 0.02 31.09
CA PHE B 857 -15.76 -0.08 30.63
C PHE B 857 -15.67 -0.90 29.35
N TRP B 858 -16.33 -2.05 29.32
CA TRP B 858 -16.27 -2.91 28.15
C TRP B 858 -16.98 -2.26 26.95
N ALA B 859 -18.10 -1.59 27.20
CA ALA B 859 -18.79 -0.90 26.11
C ALA B 859 -17.92 0.21 25.52
N VAL B 860 -17.26 0.99 26.38
CA VAL B 860 -16.40 2.07 25.89
C VAL B 860 -15.18 1.52 25.17
N LEU B 861 -14.62 0.42 25.67
CA LEU B 861 -13.49 -0.20 24.99
C LEU B 861 -13.90 -0.72 23.61
N ALA B 862 -15.07 -1.34 23.51
CA ALA B 862 -15.58 -1.78 22.22
C ALA B 862 -15.78 -0.61 21.27
N ALA B 863 -16.31 0.50 21.79
CA ALA B 863 -16.47 1.69 20.96
C ALA B 863 -15.13 2.22 20.47
N ARG B 864 -14.12 2.23 21.36
CA ARG B 864 -12.79 2.67 20.96
C ARG B 864 -12.22 1.80 19.86
N LEU B 865 -12.33 0.47 20.02
CA LEU B 865 -11.78 -0.43 19.02
C LEU B 865 -12.51 -0.32 17.69
N ALA B 866 -13.85 -0.19 17.73
CA ALA B 866 -14.62 -0.03 16.51
C ALA B 866 -14.24 1.27 15.80
N PHE B 867 -14.08 2.35 16.56
CA PHE B 867 -13.65 3.61 15.95
C PHE B 867 -12.27 3.48 15.34
N VAL B 868 -11.36 2.77 16.02
CA VAL B 868 -10.02 2.57 15.48
C VAL B 868 -10.09 1.85 14.14
N ILE B 869 -10.89 0.78 14.09
CA ILE B 869 -11.02 0.00 12.85
C ILE B 869 -11.58 0.86 11.74
N VAL B 870 -12.68 1.56 12.02
CA VAL B 870 -13.35 2.35 10.99
C VAL B 870 -12.45 3.48 10.50
N PHE B 871 -11.81 4.19 11.44
CA PHE B 871 -10.94 5.29 11.08
C PHE B 871 -9.77 4.82 10.23
N GLN B 872 -9.11 3.73 10.66
CA GLN B 872 -7.96 3.24 9.92
C GLN B 872 -8.36 2.81 8.51
N ASN B 873 -9.44 2.04 8.38
CA ASN B 873 -9.85 1.56 7.07
C ASN B 873 -10.26 2.72 6.16
N LEU B 874 -11.07 3.64 6.68
CA LEU B 874 -11.56 4.75 5.86
C LEU B 874 -10.41 5.67 5.45
N VAL B 875 -9.49 5.97 6.37
CA VAL B 875 -8.40 6.88 6.04
C VAL B 875 -7.43 6.21 5.06
N MET B 876 -7.19 4.91 5.22
CA MET B 876 -6.35 4.21 4.25
C MET B 876 -6.99 4.22 2.87
N PHE B 877 -8.30 3.99 2.81
CA PHE B 877 -8.99 4.02 1.51
C PHE B 877 -8.93 5.42 0.90
N MET B 878 -9.11 6.45 1.71
CA MET B 878 -9.06 7.82 1.20
C MET B 878 -7.66 8.16 0.67
N SER B 879 -6.62 7.76 1.40
CA SER B 879 -5.26 8.01 0.94
C SER B 879 -4.97 7.25 -0.35
N ASP B 880 -5.42 6.01 -0.44
CA ASP B 880 -5.24 5.24 -1.68
C ASP B 880 -5.98 5.90 -2.84
N PHE B 881 -7.19 6.40 -2.59
CA PHE B 881 -7.95 7.09 -3.63
C PHE B 881 -7.24 8.35 -4.08
N VAL B 882 -6.69 9.11 -3.15
CA VAL B 882 -5.95 10.32 -3.49
C VAL B 882 -4.72 9.98 -4.33
N ASP B 883 -4.02 8.91 -3.94
CA ASP B 883 -2.86 8.47 -4.72
C ASP B 883 -3.26 8.05 -6.13
N TRP B 884 -4.38 7.33 -6.25
CA TRP B 884 -4.78 6.77 -7.53
C TRP B 884 -5.33 7.84 -8.47
N VAL B 885 -6.05 8.82 -7.94
CA VAL B 885 -6.65 9.85 -8.79
C VAL B 885 -5.59 10.74 -9.41
N ILE B 886 -4.60 11.15 -8.62
CA ILE B 886 -3.57 12.09 -9.09
C ILE B 886 -2.49 11.35 -9.86
N PRO B 887 -2.29 11.65 -11.14
CA PRO B 887 -1.21 11.00 -11.88
C PRO B 887 0.16 11.37 -11.34
N ASP B 888 1.09 10.41 -11.44
CA ASP B 888 2.44 10.63 -10.93
C ASP B 888 3.18 11.66 -11.76
N ILE B 889 3.15 11.52 -13.08
CA ILE B 889 3.82 12.43 -14.00
C ILE B 889 2.76 13.34 -14.63
N PRO B 890 2.89 14.66 -14.53
CA PRO B 890 1.92 15.54 -15.18
C PRO B 890 1.92 15.36 -16.68
N LYS B 891 0.75 15.51 -17.29
CA LYS B 891 0.61 15.29 -18.72
C LYS B 891 1.45 16.28 -19.53
N ASP B 892 1.60 17.51 -19.02
CA ASP B 892 2.38 18.51 -19.74
C ASP B 892 3.83 18.07 -19.91
N ILE B 893 4.43 17.53 -18.84
CA ILE B 893 5.81 17.08 -18.92
C ILE B 893 5.96 15.94 -19.92
N SER B 894 5.03 14.98 -19.89
CA SER B 894 5.10 13.85 -20.81
C SER B 894 4.96 14.31 -22.27
N GLN B 895 4.00 15.20 -22.53
CA GLN B 895 3.82 15.68 -23.90
C GLN B 895 5.01 16.49 -24.38
N GLN B 896 5.59 17.30 -23.48
CA GLN B 896 6.79 18.06 -23.84
C GLN B 896 7.96 17.14 -24.13
N ILE B 897 8.11 16.07 -23.33
CA ILE B 897 9.17 15.11 -23.56
C ILE B 897 8.99 14.43 -24.91
N HIS B 898 7.75 14.04 -25.22
CA HIS B 898 7.49 13.39 -26.51
C HIS B 898 7.80 14.34 -27.68
N LYS B 899 7.38 15.59 -27.57
CA LYS B 899 7.66 16.57 -28.62
C LYS B 899 9.15 16.80 -28.78
N GLU B 900 9.87 16.90 -27.65
CA GLU B 900 11.32 17.08 -27.70
C GLU B 900 12.00 15.88 -28.35
N LYS B 901 11.53 14.67 -28.03
CA LYS B 901 12.10 13.47 -28.64
C LYS B 901 11.85 13.46 -30.14
N VAL B 902 10.65 13.85 -30.57
CA VAL B 902 10.34 13.90 -32.00
C VAL B 902 11.25 14.90 -32.71
N LEU B 903 11.40 16.09 -32.12
CA LEU B 903 12.26 17.10 -32.72
C LEU B 903 13.71 16.63 -32.77
N MET B 904 14.18 15.99 -31.71
CA MET B 904 15.56 15.51 -31.66
C MET B 904 15.81 14.42 -32.70
N VAL B 905 14.87 13.50 -32.88
CA VAL B 905 15.06 12.45 -33.87
C VAL B 905 15.00 13.04 -35.28
N GLU B 906 14.12 14.03 -35.50
CA GLU B 906 14.07 14.69 -36.79
C GLU B 906 15.39 15.39 -37.10
N LEU B 907 15.96 16.07 -36.11
CA LEU B 907 17.27 16.70 -36.31
C LEU B 907 18.37 15.67 -36.52
N PHE B 908 18.30 14.54 -35.80
CA PHE B 908 19.33 13.51 -35.92
C PHE B 908 19.35 12.90 -37.31
N MET B 909 18.17 12.60 -37.86
CA MET B 909 18.13 12.04 -39.21
C MET B 909 18.41 13.10 -40.28
N ARG B 910 18.32 14.37 -39.94
CA ARG B 910 18.62 15.44 -40.89
C ARG B 910 19.91 16.16 -40.52
#